data_6E3O
# 
_entry.id   6E3O 
# 
_audit_conform.dict_name       mmcif_pdbx.dic 
_audit_conform.dict_version    5.387 
_audit_conform.dict_location   http://mmcif.pdb.org/dictionaries/ascii/mmcif_pdbx.dic 
# 
loop_
_database_2.database_id 
_database_2.database_code 
_database_2.pdbx_database_accession 
_database_2.pdbx_DOI 
PDB   6E3O         pdb_00006e3o 10.2210/pdb6e3o/pdb 
WWPDB D_1000235656 ?            ?                   
# 
loop_
_pdbx_audit_revision_history.ordinal 
_pdbx_audit_revision_history.data_content_type 
_pdbx_audit_revision_history.major_revision 
_pdbx_audit_revision_history.minor_revision 
_pdbx_audit_revision_history.revision_date 
1 'Structure model' 1 0 2019-07-17 
2 'Structure model' 1 1 2020-01-01 
3 'Structure model' 1 2 2020-01-29 
4 'Structure model' 1 3 2024-03-13 
# 
_pdbx_audit_revision_details.ordinal             1 
_pdbx_audit_revision_details.revision_ordinal    1 
_pdbx_audit_revision_details.data_content_type   'Structure model' 
_pdbx_audit_revision_details.provider            repository 
_pdbx_audit_revision_details.type                'Initial release' 
_pdbx_audit_revision_details.description         ? 
_pdbx_audit_revision_details.details             ? 
# 
loop_
_pdbx_audit_revision_group.ordinal 
_pdbx_audit_revision_group.revision_ordinal 
_pdbx_audit_revision_group.data_content_type 
_pdbx_audit_revision_group.group 
1 2 'Structure model' 'Author supporting evidence' 
2 3 'Structure model' 'Database references'        
3 4 'Structure model' 'Data collection'            
4 4 'Structure model' 'Database references'        
5 4 'Structure model' 'Derived calculations'       
# 
loop_
_pdbx_audit_revision_category.ordinal 
_pdbx_audit_revision_category.revision_ordinal 
_pdbx_audit_revision_category.data_content_type 
_pdbx_audit_revision_category.category 
1 2 'Structure model' pdbx_audit_support 
2 3 'Structure model' citation           
3 3 'Structure model' citation_author    
4 4 'Structure model' chem_comp_atom     
5 4 'Structure model' chem_comp_bond     
6 4 'Structure model' database_2         
7 4 'Structure model' struct_conn        
# 
loop_
_pdbx_audit_revision_item.ordinal 
_pdbx_audit_revision_item.revision_ordinal 
_pdbx_audit_revision_item.data_content_type 
_pdbx_audit_revision_item.item 
1  2 'Structure model' '_pdbx_audit_support.funding_organization' 
2  3 'Structure model' '_citation.country'                        
3  3 'Structure model' '_citation.journal_abbrev'                 
4  3 'Structure model' '_citation.journal_id_ASTM'                
5  3 'Structure model' '_citation.journal_id_CSD'                 
6  3 'Structure model' '_citation.journal_id_ISSN'                
7  3 'Structure model' '_citation.journal_volume'                 
8  3 'Structure model' '_citation.page_first'                     
9  3 'Structure model' '_citation.page_last'                      
10 3 'Structure model' '_citation.pdbx_database_id_DOI'           
11 3 'Structure model' '_citation.pdbx_database_id_PubMed'        
12 3 'Structure model' '_citation.title'                          
13 3 'Structure model' '_citation.year'                           
14 4 'Structure model' '_database_2.pdbx_DOI'                     
15 4 'Structure model' '_database_2.pdbx_database_accession'      
16 4 'Structure model' '_struct_conn.pdbx_dist_value'             
17 4 'Structure model' '_struct_conn.ptnr1_label_atom_id'         
18 4 'Structure model' '_struct_conn.ptnr2_auth_seq_id'           
19 4 'Structure model' '_struct_conn.ptnr2_label_asym_id'         
# 
_pdbx_database_status.status_code                     REL 
_pdbx_database_status.status_code_sf                  REL 
_pdbx_database_status.status_code_mr                  ? 
_pdbx_database_status.entry_id                        6E3O 
_pdbx_database_status.recvd_initial_deposition_date   2018-07-14 
_pdbx_database_status.SG_entry                        N 
_pdbx_database_status.deposit_site                    RCSB 
_pdbx_database_status.process_site                    RCSB 
_pdbx_database_status.status_code_cs                  ? 
_pdbx_database_status.methods_development_category    ? 
_pdbx_database_status.pdb_format_compatible           Y 
_pdbx_database_status.status_code_nmr_data            ? 
# 
loop_
_audit_author.name 
_audit_author.pdbx_ordinal 
_audit_author.identifier_ORCID 
'Morrison, C.N.' 1 0000-0002-4180-8407 
'Dick, B.L.'     2 ?                   
'Credille, C.V.' 3 ?                   
'Cohen, S.M.'    4 0000-0002-5233-2280 
# 
_citation.abstract                  ? 
_citation.abstract_id_CAS           ? 
_citation.book_id_ISBN              ? 
_citation.book_publisher            ? 
_citation.book_publisher_city       ? 
_citation.book_title                ? 
_citation.coordinate_linkage        ? 
_citation.country                   US 
_citation.database_id_Medline       ? 
_citation.details                   ? 
_citation.id                        primary 
_citation.journal_abbrev            J.Med.Chem. 
_citation.journal_id_ASTM           JMCMAR 
_citation.journal_id_CSD            0151 
_citation.journal_id_ISSN           0022-2623 
_citation.journal_full              ? 
_citation.journal_issue             ? 
_citation.journal_volume            62 
_citation.language                  ? 
_citation.page_first                9438 
_citation.page_last                 9449 
_citation.title                     'SAR Exploration of Tight-Binding Inhibitors of Influenza Virus PA Endonuclease.' 
_citation.year                      2019 
_citation.database_id_CSD           ? 
_citation.pdbx_database_id_DOI      10.1021/acs.jmedchem.9b00747 
_citation.pdbx_database_id_PubMed   31536340 
_citation.unpublished_flag          ? 
# 
loop_
_citation_author.citation_id 
_citation_author.name 
_citation_author.ordinal 
_citation_author.identifier_ORCID 
primary 'Credille, C.V.' 1 ?                   
primary 'Morrison, C.N.' 2 0000-0002-4180-8407 
primary 'Stokes, R.W.'   3 ?                   
primary 'Dick, B.L.'     4 ?                   
primary 'Feng, Y.'       5 ?                   
primary 'Sun, J.'        6 ?                   
primary 'Chen, Y.'       7 0000-0002-3465-7380 
primary 'Cohen, S.M.'    8 0000-0002-5233-2280 
# 
loop_
_entity.id 
_entity.type 
_entity.src_method 
_entity.pdbx_description 
_entity.formula_weight 
_entity.pdbx_number_of_molecules 
_entity.pdbx_ec 
_entity.pdbx_mutation 
_entity.pdbx_fragment 
_entity.details 
1 polymer     man 'Polymerase acidic protein'                                               22468.666 1 3.1.-.- ? 
'N-terminal domain (UNP residues 1-198)' ? 
2 non-polymer syn 'MANGANESE (II) ION'                                                      54.938    2 ?       ? ? ? 
3 non-polymer syn '6-(2-ethylphenyl)-3-hydroxy-4-oxo-1,4-dihydropyridine-2-carboxylic acid' 259.257   1 ?       ? ? ? 
4 water       nat water                                                                     18.015    1 ?       ? ? ? 
# 
_entity_name_com.entity_id   1 
_entity_name_com.name        'RNA-directed RNA polymerase subunit P2' 
# 
_entity_poly.entity_id                      1 
_entity_poly.type                           'polypeptide(L)' 
_entity_poly.nstd_linkage                   no 
_entity_poly.nstd_monomer                   no 
_entity_poly.pdbx_seq_one_letter_code       
;MGSGMAMEDFVRQCFNPMIVELAEKAMKEYGEDPKIETNKFAAICTHLEVCFMYSDFGSGDPNALLKHRFEIIEGRDRIM
AWTVVNSICNTTGVEKPKFLPDLYDYKENRFIEIGVTRREVHIYYLEKANKIKSEKTHIHIFSFTGEEMATKADYTLDEE
SRARIKTRLFTIRQEMASRSLWDSFRQSERGE
;
_entity_poly.pdbx_seq_one_letter_code_can   
;MGSGMAMEDFVRQCFNPMIVELAEKAMKEYGEDPKIETNKFAAICTHLEVCFMYSDFGSGDPNALLKHRFEIIEGRDRIM
AWTVVNSICNTTGVEKPKFLPDLYDYKENRFIEIGVTRREVHIYYLEKANKIKSEKTHIHIFSFTGEEMATKADYTLDEE
SRARIKTRLFTIRQEMASRSLWDSFRQSERGE
;
_entity_poly.pdbx_strand_id                 A 
_entity_poly.pdbx_target_identifier         ? 
# 
loop_
_pdbx_entity_nonpoly.entity_id 
_pdbx_entity_nonpoly.name 
_pdbx_entity_nonpoly.comp_id 
2 'MANGANESE (II) ION'                                                      MN  
3 '6-(2-ethylphenyl)-3-hydroxy-4-oxo-1,4-dihydropyridine-2-carboxylic acid' HNY 
4 water                                                                     HOH 
# 
loop_
_entity_poly_seq.entity_id 
_entity_poly_seq.num 
_entity_poly_seq.mon_id 
_entity_poly_seq.hetero 
1 1   MET n 
1 2   GLY n 
1 3   SER n 
1 4   GLY n 
1 5   MET n 
1 6   ALA n 
1 7   MET n 
1 8   GLU n 
1 9   ASP n 
1 10  PHE n 
1 11  VAL n 
1 12  ARG n 
1 13  GLN n 
1 14  CYS n 
1 15  PHE n 
1 16  ASN n 
1 17  PRO n 
1 18  MET n 
1 19  ILE n 
1 20  VAL n 
1 21  GLU n 
1 22  LEU n 
1 23  ALA n 
1 24  GLU n 
1 25  LYS n 
1 26  ALA n 
1 27  MET n 
1 28  LYS n 
1 29  GLU n 
1 30  TYR n 
1 31  GLY n 
1 32  GLU n 
1 33  ASP n 
1 34  PRO n 
1 35  LYS n 
1 36  ILE n 
1 37  GLU n 
1 38  THR n 
1 39  ASN n 
1 40  LYS n 
1 41  PHE n 
1 42  ALA n 
1 43  ALA n 
1 44  ILE n 
1 45  CYS n 
1 46  THR n 
1 47  HIS n 
1 48  LEU n 
1 49  GLU n 
1 50  VAL n 
1 51  CYS n 
1 52  PHE n 
1 53  MET n 
1 54  TYR n 
1 55  SER n 
1 56  ASP n 
1 57  PHE n 
1 58  GLY n 
1 59  SER n 
1 60  GLY n 
1 61  ASP n 
1 62  PRO n 
1 63  ASN n 
1 64  ALA n 
1 65  LEU n 
1 66  LEU n 
1 67  LYS n 
1 68  HIS n 
1 69  ARG n 
1 70  PHE n 
1 71  GLU n 
1 72  ILE n 
1 73  ILE n 
1 74  GLU n 
1 75  GLY n 
1 76  ARG n 
1 77  ASP n 
1 78  ARG n 
1 79  ILE n 
1 80  MET n 
1 81  ALA n 
1 82  TRP n 
1 83  THR n 
1 84  VAL n 
1 85  VAL n 
1 86  ASN n 
1 87  SER n 
1 88  ILE n 
1 89  CYS n 
1 90  ASN n 
1 91  THR n 
1 92  THR n 
1 93  GLY n 
1 94  VAL n 
1 95  GLU n 
1 96  LYS n 
1 97  PRO n 
1 98  LYS n 
1 99  PHE n 
1 100 LEU n 
1 101 PRO n 
1 102 ASP n 
1 103 LEU n 
1 104 TYR n 
1 105 ASP n 
1 106 TYR n 
1 107 LYS n 
1 108 GLU n 
1 109 ASN n 
1 110 ARG n 
1 111 PHE n 
1 112 ILE n 
1 113 GLU n 
1 114 ILE n 
1 115 GLY n 
1 116 VAL n 
1 117 THR n 
1 118 ARG n 
1 119 ARG n 
1 120 GLU n 
1 121 VAL n 
1 122 HIS n 
1 123 ILE n 
1 124 TYR n 
1 125 TYR n 
1 126 LEU n 
1 127 GLU n 
1 128 LYS n 
1 129 ALA n 
1 130 ASN n 
1 131 LYS n 
1 132 ILE n 
1 133 LYS n 
1 134 SER n 
1 135 GLU n 
1 136 LYS n 
1 137 THR n 
1 138 HIS n 
1 139 ILE n 
1 140 HIS n 
1 141 ILE n 
1 142 PHE n 
1 143 SER n 
1 144 PHE n 
1 145 THR n 
1 146 GLY n 
1 147 GLU n 
1 148 GLU n 
1 149 MET n 
1 150 ALA n 
1 151 THR n 
1 152 LYS n 
1 153 ALA n 
1 154 ASP n 
1 155 TYR n 
1 156 THR n 
1 157 LEU n 
1 158 ASP n 
1 159 GLU n 
1 160 GLU n 
1 161 SER n 
1 162 ARG n 
1 163 ALA n 
1 164 ARG n 
1 165 ILE n 
1 166 LYS n 
1 167 THR n 
1 168 ARG n 
1 169 LEU n 
1 170 PHE n 
1 171 THR n 
1 172 ILE n 
1 173 ARG n 
1 174 GLN n 
1 175 GLU n 
1 176 MET n 
1 177 ALA n 
1 178 SER n 
1 179 ARG n 
1 180 SER n 
1 181 LEU n 
1 182 TRP n 
1 183 ASP n 
1 184 SER n 
1 185 PHE n 
1 186 ARG n 
1 187 GLN n 
1 188 SER n 
1 189 GLU n 
1 190 ARG n 
1 191 GLY n 
1 192 GLU n 
# 
_entity_src_gen.entity_id                          1 
_entity_src_gen.pdbx_src_id                        1 
_entity_src_gen.pdbx_alt_source_flag               sample 
_entity_src_gen.pdbx_seq_type                      'Biological sequence' 
_entity_src_gen.pdbx_beg_seq_num                   1 
_entity_src_gen.pdbx_end_seq_num                   192 
_entity_src_gen.gene_src_common_name               ? 
_entity_src_gen.gene_src_genus                     ? 
_entity_src_gen.pdbx_gene_src_gene                 PA 
_entity_src_gen.gene_src_species                   ? 
_entity_src_gen.gene_src_strain                    'swl A/California/04/2009 H1N1' 
_entity_src_gen.gene_src_tissue                    ? 
_entity_src_gen.gene_src_tissue_fraction           ? 
_entity_src_gen.gene_src_details                   ? 
_entity_src_gen.pdbx_gene_src_fragment             ? 
_entity_src_gen.pdbx_gene_src_scientific_name      'Influenza A virus' 
_entity_src_gen.pdbx_gene_src_ncbi_taxonomy_id     641501 
_entity_src_gen.pdbx_gene_src_variant              ? 
_entity_src_gen.pdbx_gene_src_cell_line            ? 
_entity_src_gen.pdbx_gene_src_atcc                 ? 
_entity_src_gen.pdbx_gene_src_organ                ? 
_entity_src_gen.pdbx_gene_src_organelle            ? 
_entity_src_gen.pdbx_gene_src_cell                 ? 
_entity_src_gen.pdbx_gene_src_cellular_location    ? 
_entity_src_gen.host_org_common_name               ? 
_entity_src_gen.pdbx_host_org_scientific_name      'Escherichia coli BL21' 
_entity_src_gen.pdbx_host_org_ncbi_taxonomy_id     511693 
_entity_src_gen.host_org_genus                     ? 
_entity_src_gen.pdbx_host_org_gene                 ? 
_entity_src_gen.pdbx_host_org_organ                ? 
_entity_src_gen.host_org_species                   ? 
_entity_src_gen.pdbx_host_org_tissue               ? 
_entity_src_gen.pdbx_host_org_tissue_fraction      ? 
_entity_src_gen.pdbx_host_org_strain               ? 
_entity_src_gen.pdbx_host_org_variant              ? 
_entity_src_gen.pdbx_host_org_cell_line            ? 
_entity_src_gen.pdbx_host_org_atcc                 ? 
_entity_src_gen.pdbx_host_org_culture_collection   ? 
_entity_src_gen.pdbx_host_org_cell                 ? 
_entity_src_gen.pdbx_host_org_organelle            ? 
_entity_src_gen.pdbx_host_org_cellular_location    ? 
_entity_src_gen.pdbx_host_org_vector_type          ? 
_entity_src_gen.pdbx_host_org_vector               ? 
_entity_src_gen.host_org_details                   ? 
_entity_src_gen.expression_system_id               ? 
_entity_src_gen.plasmid_name                       ? 
_entity_src_gen.plasmid_details                    ? 
_entity_src_gen.pdbx_description                   ? 
# 
loop_
_chem_comp.id 
_chem_comp.type 
_chem_comp.mon_nstd_flag 
_chem_comp.name 
_chem_comp.pdbx_synonyms 
_chem_comp.formula 
_chem_comp.formula_weight 
ALA 'L-peptide linking' y ALANINE                                                                   ? 'C3 H7 N O2'     89.093  
ARG 'L-peptide linking' y ARGININE                                                                  ? 'C6 H15 N4 O2 1' 175.209 
ASN 'L-peptide linking' y ASPARAGINE                                                                ? 'C4 H8 N2 O3'    132.118 
ASP 'L-peptide linking' y 'ASPARTIC ACID'                                                           ? 'C4 H7 N O4'     133.103 
CYS 'L-peptide linking' y CYSTEINE                                                                  ? 'C3 H7 N O2 S'   121.158 
GLN 'L-peptide linking' y GLUTAMINE                                                                 ? 'C5 H10 N2 O3'   146.144 
GLU 'L-peptide linking' y 'GLUTAMIC ACID'                                                           ? 'C5 H9 N O4'     147.129 
GLY 'peptide linking'   y GLYCINE                                                                   ? 'C2 H5 N O2'     75.067  
HIS 'L-peptide linking' y HISTIDINE                                                                 ? 'C6 H10 N3 O2 1' 156.162 
HNY non-polymer         . '6-(2-ethylphenyl)-3-hydroxy-4-oxo-1,4-dihydropyridine-2-carboxylic acid' ? 'C14 H13 N O4'   259.257 
HOH non-polymer         . WATER                                                                     ? 'H2 O'           18.015  
ILE 'L-peptide linking' y ISOLEUCINE                                                                ? 'C6 H13 N O2'    131.173 
LEU 'L-peptide linking' y LEUCINE                                                                   ? 'C6 H13 N O2'    131.173 
LYS 'L-peptide linking' y LYSINE                                                                    ? 'C6 H15 N2 O2 1' 147.195 
MET 'L-peptide linking' y METHIONINE                                                                ? 'C5 H11 N O2 S'  149.211 
MN  non-polymer         . 'MANGANESE (II) ION'                                                      ? 'Mn 2'           54.938  
PHE 'L-peptide linking' y PHENYLALANINE                                                             ? 'C9 H11 N O2'    165.189 
PRO 'L-peptide linking' y PROLINE                                                                   ? 'C5 H9 N O2'     115.130 
SER 'L-peptide linking' y SERINE                                                                    ? 'C3 H7 N O3'     105.093 
THR 'L-peptide linking' y THREONINE                                                                 ? 'C4 H9 N O3'     119.119 
TRP 'L-peptide linking' y TRYPTOPHAN                                                                ? 'C11 H12 N2 O2'  204.225 
TYR 'L-peptide linking' y TYROSINE                                                                  ? 'C9 H11 N O3'    181.189 
VAL 'L-peptide linking' y VALINE                                                                    ? 'C5 H11 N O2'    117.146 
# 
loop_
_pdbx_poly_seq_scheme.asym_id 
_pdbx_poly_seq_scheme.entity_id 
_pdbx_poly_seq_scheme.seq_id 
_pdbx_poly_seq_scheme.mon_id 
_pdbx_poly_seq_scheme.ndb_seq_num 
_pdbx_poly_seq_scheme.pdb_seq_num 
_pdbx_poly_seq_scheme.auth_seq_num 
_pdbx_poly_seq_scheme.pdb_mon_id 
_pdbx_poly_seq_scheme.auth_mon_id 
_pdbx_poly_seq_scheme.pdb_strand_id 
_pdbx_poly_seq_scheme.pdb_ins_code 
_pdbx_poly_seq_scheme.hetero 
A 1 1   MET 1   -5  ?   ?   ?   A . n 
A 1 2   GLY 2   -4  ?   ?   ?   A . n 
A 1 3   SER 3   -3  ?   ?   ?   A . n 
A 1 4   GLY 4   -2  ?   ?   ?   A . n 
A 1 5   MET 5   -1  ?   ?   ?   A . n 
A 1 6   ALA 6   0   0   ALA ALA A . n 
A 1 7   MET 7   1   1   MET MET A . n 
A 1 8   GLU 8   2   2   GLU GLU A . n 
A 1 9   ASP 9   3   3   ASP ASP A . n 
A 1 10  PHE 10  4   4   PHE PHE A . n 
A 1 11  VAL 11  5   5   VAL VAL A . n 
A 1 12  ARG 12  6   6   ARG ARG A . n 
A 1 13  GLN 13  7   7   GLN GLN A . n 
A 1 14  CYS 14  8   8   CYS CYS A . n 
A 1 15  PHE 15  9   9   PHE PHE A . n 
A 1 16  ASN 16  10  10  ASN ASN A . n 
A 1 17  PRO 17  11  11  PRO PRO A . n 
A 1 18  MET 18  12  12  MET MET A . n 
A 1 19  ILE 19  13  13  ILE ILE A . n 
A 1 20  VAL 20  14  14  VAL VAL A . n 
A 1 21  GLU 21  15  15  GLU GLU A . n 
A 1 22  LEU 22  16  16  LEU LEU A . n 
A 1 23  ALA 23  17  17  ALA ALA A . n 
A 1 24  GLU 24  18  18  GLU GLU A . n 
A 1 25  LYS 25  19  19  LYS LYS A . n 
A 1 26  ALA 26  20  20  ALA ALA A . n 
A 1 27  MET 27  21  21  MET MET A . n 
A 1 28  LYS 28  22  22  LYS LYS A . n 
A 1 29  GLU 29  23  23  GLU GLU A . n 
A 1 30  TYR 30  24  24  TYR TYR A . n 
A 1 31  GLY 31  25  25  GLY GLY A . n 
A 1 32  GLU 32  26  26  GLU GLU A . n 
A 1 33  ASP 33  27  27  ASP ASP A . n 
A 1 34  PRO 34  28  28  PRO PRO A . n 
A 1 35  LYS 35  29  29  LYS LYS A . n 
A 1 36  ILE 36  30  30  ILE ILE A . n 
A 1 37  GLU 37  31  31  GLU GLU A . n 
A 1 38  THR 38  32  32  THR THR A . n 
A 1 39  ASN 39  33  33  ASN ASN A . n 
A 1 40  LYS 40  34  34  LYS LYS A . n 
A 1 41  PHE 41  35  35  PHE PHE A . n 
A 1 42  ALA 42  36  36  ALA ALA A . n 
A 1 43  ALA 43  37  37  ALA ALA A . n 
A 1 44  ILE 44  38  38  ILE ILE A . n 
A 1 45  CYS 45  39  39  CYS CYS A . n 
A 1 46  THR 46  40  40  THR THR A . n 
A 1 47  HIS 47  41  41  HIS HIS A . n 
A 1 48  LEU 48  42  42  LEU LEU A . n 
A 1 49  GLU 49  43  43  GLU GLU A . n 
A 1 50  VAL 50  44  44  VAL VAL A . n 
A 1 51  CYS 51  45  45  CYS CYS A . n 
A 1 52  PHE 52  46  46  PHE PHE A . n 
A 1 53  MET 53  47  47  MET MET A . n 
A 1 54  TYR 54  48  48  TYR TYR A . n 
A 1 55  SER 55  49  49  SER SER A . n 
A 1 56  ASP 56  50  50  ASP ASP A . n 
A 1 57  PHE 57  51  51  PHE PHE A . n 
A 1 58  GLY 58  52  52  GLY GLY A . n 
A 1 59  SER 59  65  ?   ?   ?   A . n 
A 1 60  GLY 60  66  ?   ?   ?   A . n 
A 1 61  ASP 61  67  ?   ?   ?   A . n 
A 1 62  PRO 62  68  ?   ?   ?   A . n 
A 1 63  ASN 63  69  ?   ?   ?   A . n 
A 1 64  ALA 64  70  ?   ?   ?   A . n 
A 1 65  LEU 65  71  ?   ?   ?   A . n 
A 1 66  LEU 66  72  72  LEU LEU A . n 
A 1 67  LYS 67  73  73  LYS LYS A . n 
A 1 68  HIS 68  74  74  HIS HIS A . n 
A 1 69  ARG 69  75  75  ARG ARG A . n 
A 1 70  PHE 70  76  76  PHE PHE A . n 
A 1 71  GLU 71  77  77  GLU GLU A . n 
A 1 72  ILE 72  78  78  ILE ILE A . n 
A 1 73  ILE 73  79  79  ILE ILE A . n 
A 1 74  GLU 74  80  80  GLU GLU A . n 
A 1 75  GLY 75  81  81  GLY GLY A . n 
A 1 76  ARG 76  82  82  ARG ARG A . n 
A 1 77  ASP 77  83  83  ASP ASP A . n 
A 1 78  ARG 78  84  84  ARG ARG A . n 
A 1 79  ILE 79  85  85  ILE ILE A . n 
A 1 80  MET 80  86  86  MET MET A . n 
A 1 81  ALA 81  87  87  ALA ALA A . n 
A 1 82  TRP 82  88  88  TRP TRP A . n 
A 1 83  THR 83  89  89  THR THR A . n 
A 1 84  VAL 84  90  90  VAL VAL A . n 
A 1 85  VAL 85  91  91  VAL VAL A . n 
A 1 86  ASN 86  92  92  ASN ASN A . n 
A 1 87  SER 87  93  93  SER SER A . n 
A 1 88  ILE 88  94  94  ILE ILE A . n 
A 1 89  CYS 89  95  95  CYS CYS A . n 
A 1 90  ASN 90  96  96  ASN ASN A . n 
A 1 91  THR 91  97  97  THR THR A . n 
A 1 92  THR 92  98  98  THR THR A . n 
A 1 93  GLY 93  99  99  GLY GLY A . n 
A 1 94  VAL 94  100 100 VAL VAL A . n 
A 1 95  GLU 95  101 101 GLU GLU A . n 
A 1 96  LYS 96  102 102 LYS LYS A . n 
A 1 97  PRO 97  103 103 PRO PRO A . n 
A 1 98  LYS 98  104 104 LYS LYS A . n 
A 1 99  PHE 99  105 105 PHE PHE A . n 
A 1 100 LEU 100 106 106 LEU LEU A . n 
A 1 101 PRO 101 107 107 PRO PRO A . n 
A 1 102 ASP 102 108 108 ASP ASP A . n 
A 1 103 LEU 103 109 109 LEU LEU A . n 
A 1 104 TYR 104 110 110 TYR TYR A . n 
A 1 105 ASP 105 111 111 ASP ASP A . n 
A 1 106 TYR 106 112 112 TYR TYR A . n 
A 1 107 LYS 107 113 113 LYS LYS A . n 
A 1 108 GLU 108 114 114 GLU GLU A . n 
A 1 109 ASN 109 115 115 ASN ASN A . n 
A 1 110 ARG 110 116 116 ARG ARG A . n 
A 1 111 PHE 111 117 117 PHE PHE A . n 
A 1 112 ILE 112 118 118 ILE ILE A . n 
A 1 113 GLU 113 119 119 GLU GLU A . n 
A 1 114 ILE 114 120 120 ILE ILE A . n 
A 1 115 GLY 115 121 121 GLY GLY A . n 
A 1 116 VAL 116 122 122 VAL VAL A . n 
A 1 117 THR 117 123 123 THR THR A . n 
A 1 118 ARG 118 124 124 ARG ARG A . n 
A 1 119 ARG 119 125 125 ARG ARG A . n 
A 1 120 GLU 120 126 126 GLU GLU A . n 
A 1 121 VAL 121 127 127 VAL VAL A . n 
A 1 122 HIS 122 128 128 HIS HIS A . n 
A 1 123 ILE 123 129 129 ILE ILE A . n 
A 1 124 TYR 124 130 130 TYR TYR A . n 
A 1 125 TYR 125 131 131 TYR TYR A . n 
A 1 126 LEU 126 132 132 LEU LEU A . n 
A 1 127 GLU 127 133 133 GLU GLU A . n 
A 1 128 LYS 128 134 134 LYS LYS A . n 
A 1 129 ALA 129 135 135 ALA ALA A . n 
A 1 130 ASN 130 136 136 ASN ASN A . n 
A 1 131 LYS 131 137 137 LYS LYS A . n 
A 1 132 ILE 132 138 138 ILE ILE A . n 
A 1 133 LYS 133 139 ?   ?   ?   A . n 
A 1 134 SER 134 140 ?   ?   ?   A . n 
A 1 135 GLU 135 141 141 GLU GLU A . n 
A 1 136 LYS 136 142 142 LYS LYS A . n 
A 1 137 THR 137 143 143 THR THR A . n 
A 1 138 HIS 138 144 144 HIS HIS A . n 
A 1 139 ILE 139 145 145 ILE ILE A . n 
A 1 140 HIS 140 146 146 HIS HIS A . n 
A 1 141 ILE 141 147 147 ILE ILE A . n 
A 1 142 PHE 142 148 148 PHE PHE A . n 
A 1 143 SER 143 149 149 SER SER A . n 
A 1 144 PHE 144 150 150 PHE PHE A . n 
A 1 145 THR 145 151 151 THR THR A . n 
A 1 146 GLY 146 152 152 GLY GLY A . n 
A 1 147 GLU 147 153 153 GLU GLU A . n 
A 1 148 GLU 148 154 154 GLU GLU A . n 
A 1 149 MET 149 155 155 MET MET A . n 
A 1 150 ALA 150 156 156 ALA ALA A . n 
A 1 151 THR 151 157 157 THR THR A . n 
A 1 152 LYS 152 158 158 LYS LYS A . n 
A 1 153 ALA 153 159 159 ALA ALA A . n 
A 1 154 ASP 154 160 160 ASP ASP A . n 
A 1 155 TYR 155 161 161 TYR TYR A . n 
A 1 156 THR 156 162 162 THR THR A . n 
A 1 157 LEU 157 163 163 LEU LEU A . n 
A 1 158 ASP 158 164 164 ASP ASP A . n 
A 1 159 GLU 159 165 165 GLU GLU A . n 
A 1 160 GLU 160 166 166 GLU GLU A . n 
A 1 161 SER 161 167 167 SER SER A . n 
A 1 162 ARG 162 168 168 ARG ARG A . n 
A 1 163 ALA 163 169 169 ALA ALA A . n 
A 1 164 ARG 164 170 170 ARG ARG A . n 
A 1 165 ILE 165 171 171 ILE ILE A . n 
A 1 166 LYS 166 172 172 LYS LYS A . n 
A 1 167 THR 167 173 173 THR THR A . n 
A 1 168 ARG 168 174 174 ARG ARG A . n 
A 1 169 LEU 169 175 175 LEU LEU A . n 
A 1 170 PHE 170 176 176 PHE PHE A . n 
A 1 171 THR 171 177 177 THR THR A . n 
A 1 172 ILE 172 178 178 ILE ILE A . n 
A 1 173 ARG 173 179 179 ARG ARG A . n 
A 1 174 GLN 174 180 180 GLN GLN A . n 
A 1 175 GLU 175 181 181 GLU GLU A . n 
A 1 176 MET 176 182 182 MET MET A . n 
A 1 177 ALA 177 183 183 ALA ALA A . n 
A 1 178 SER 178 184 184 SER SER A . n 
A 1 179 ARG 179 185 185 ARG ARG A . n 
A 1 180 SER 180 186 186 SER SER A . n 
A 1 181 LEU 181 187 187 LEU LEU A . n 
A 1 182 TRP 182 188 188 TRP TRP A . n 
A 1 183 ASP 183 189 189 ASP ASP A . n 
A 1 184 SER 184 190 190 SER SER A . n 
A 1 185 PHE 185 191 191 PHE PHE A . n 
A 1 186 ARG 186 192 192 ARG ARG A . n 
A 1 187 GLN 187 193 193 GLN GLN A . n 
A 1 188 SER 188 194 194 SER SER A . n 
A 1 189 GLU 189 195 195 GLU GLU A . n 
A 1 190 ARG 190 196 ?   ?   ?   A . n 
A 1 191 GLY 191 197 ?   ?   ?   A . n 
A 1 192 GLU 192 198 ?   ?   ?   A . n 
# 
loop_
_pdbx_nonpoly_scheme.asym_id 
_pdbx_nonpoly_scheme.entity_id 
_pdbx_nonpoly_scheme.mon_id 
_pdbx_nonpoly_scheme.ndb_seq_num 
_pdbx_nonpoly_scheme.pdb_seq_num 
_pdbx_nonpoly_scheme.auth_seq_num 
_pdbx_nonpoly_scheme.pdb_mon_id 
_pdbx_nonpoly_scheme.auth_mon_id 
_pdbx_nonpoly_scheme.pdb_strand_id 
_pdbx_nonpoly_scheme.pdb_ins_code 
B 2 MN  1 901  901 MN  MN  A . 
C 2 MN  1 902  902 MN  MN  A . 
D 3 HNY 1 903  1   HNY DRG A . 
E 4 HOH 1 1001 1   HOH HOH A . 
# 
loop_
_software.citation_id 
_software.classification 
_software.compiler_name 
_software.compiler_version 
_software.contact_author 
_software.contact_author_email 
_software.date 
_software.description 
_software.dependencies 
_software.hardware 
_software.language 
_software.location 
_software.mods 
_software.name 
_software.os 
_software.os_version 
_software.type 
_software.version 
_software.pdbx_ordinal 
? refinement       ? ? ? ? ? ? ? ? ? ? ? REFMAC ? ? ? 5.8.0230 1 
? 'data reduction' ? ? ? ? ? ? ? ? ? ? ? APEX   ? ? ? .        2 
? 'data scaling'   ? ? ? ? ? ? ? ? ? ? ? APEX   ? ? ? .        3 
? phasing          ? ? ? ? ? ? ? ? ? ? ? PHASER ? ? ? .        4 
# 
_cell.angle_alpha                  90.00 
_cell.angle_alpha_esd              ? 
_cell.angle_beta                   90.00 
_cell.angle_beta_esd               ? 
_cell.angle_gamma                  120.00 
_cell.angle_gamma_esd              ? 
_cell.entry_id                     6E3O 
_cell.details                      ? 
_cell.formula_units_Z              ? 
_cell.length_a                     74.557 
_cell.length_a_esd                 ? 
_cell.length_b                     74.557 
_cell.length_b_esd                 ? 
_cell.length_c                     119.196 
_cell.length_c_esd                 ? 
_cell.volume                       ? 
_cell.volume_esd                   ? 
_cell.Z_PDB                        12 
_cell.reciprocal_angle_alpha       ? 
_cell.reciprocal_angle_beta        ? 
_cell.reciprocal_angle_gamma       ? 
_cell.reciprocal_angle_alpha_esd   ? 
_cell.reciprocal_angle_beta_esd    ? 
_cell.reciprocal_angle_gamma_esd   ? 
_cell.reciprocal_length_a          ? 
_cell.reciprocal_length_b          ? 
_cell.reciprocal_length_c          ? 
_cell.reciprocal_length_a_esd      ? 
_cell.reciprocal_length_b_esd      ? 
_cell.reciprocal_length_c_esd      ? 
_cell.pdbx_unique_axis             ? 
# 
_symmetry.entry_id                         6E3O 
_symmetry.cell_setting                     ? 
_symmetry.Int_Tables_number                180 
_symmetry.space_group_name_Hall            ? 
_symmetry.space_group_name_H-M             'P 62 2 2' 
_symmetry.pdbx_full_space_group_name_H-M   ? 
# 
_exptl.absorpt_coefficient_mu     ? 
_exptl.absorpt_correction_T_max   ? 
_exptl.absorpt_correction_T_min   ? 
_exptl.absorpt_correction_type    ? 
_exptl.absorpt_process_details    ? 
_exptl.entry_id                   6E3O 
_exptl.crystals_number            1 
_exptl.details                    ? 
_exptl.method                     'X-RAY DIFFRACTION' 
_exptl.method_details             ? 
# 
_exptl_crystal.colour                      ? 
_exptl_crystal.density_diffrn              ? 
_exptl_crystal.density_Matthews            2.13 
_exptl_crystal.density_method              ? 
_exptl_crystal.density_percent_sol         42.20 
_exptl_crystal.description                 ? 
_exptl_crystal.F_000                       ? 
_exptl_crystal.id                          1 
_exptl_crystal.preparation                 ? 
_exptl_crystal.size_max                    ? 
_exptl_crystal.size_mid                    ? 
_exptl_crystal.size_min                    ? 
_exptl_crystal.size_rad                    ? 
_exptl_crystal.colour_lustre               ? 
_exptl_crystal.colour_modifier             ? 
_exptl_crystal.colour_primary              ? 
_exptl_crystal.density_meas                ? 
_exptl_crystal.density_meas_esd            ? 
_exptl_crystal.density_meas_gt             ? 
_exptl_crystal.density_meas_lt             ? 
_exptl_crystal.density_meas_temp           ? 
_exptl_crystal.density_meas_temp_esd       ? 
_exptl_crystal.density_meas_temp_gt        ? 
_exptl_crystal.density_meas_temp_lt        ? 
_exptl_crystal.pdbx_crystal_image_url      ? 
_exptl_crystal.pdbx_crystal_image_format   ? 
_exptl_crystal.pdbx_mosaicity              ? 
_exptl_crystal.pdbx_mosaicity_esd          ? 
# 
_exptl_crystal_grow.apparatus       ? 
_exptl_crystal_grow.atmosphere      ? 
_exptl_crystal_grow.crystal_id      1 
_exptl_crystal_grow.details         ? 
_exptl_crystal_grow.method          'VAPOR DIFFUSION, HANGING DROP' 
_exptl_crystal_grow.method_ref      ? 
_exptl_crystal_grow.pH              7.8 
_exptl_crystal_grow.pressure        ? 
_exptl_crystal_grow.pressure_esd    ? 
_exptl_crystal_grow.seeding         ? 
_exptl_crystal_grow.seeding_ref     ? 
_exptl_crystal_grow.temp            306 
_exptl_crystal_grow.temp_details    ? 
_exptl_crystal_grow.temp_esd        ? 
_exptl_crystal_grow.time            ? 
_exptl_crystal_grow.pdbx_details    '30% PEG4000, 100 mM Tris, pH 8.35, 200-220 mM sodium acetate' 
_exptl_crystal_grow.pdbx_pH_range   ? 
# 
_diffrn.ambient_environment    ? 
_diffrn.ambient_temp           100 
_diffrn.ambient_temp_details   ? 
_diffrn.ambient_temp_esd       ? 
_diffrn.crystal_id             1 
_diffrn.crystal_support        ? 
_diffrn.crystal_treatment      ? 
_diffrn.details                ? 
_diffrn.id                     1 
_diffrn.ambient_pressure       ? 
_diffrn.ambient_pressure_esd   ? 
_diffrn.ambient_pressure_gt    ? 
_diffrn.ambient_pressure_lt    ? 
_diffrn.ambient_temp_gt        ? 
_diffrn.ambient_temp_lt        ? 
# 
_diffrn_detector.details                      ? 
_diffrn_detector.detector                     CCD 
_diffrn_detector.diffrn_id                    1 
_diffrn_detector.type                         'APEX II CCD' 
_diffrn_detector.area_resol_mean              ? 
_diffrn_detector.dtime                        ? 
_diffrn_detector.pdbx_frames_total            ? 
_diffrn_detector.pdbx_collection_time_total   ? 
_diffrn_detector.pdbx_collection_date         2017-09-19 
# 
_diffrn_radiation.collimation                      ? 
_diffrn_radiation.diffrn_id                        1 
_diffrn_radiation.filter_edge                      ? 
_diffrn_radiation.inhomogeneity                    ? 
_diffrn_radiation.monochromator                    ? 
_diffrn_radiation.polarisn_norm                    ? 
_diffrn_radiation.polarisn_ratio                   ? 
_diffrn_radiation.probe                            ? 
_diffrn_radiation.type                             ? 
_diffrn_radiation.xray_symbol                      ? 
_diffrn_radiation.wavelength_id                    1 
_diffrn_radiation.pdbx_monochromatic_or_laue_m_l   M 
_diffrn_radiation.pdbx_wavelength_list             ? 
_diffrn_radiation.pdbx_wavelength                  ? 
_diffrn_radiation.pdbx_diffrn_protocol             'SINGLE WAVELENGTH' 
_diffrn_radiation.pdbx_analyzer                    ? 
_diffrn_radiation.pdbx_scattering_type             x-ray 
# 
_diffrn_radiation_wavelength.id           1 
_diffrn_radiation_wavelength.wavelength   1.54 
_diffrn_radiation_wavelength.wt           1.0 
# 
_diffrn_source.current                     ? 
_diffrn_source.details                     ? 
_diffrn_source.diffrn_id                   1 
_diffrn_source.power                       ? 
_diffrn_source.size                        ? 
_diffrn_source.source                      'ROTATING ANODE' 
_diffrn_source.target                      ? 
_diffrn_source.type                        'BRUKER AXS MICROSTAR' 
_diffrn_source.voltage                     ? 
_diffrn_source.take-off_angle              ? 
_diffrn_source.pdbx_wavelength_list        1.54 
_diffrn_source.pdbx_wavelength             ? 
_diffrn_source.pdbx_synchrotron_beamline   ? 
_diffrn_source.pdbx_synchrotron_site       ? 
# 
_reflns.B_iso_Wilson_estimate            ? 
_reflns.entry_id                         6E3O 
_reflns.data_reduction_details           ? 
_reflns.data_reduction_method            ? 
_reflns.d_resolution_high                3.19 
_reflns.d_resolution_low                 39.76 
_reflns.details                          ? 
_reflns.limit_h_max                      ? 
_reflns.limit_h_min                      ? 
_reflns.limit_k_max                      ? 
_reflns.limit_k_min                      ? 
_reflns.limit_l_max                      ? 
_reflns.limit_l_min                      ? 
_reflns.number_all                       ? 
_reflns.number_obs                       3614 
_reflns.observed_criterion               ? 
_reflns.observed_criterion_F_max         ? 
_reflns.observed_criterion_F_min         ? 
_reflns.observed_criterion_I_max         ? 
_reflns.observed_criterion_I_min         ? 
_reflns.observed_criterion_sigma_F       ? 
_reflns.observed_criterion_sigma_I       ? 
_reflns.percent_possible_obs             99.7 
_reflns.R_free_details                   ? 
_reflns.Rmerge_F_all                     ? 
_reflns.Rmerge_F_obs                     ? 
_reflns.Friedel_coverage                 ? 
_reflns.number_gt                        ? 
_reflns.threshold_expression             ? 
_reflns.pdbx_redundancy                  13.53 
_reflns.pdbx_Rmerge_I_obs                0.2191 
_reflns.pdbx_Rmerge_I_all                ? 
_reflns.pdbx_Rsym_value                  ? 
_reflns.pdbx_netI_over_av_sigmaI         ? 
_reflns.pdbx_netI_over_sigmaI            10.45 
_reflns.pdbx_res_netI_over_av_sigmaI_2   ? 
_reflns.pdbx_res_netI_over_sigmaI_2      ? 
_reflns.pdbx_chi_squared                 ? 
_reflns.pdbx_scaling_rejects             ? 
_reflns.pdbx_d_res_high_opt              ? 
_reflns.pdbx_d_res_low_opt               ? 
_reflns.pdbx_d_res_opt_method            ? 
_reflns.phase_calculation_details        ? 
_reflns.pdbx_Rrim_I_all                  ? 
_reflns.pdbx_Rpim_I_all                  ? 
_reflns.pdbx_d_opt                       ? 
_reflns.pdbx_number_measured_all         ? 
_reflns.pdbx_diffrn_id                   1 
_reflns.pdbx_ordinal                     1 
_reflns.pdbx_CC_half                     ? 
_reflns.pdbx_R_split                     ? 
# 
_reflns_shell.d_res_high                  3.19 
_reflns_shell.d_res_low                   3.29 
_reflns_shell.meanI_over_sigI_all         ? 
_reflns_shell.meanI_over_sigI_obs         2.71 
_reflns_shell.number_measured_all         ? 
_reflns_shell.number_measured_obs         ? 
_reflns_shell.number_possible             ? 
_reflns_shell.number_unique_all           ? 
_reflns_shell.number_unique_obs           287 
_reflns_shell.percent_possible_all        98.3 
_reflns_shell.percent_possible_obs        ? 
_reflns_shell.Rmerge_F_all                ? 
_reflns_shell.Rmerge_F_obs                ? 
_reflns_shell.Rmerge_I_all                ? 
_reflns_shell.Rmerge_I_obs                0.4184 
_reflns_shell.meanI_over_sigI_gt          ? 
_reflns_shell.meanI_over_uI_all           ? 
_reflns_shell.meanI_over_uI_gt            ? 
_reflns_shell.number_measured_gt          ? 
_reflns_shell.number_unique_gt            ? 
_reflns_shell.percent_possible_gt         ? 
_reflns_shell.Rmerge_F_gt                 ? 
_reflns_shell.Rmerge_I_gt                 ? 
_reflns_shell.pdbx_redundancy             9.65 
_reflns_shell.pdbx_Rsym_value             ? 
_reflns_shell.pdbx_chi_squared            ? 
_reflns_shell.pdbx_netI_over_sigmaI_all   ? 
_reflns_shell.pdbx_netI_over_sigmaI_obs   ? 
_reflns_shell.pdbx_Rrim_I_all             ? 
_reflns_shell.pdbx_Rpim_I_all             ? 
_reflns_shell.pdbx_rejects                ? 
_reflns_shell.pdbx_ordinal                1 
_reflns_shell.pdbx_diffrn_id              1 
_reflns_shell.pdbx_CC_half                ? 
_reflns_shell.pdbx_R_split                ? 
# 
_refine.aniso_B[1][1]                            -0.11 
_refine.aniso_B[1][2]                            -0.06 
_refine.aniso_B[1][3]                            -0.00 
_refine.aniso_B[2][2]                            -0.11 
_refine.aniso_B[2][3]                            0.00 
_refine.aniso_B[3][3]                            0.36 
_refine.B_iso_max                                ? 
_refine.B_iso_mean                               40.003 
_refine.B_iso_min                                ? 
_refine.correlation_coeff_Fo_to_Fc               0.932 
_refine.correlation_coeff_Fo_to_Fc_free          0.798 
_refine.details                                  'HYDROGENS HAVE BEEN ADDED IN THE RIDING POSITIONS' 
_refine.diff_density_max                         ? 
_refine.diff_density_max_esd                     ? 
_refine.diff_density_min                         ? 
_refine.diff_density_min_esd                     ? 
_refine.diff_density_rms                         ? 
_refine.diff_density_rms_esd                     ? 
_refine.entry_id                                 6E3O 
_refine.pdbx_refine_id                           'X-RAY DIFFRACTION' 
_refine.ls_abs_structure_details                 ? 
_refine.ls_abs_structure_Flack                   ? 
_refine.ls_abs_structure_Flack_esd               ? 
_refine.ls_abs_structure_Rogers                  ? 
_refine.ls_abs_structure_Rogers_esd              ? 
_refine.ls_d_res_high                            3.19 
_refine.ls_d_res_low                             39.76 
_refine.ls_extinction_coef                       ? 
_refine.ls_extinction_coef_esd                   ? 
_refine.ls_extinction_expression                 ? 
_refine.ls_extinction_method                     ? 
_refine.ls_goodness_of_fit_all                   ? 
_refine.ls_goodness_of_fit_all_esd               ? 
_refine.ls_goodness_of_fit_obs                   ? 
_refine.ls_goodness_of_fit_obs_esd               ? 
_refine.ls_hydrogen_treatment                    ? 
_refine.ls_matrix_type                           ? 
_refine.ls_number_constraints                    ? 
_refine.ls_number_parameters                     ? 
_refine.ls_number_reflns_all                     ? 
_refine.ls_number_reflns_obs                     2970 
_refine.ls_number_reflns_R_free                  614 
_refine.ls_number_reflns_R_work                  ? 
_refine.ls_number_restraints                     ? 
_refine.ls_percent_reflns_obs                    99.56 
_refine.ls_percent_reflns_R_free                 17.1 
_refine.ls_R_factor_all                          ? 
_refine.ls_R_factor_obs                          0.21121 
_refine.ls_R_factor_R_free                       0.29970 
_refine.ls_R_factor_R_free_error                 ? 
_refine.ls_R_factor_R_free_error_details         ? 
_refine.ls_R_factor_R_work                       0.19374 
_refine.ls_R_Fsqd_factor_obs                     ? 
_refine.ls_R_I_factor_obs                        ? 
_refine.ls_redundancy_reflns_all                 ? 
_refine.ls_redundancy_reflns_obs                 ? 
_refine.ls_restrained_S_all                      ? 
_refine.ls_restrained_S_obs                      ? 
_refine.ls_shift_over_esd_max                    ? 
_refine.ls_shift_over_esd_mean                   ? 
_refine.ls_structure_factor_coef                 ? 
_refine.ls_weighting_details                     ? 
_refine.ls_weighting_scheme                      ? 
_refine.ls_wR_factor_all                         ? 
_refine.ls_wR_factor_obs                         ? 
_refine.ls_wR_factor_R_free                      ? 
_refine.ls_wR_factor_R_work                      ? 
_refine.occupancy_max                            ? 
_refine.occupancy_min                            ? 
_refine.solvent_model_details                    MASK 
_refine.solvent_model_param_bsol                 ? 
_refine.solvent_model_param_ksol                 ? 
_refine.ls_R_factor_gt                           ? 
_refine.ls_goodness_of_fit_gt                    ? 
_refine.ls_goodness_of_fit_ref                   ? 
_refine.ls_shift_over_su_max                     ? 
_refine.ls_shift_over_su_max_lt                  ? 
_refine.ls_shift_over_su_mean                    ? 
_refine.ls_shift_over_su_mean_lt                 ? 
_refine.pdbx_ls_sigma_I                          ? 
_refine.pdbx_ls_sigma_F                          ? 
_refine.pdbx_ls_sigma_Fsqd                       ? 
_refine.pdbx_data_cutoff_high_absF               ? 
_refine.pdbx_data_cutoff_high_rms_absF           ? 
_refine.pdbx_data_cutoff_low_absF                ? 
_refine.pdbx_isotropic_thermal_model             ? 
_refine.pdbx_ls_cross_valid_method               THROUGHOUT 
_refine.pdbx_method_to_determine_struct          ? 
_refine.pdbx_starting_model                      ? 
_refine.pdbx_stereochemistry_target_values       'MAXIMUM LIKELIHOOD' 
_refine.pdbx_R_Free_selection_details            RANDOM 
_refine.pdbx_stereochem_target_val_spec_case     ? 
_refine.pdbx_overall_ESU_R                       ? 
_refine.pdbx_overall_ESU_R_Free                  0.720 
_refine.pdbx_solvent_vdw_probe_radii             1.20 
_refine.pdbx_solvent_ion_probe_radii             0.80 
_refine.pdbx_solvent_shrinkage_radii             0.80 
_refine.pdbx_real_space_R                        ? 
_refine.pdbx_density_correlation                 ? 
_refine.pdbx_pd_number_of_powder_patterns        ? 
_refine.pdbx_pd_number_of_points                 ? 
_refine.pdbx_pd_meas_number_of_points            ? 
_refine.pdbx_pd_proc_ls_prof_R_factor            ? 
_refine.pdbx_pd_proc_ls_prof_wR_factor           ? 
_refine.pdbx_pd_Marquardt_correlation_coeff      ? 
_refine.pdbx_pd_Fsqrd_R_factor                   ? 
_refine.pdbx_pd_ls_matrix_band_width             ? 
_refine.pdbx_overall_phase_error                 ? 
_refine.pdbx_overall_SU_R_free_Cruickshank_DPI   ? 
_refine.pdbx_overall_SU_R_free_Blow_DPI          ? 
_refine.pdbx_overall_SU_R_Blow_DPI               ? 
_refine.pdbx_TLS_residual_ADP_flag               ? 
_refine.pdbx_diffrn_id                           1 
_refine.overall_SU_B                             30.591 
_refine.overall_SU_ML                            0.499 
_refine.overall_SU_R_Cruickshank_DPI             ? 
_refine.overall_SU_R_free                        ? 
_refine.overall_FOM_free_R_set                   ? 
_refine.overall_FOM_work_R_set                   ? 
_refine.pdbx_average_fsc_overall                 ? 
_refine.pdbx_average_fsc_work                    ? 
_refine.pdbx_average_fsc_free                    ? 
# 
_refine_hist.pdbx_refine_id                   'X-RAY DIFFRACTION' 
_refine_hist.cycle_id                         1 
_refine_hist.pdbx_number_atoms_protein        1457 
_refine_hist.pdbx_number_atoms_nucleic_acid   0 
_refine_hist.pdbx_number_atoms_ligand         21 
_refine_hist.number_atoms_solvent             1 
_refine_hist.number_atoms_total               1479 
_refine_hist.d_res_high                       3.19 
_refine_hist.d_res_low                        39.76 
# 
loop_
_refine_ls_restr.pdbx_refine_id 
_refine_ls_restr.criterion 
_refine_ls_restr.dev_ideal 
_refine_ls_restr.dev_ideal_target 
_refine_ls_restr.number 
_refine_ls_restr.rejects 
_refine_ls_restr.type 
_refine_ls_restr.weight 
_refine_ls_restr.pdbx_restraint_function 
'X-RAY DIFFRACTION' ? 0.008  0.014  1506 ? r_bond_refined_d             ? ? 
'X-RAY DIFFRACTION' ? 0.002  0.017  1337 ? r_bond_other_d               ? ? 
'X-RAY DIFFRACTION' ? 1.193  1.681  2021 ? r_angle_refined_deg          ? ? 
'X-RAY DIFFRACTION' ? 0.841  1.647  3134 ? r_angle_other_deg            ? ? 
'X-RAY DIFFRACTION' ? 6.954  5.000  172  ? r_dihedral_angle_1_deg       ? ? 
'X-RAY DIFFRACTION' ? 35.555 21.429 91   ? r_dihedral_angle_2_deg       ? ? 
'X-RAY DIFFRACTION' ? 20.767 15.000 281  ? r_dihedral_angle_3_deg       ? ? 
'X-RAY DIFFRACTION' ? 26.122 15.000 13   ? r_dihedral_angle_4_deg       ? ? 
'X-RAY DIFFRACTION' ? 0.055  0.200  196  ? r_chiral_restr               ? ? 
'X-RAY DIFFRACTION' ? 0.004  0.020  1667 ? r_gen_planes_refined         ? ? 
'X-RAY DIFFRACTION' ? 0.001  0.020  297  ? r_gen_planes_other           ? ? 
'X-RAY DIFFRACTION' ? ?      ?      ?    ? r_nbd_refined                ? ? 
'X-RAY DIFFRACTION' ? ?      ?      ?    ? r_nbd_other                  ? ? 
'X-RAY DIFFRACTION' ? ?      ?      ?    ? r_nbtor_refined              ? ? 
'X-RAY DIFFRACTION' ? ?      ?      ?    ? r_nbtor_other                ? ? 
'X-RAY DIFFRACTION' ? ?      ?      ?    ? r_xyhbond_nbd_refined        ? ? 
'X-RAY DIFFRACTION' ? ?      ?      ?    ? r_xyhbond_nbd_other          ? ? 
'X-RAY DIFFRACTION' ? ?      ?      ?    ? r_metal_ion_refined          ? ? 
'X-RAY DIFFRACTION' ? ?      ?      ?    ? r_metal_ion_other            ? ? 
'X-RAY DIFFRACTION' ? ?      ?      ?    ? r_symmetry_vdw_refined       ? ? 
'X-RAY DIFFRACTION' ? ?      ?      ?    ? r_symmetry_vdw_other         ? ? 
'X-RAY DIFFRACTION' ? ?      ?      ?    ? r_symmetry_hbond_refined     ? ? 
'X-RAY DIFFRACTION' ? ?      ?      ?    ? r_symmetry_hbond_other       ? ? 
'X-RAY DIFFRACTION' ? ?      ?      ?    ? r_symmetry_metal_ion_refined ? ? 
'X-RAY DIFFRACTION' ? ?      ?      ?    ? r_symmetry_metal_ion_other   ? ? 
'X-RAY DIFFRACTION' ? 2.032  4.012  697  ? r_mcbond_it                  ? ? 
'X-RAY DIFFRACTION' ? 2.032  4.011  696  ? r_mcbond_other               ? ? 
'X-RAY DIFFRACTION' ? 3.456  6.003  866  ? r_mcangle_it                 ? ? 
'X-RAY DIFFRACTION' ? 3.455  6.004  867  ? r_mcangle_other              ? ? 
'X-RAY DIFFRACTION' ? 2.090  4.240  809  ? r_scbond_it                  ? ? 
'X-RAY DIFFRACTION' ? 2.089  4.241  810  ? r_scbond_other               ? ? 
'X-RAY DIFFRACTION' ? ?      ?      ?    ? r_scangle_it                 ? ? 
'X-RAY DIFFRACTION' ? 3.554  6.265  1156 ? r_scangle_other              ? ? 
'X-RAY DIFFRACTION' ? 5.585  44.815 1718 ? r_long_range_B_refined       ? ? 
'X-RAY DIFFRACTION' ? 5.584  44.830 1719 ? r_long_range_B_other         ? ? 
'X-RAY DIFFRACTION' ? ?      ?      ?    ? r_rigid_bond_restr           ? ? 
'X-RAY DIFFRACTION' ? ?      ?      ?    ? r_sphericity_free            ? ? 
'X-RAY DIFFRACTION' ? ?      ?      ?    ? r_sphericity_bonded          ? ? 
# 
_refine_ls_shell.pdbx_refine_id                   'X-RAY DIFFRACTION' 
_refine_ls_shell.d_res_high                       3.195 
_refine_ls_shell.d_res_low                        3.277 
_refine_ls_shell.number_reflns_all                ? 
_refine_ls_shell.number_reflns_obs                ? 
_refine_ls_shell.number_reflns_R_free             40 
_refine_ls_shell.number_reflns_R_work             205 
_refine_ls_shell.percent_reflns_obs               97.22 
_refine_ls_shell.percent_reflns_R_free            ? 
_refine_ls_shell.R_factor_all                     ? 
_refine_ls_shell.R_factor_obs                     ? 
_refine_ls_shell.R_factor_R_free                  0.272 
_refine_ls_shell.R_factor_R_free_error            ? 
_refine_ls_shell.R_factor_R_work                  0.224 
_refine_ls_shell.redundancy_reflns_all            ? 
_refine_ls_shell.redundancy_reflns_obs            ? 
_refine_ls_shell.wR_factor_all                    ? 
_refine_ls_shell.wR_factor_obs                    ? 
_refine_ls_shell.wR_factor_R_free                 ? 
_refine_ls_shell.wR_factor_R_work                 ? 
_refine_ls_shell.pdbx_total_number_of_bins_used   20 
_refine_ls_shell.pdbx_phase_error                 ? 
_refine_ls_shell.pdbx_fsc_work                    ? 
_refine_ls_shell.pdbx_fsc_free                    ? 
# 
_struct.entry_id                     6E3O 
_struct.title                        
;The N-terminal domain of PA endonuclease from the influenza H1N1 virus in complex with 6-(2-ethylphenyl)-3-hydroxy-4-oxo-1,4-dihydropyridine-2-carboxylic acid
;
_struct.pdbx_model_details           ? 
_struct.pdbx_formula_weight          ? 
_struct.pdbx_formula_weight_method   ? 
_struct.pdbx_model_type_details      ? 
_struct.pdbx_CASP_flag               N 
# 
_struct_keywords.entry_id        6E3O 
_struct_keywords.text            'PA endonuclease, inhibitor, influenza, H1N1, HYDROLASE-HYDROLASE INHIBITOR complex' 
_struct_keywords.pdbx_keywords   'HYDROLASE/HYDROLASE INHIBITOR' 
# 
loop_
_struct_asym.id 
_struct_asym.pdbx_blank_PDB_chainid_flag 
_struct_asym.pdbx_modified 
_struct_asym.entity_id 
_struct_asym.details 
A N N 1 ? 
B N N 2 ? 
C N N 2 ? 
D N N 3 ? 
E N N 4 ? 
# 
_struct_ref.id                         1 
_struct_ref.db_name                    UNP 
_struct_ref.db_code                    C3W5S0_I09A0 
_struct_ref.pdbx_db_accession          C3W5S0 
_struct_ref.pdbx_db_isoform            ? 
_struct_ref.entity_id                  1 
_struct_ref.pdbx_seq_one_letter_code   
;MEDFVRQCFNPMIVELAEKAMKEYGEDPKIETNKFAAICTHLEVCFMYSDFHFIDERGESIIVESGDPNALLKHRFEIIE
GRDRIMAWTVVNSICNTTGVEKPKFLPDLYDYKENRFIEIGVTRREVHIYYLEKANKIKSEKTHIHIFSFTGEEMATKAD
YTLDEESRARIKTRLFTIRQEMASRSLWDSFRQSERGE
;
_struct_ref.pdbx_align_begin           1 
# 
_struct_ref_seq.align_id                      1 
_struct_ref_seq.ref_id                        1 
_struct_ref_seq.pdbx_PDB_id_code              6E3O 
_struct_ref_seq.pdbx_strand_id                A 
_struct_ref_seq.seq_align_beg                 7 
_struct_ref_seq.pdbx_seq_align_beg_ins_code   ? 
_struct_ref_seq.seq_align_end                 192 
_struct_ref_seq.pdbx_seq_align_end_ins_code   ? 
_struct_ref_seq.pdbx_db_accession             C3W5S0 
_struct_ref_seq.db_align_beg                  1 
_struct_ref_seq.pdbx_db_align_beg_ins_code    ? 
_struct_ref_seq.db_align_end                  198 
_struct_ref_seq.pdbx_db_align_end_ins_code    ? 
_struct_ref_seq.pdbx_auth_seq_align_beg       1 
_struct_ref_seq.pdbx_auth_seq_align_end       198 
# 
loop_
_struct_ref_seq_dif.align_id 
_struct_ref_seq_dif.pdbx_pdb_id_code 
_struct_ref_seq_dif.mon_id 
_struct_ref_seq_dif.pdbx_pdb_strand_id 
_struct_ref_seq_dif.seq_num 
_struct_ref_seq_dif.pdbx_pdb_ins_code 
_struct_ref_seq_dif.pdbx_seq_db_name 
_struct_ref_seq_dif.pdbx_seq_db_accession_code 
_struct_ref_seq_dif.db_mon_id 
_struct_ref_seq_dif.pdbx_seq_db_seq_num 
_struct_ref_seq_dif.details 
_struct_ref_seq_dif.pdbx_auth_seq_num 
_struct_ref_seq_dif.pdbx_ordinal 
1 6E3O MET A 1  ? UNP C3W5S0 ?   ?  'expression tag' -5 1  
1 6E3O GLY A 2  ? UNP C3W5S0 ?   ?  'expression tag' -4 2  
1 6E3O SER A 3  ? UNP C3W5S0 ?   ?  'expression tag' -3 3  
1 6E3O GLY A 4  ? UNP C3W5S0 ?   ?  'expression tag' -2 4  
1 6E3O MET A 5  ? UNP C3W5S0 ?   ?  'expression tag' -1 5  
1 6E3O ALA A 6  ? UNP C3W5S0 ?   ?  'expression tag' 0  6  
1 6E3O GLY A 58 ? UNP C3W5S0 HIS 52 conflict         52 7  
1 6E3O ?   A ?  ? UNP C3W5S0 PHE 53 deletion         ?  8  
1 6E3O ?   A ?  ? UNP C3W5S0 ILE 54 deletion         ?  9  
1 6E3O ?   A ?  ? UNP C3W5S0 ASP 55 deletion         ?  10 
1 6E3O ?   A ?  ? UNP C3W5S0 GLU 56 deletion         ?  11 
1 6E3O ?   A ?  ? UNP C3W5S0 ARG 57 deletion         ?  12 
1 6E3O ?   A ?  ? UNP C3W5S0 GLY 58 deletion         ?  13 
1 6E3O ?   A ?  ? UNP C3W5S0 GLU 59 deletion         ?  14 
1 6E3O ?   A ?  ? UNP C3W5S0 SER 60 deletion         ?  15 
1 6E3O ?   A ?  ? UNP C3W5S0 ILE 61 deletion         ?  16 
1 6E3O ?   A ?  ? UNP C3W5S0 ILE 62 deletion         ?  17 
1 6E3O ?   A ?  ? UNP C3W5S0 VAL 63 deletion         ?  18 
1 6E3O ?   A ?  ? UNP C3W5S0 GLU 64 deletion         ?  19 
# 
_pdbx_struct_assembly.id                   1 
_pdbx_struct_assembly.details              author_and_software_defined_assembly 
_pdbx_struct_assembly.method_details       PISA 
_pdbx_struct_assembly.oligomeric_details   monomeric 
_pdbx_struct_assembly.oligomeric_count     1 
# 
loop_
_pdbx_struct_assembly_prop.biol_id 
_pdbx_struct_assembly_prop.type 
_pdbx_struct_assembly_prop.value 
_pdbx_struct_assembly_prop.details 
1 'ABSA (A^2)' 150  ? 
1 MORE         -7   ? 
1 'SSA (A^2)'  9620 ? 
# 
_pdbx_struct_assembly_gen.assembly_id       1 
_pdbx_struct_assembly_gen.oper_expression   1 
_pdbx_struct_assembly_gen.asym_id_list      A,B,C,D,E 
# 
_pdbx_struct_assembly_auth_evidence.id                     1 
_pdbx_struct_assembly_auth_evidence.assembly_id            1 
_pdbx_struct_assembly_auth_evidence.experimental_support   'gel filtration' 
_pdbx_struct_assembly_auth_evidence.details                ? 
# 
_pdbx_struct_oper_list.id                   1 
_pdbx_struct_oper_list.type                 'identity operation' 
_pdbx_struct_oper_list.name                 1_555 
_pdbx_struct_oper_list.symmetry_operation   x,y,z 
_pdbx_struct_oper_list.matrix[1][1]         1.0000000000 
_pdbx_struct_oper_list.matrix[1][2]         0.0000000000 
_pdbx_struct_oper_list.matrix[1][3]         0.0000000000 
_pdbx_struct_oper_list.vector[1]            0.0000000000 
_pdbx_struct_oper_list.matrix[2][1]         0.0000000000 
_pdbx_struct_oper_list.matrix[2][2]         1.0000000000 
_pdbx_struct_oper_list.matrix[2][3]         0.0000000000 
_pdbx_struct_oper_list.vector[2]            0.0000000000 
_pdbx_struct_oper_list.matrix[3][1]         0.0000000000 
_pdbx_struct_oper_list.matrix[3][2]         0.0000000000 
_pdbx_struct_oper_list.matrix[3][3]         1.0000000000 
_pdbx_struct_oper_list.vector[3]            0.0000000000 
# 
loop_
_struct_conf.conf_type_id 
_struct_conf.id 
_struct_conf.pdbx_PDB_helix_id 
_struct_conf.beg_label_comp_id 
_struct_conf.beg_label_asym_id 
_struct_conf.beg_label_seq_id 
_struct_conf.pdbx_beg_PDB_ins_code 
_struct_conf.end_label_comp_id 
_struct_conf.end_label_asym_id 
_struct_conf.end_label_seq_id 
_struct_conf.pdbx_end_PDB_ins_code 
_struct_conf.beg_auth_comp_id 
_struct_conf.beg_auth_asym_id 
_struct_conf.beg_auth_seq_id 
_struct_conf.end_auth_comp_id 
_struct_conf.end_auth_asym_id 
_struct_conf.end_auth_seq_id 
_struct_conf.pdbx_PDB_helix_class 
_struct_conf.details 
_struct_conf.pdbx_PDB_helix_length 
HELX_P HELX_P1 AA1 ALA A 6   ? PHE A 15  ? ALA A 0   PHE A 9   1 ? 10 
HELX_P HELX_P2 AA2 ASN A 16  ? GLY A 31  ? ASN A 10  GLY A 25  1 ? 16 
HELX_P HELX_P3 AA3 GLU A 37  ? ASP A 56  ? GLU A 31  ASP A 50  1 ? 20 
HELX_P HELX_P4 AA4 ASP A 77  ? GLY A 93  ? ASP A 83  GLY A 99  1 ? 17 
HELX_P HELX_P5 AA5 GLU A 120 ? ILE A 132 ? GLU A 126 ILE A 138 1 ? 13 
HELX_P HELX_P6 AA6 LYS A 152 ? ASP A 154 ? LYS A 158 ASP A 160 5 ? 3  
HELX_P HELX_P7 AA7 ASP A 158 ? ARG A 179 ? ASP A 164 ARG A 185 1 ? 22 
HELX_P HELX_P8 AA8 LEU A 181 ? SER A 188 ? LEU A 187 SER A 194 1 ? 8  
# 
_struct_conf_type.id          HELX_P 
_struct_conf_type.criteria    ? 
_struct_conf_type.reference   ? 
# 
loop_
_struct_conn.id 
_struct_conn.conn_type_id 
_struct_conn.pdbx_leaving_atom_flag 
_struct_conn.pdbx_PDB_id 
_struct_conn.ptnr1_label_asym_id 
_struct_conn.ptnr1_label_comp_id 
_struct_conn.ptnr1_label_seq_id 
_struct_conn.ptnr1_label_atom_id 
_struct_conn.pdbx_ptnr1_label_alt_id 
_struct_conn.pdbx_ptnr1_PDB_ins_code 
_struct_conn.pdbx_ptnr1_standard_comp_id 
_struct_conn.ptnr1_symmetry 
_struct_conn.ptnr2_label_asym_id 
_struct_conn.ptnr2_label_comp_id 
_struct_conn.ptnr2_label_seq_id 
_struct_conn.ptnr2_label_atom_id 
_struct_conn.pdbx_ptnr2_label_alt_id 
_struct_conn.pdbx_ptnr2_PDB_ins_code 
_struct_conn.ptnr1_auth_asym_id 
_struct_conn.ptnr1_auth_comp_id 
_struct_conn.ptnr1_auth_seq_id 
_struct_conn.ptnr2_auth_asym_id 
_struct_conn.ptnr2_auth_comp_id 
_struct_conn.ptnr2_auth_seq_id 
_struct_conn.ptnr2_symmetry 
_struct_conn.pdbx_ptnr3_label_atom_id 
_struct_conn.pdbx_ptnr3_label_seq_id 
_struct_conn.pdbx_ptnr3_label_comp_id 
_struct_conn.pdbx_ptnr3_label_asym_id 
_struct_conn.pdbx_ptnr3_label_alt_id 
_struct_conn.pdbx_ptnr3_PDB_ins_code 
_struct_conn.details 
_struct_conn.pdbx_dist_value 
_struct_conn.pdbx_value_order 
_struct_conn.pdbx_role 
metalc1  metalc ? ? A HIS 47  NE2 ? ? ? 1_555 B MN  . MN  ? ? A HIS 41  A MN  901 1_555 ? ? ? ? ? ? ? 2.074 ? ? 
metalc2  metalc ? ? A GLU 74  OE2 ? ? ? 1_555 C MN  . MN  ? ? A GLU 80  A MN  902 1_555 ? ? ? ? ? ? ? 1.865 ? ? 
metalc3  metalc ? ? A ASP 102 OD2 ? ? ? 1_555 B MN  . MN  ? ? A ASP 108 A MN  901 1_555 ? ? ? ? ? ? ? 2.319 ? ? 
metalc4  metalc ? ? A ASP 102 OD1 ? ? ? 1_555 C MN  . MN  ? ? A ASP 108 A MN  902 1_555 ? ? ? ? ? ? ? 1.951 ? ? 
metalc5  metalc ? ? A GLU 113 OE2 ? ? ? 1_555 B MN  . MN  ? ? A GLU 119 A MN  901 1_555 ? ? ? ? ? ? ? 2.087 ? ? 
metalc6  metalc ? ? A ILE 114 O   ? ? ? 1_555 B MN  . MN  ? ? A ILE 120 A MN  901 1_555 ? ? ? ? ? ? ? 2.135 ? ? 
metalc7  metalc ? ? B MN  .   MN  ? ? ? 1_555 D HNY . OAE ? ? A MN  901 A HNY 903 1_555 ? ? ? ? ? ? ? 2.265 ? ? 
metalc8  metalc ? ? B MN  .   MN  ? ? ? 1_555 D HNY . OAC ? ? A MN  901 A HNY 903 1_555 ? ? ? ? ? ? ? 2.205 ? ? 
metalc9  metalc ? ? C MN  .   MN  ? ? ? 1_555 D HNY . OAB ? ? A MN  902 A HNY 903 1_555 ? ? ? ? ? ? ? 1.967 ? ? 
metalc10 metalc ? ? C MN  .   MN  ? ? ? 1_555 D HNY . OAE ? ? A MN  902 A HNY 903 1_555 ? ? ? ? ? ? ? 2.272 ? ? 
# 
_struct_conn_type.id          metalc 
_struct_conn_type.criteria    ? 
_struct_conn_type.reference   ? 
# 
loop_
_pdbx_struct_conn_angle.id 
_pdbx_struct_conn_angle.ptnr1_label_atom_id 
_pdbx_struct_conn_angle.ptnr1_label_alt_id 
_pdbx_struct_conn_angle.ptnr1_label_asym_id 
_pdbx_struct_conn_angle.ptnr1_label_comp_id 
_pdbx_struct_conn_angle.ptnr1_label_seq_id 
_pdbx_struct_conn_angle.ptnr1_auth_atom_id 
_pdbx_struct_conn_angle.ptnr1_auth_asym_id 
_pdbx_struct_conn_angle.ptnr1_auth_comp_id 
_pdbx_struct_conn_angle.ptnr1_auth_seq_id 
_pdbx_struct_conn_angle.ptnr1_PDB_ins_code 
_pdbx_struct_conn_angle.ptnr1_symmetry 
_pdbx_struct_conn_angle.ptnr2_label_atom_id 
_pdbx_struct_conn_angle.ptnr2_label_alt_id 
_pdbx_struct_conn_angle.ptnr2_label_asym_id 
_pdbx_struct_conn_angle.ptnr2_label_comp_id 
_pdbx_struct_conn_angle.ptnr2_label_seq_id 
_pdbx_struct_conn_angle.ptnr2_auth_atom_id 
_pdbx_struct_conn_angle.ptnr2_auth_asym_id 
_pdbx_struct_conn_angle.ptnr2_auth_comp_id 
_pdbx_struct_conn_angle.ptnr2_auth_seq_id 
_pdbx_struct_conn_angle.ptnr2_PDB_ins_code 
_pdbx_struct_conn_angle.ptnr2_symmetry 
_pdbx_struct_conn_angle.ptnr3_label_atom_id 
_pdbx_struct_conn_angle.ptnr3_label_alt_id 
_pdbx_struct_conn_angle.ptnr3_label_asym_id 
_pdbx_struct_conn_angle.ptnr3_label_comp_id 
_pdbx_struct_conn_angle.ptnr3_label_seq_id 
_pdbx_struct_conn_angle.ptnr3_auth_atom_id 
_pdbx_struct_conn_angle.ptnr3_auth_asym_id 
_pdbx_struct_conn_angle.ptnr3_auth_comp_id 
_pdbx_struct_conn_angle.ptnr3_auth_seq_id 
_pdbx_struct_conn_angle.ptnr3_PDB_ins_code 
_pdbx_struct_conn_angle.ptnr3_symmetry 
_pdbx_struct_conn_angle.value 
_pdbx_struct_conn_angle.value_esd 
1  NE2 ? A HIS 47  ? A HIS 41  ? 1_555 MN ? B MN . ? A MN 901 ? 1_555 OD2 ? A ASP 102 ? A ASP 108 ? 1_555 91.3  ? 
2  NE2 ? A HIS 47  ? A HIS 41  ? 1_555 MN ? B MN . ? A MN 901 ? 1_555 OE2 ? A GLU 113 ? A GLU 119 ? 1_555 173.7 ? 
3  OD2 ? A ASP 102 ? A ASP 108 ? 1_555 MN ? B MN . ? A MN 901 ? 1_555 OE2 ? A GLU 113 ? A GLU 119 ? 1_555 83.5  ? 
4  NE2 ? A HIS 47  ? A HIS 41  ? 1_555 MN ? B MN . ? A MN 901 ? 1_555 O   ? A ILE 114 ? A ILE 120 ? 1_555 86.1  ? 
5  OD2 ? A ASP 102 ? A ASP 108 ? 1_555 MN ? B MN . ? A MN 901 ? 1_555 O   ? A ILE 114 ? A ILE 120 ? 1_555 78.4  ? 
6  OE2 ? A GLU 113 ? A GLU 119 ? 1_555 MN ? B MN . ? A MN 901 ? 1_555 O   ? A ILE 114 ? A ILE 120 ? 1_555 89.3  ? 
7  NE2 ? A HIS 47  ? A HIS 41  ? 1_555 MN ? B MN . ? A MN 901 ? 1_555 OAE ? D HNY .   ? A HNY 903 ? 1_555 101.1 ? 
8  OD2 ? A ASP 102 ? A ASP 108 ? 1_555 MN ? B MN . ? A MN 901 ? 1_555 OAE ? D HNY .   ? A HNY 903 ? 1_555 103.7 ? 
9  OE2 ? A GLU 113 ? A GLU 119 ? 1_555 MN ? B MN . ? A MN 901 ? 1_555 OAE ? D HNY .   ? A HNY 903 ? 1_555 83.8  ? 
10 O   ? A ILE 114 ? A ILE 120 ? 1_555 MN ? B MN . ? A MN 901 ? 1_555 OAE ? D HNY .   ? A HNY 903 ? 1_555 172.4 ? 
11 NE2 ? A HIS 47  ? A HIS 41  ? 1_555 MN ? B MN . ? A MN 901 ? 1_555 OAC ? D HNY .   ? A HNY 903 ? 1_555 81.9  ? 
12 OD2 ? A ASP 102 ? A ASP 108 ? 1_555 MN ? B MN . ? A MN 901 ? 1_555 OAC ? D HNY .   ? A HNY 903 ? 1_555 172.8 ? 
13 OE2 ? A GLU 113 ? A GLU 119 ? 1_555 MN ? B MN . ? A MN 901 ? 1_555 OAC ? D HNY .   ? A HNY 903 ? 1_555 103.4 ? 
14 O   ? A ILE 114 ? A ILE 120 ? 1_555 MN ? B MN . ? A MN 901 ? 1_555 OAC ? D HNY .   ? A HNY 903 ? 1_555 103.1 ? 
15 OAE ? D HNY .   ? A HNY 903 ? 1_555 MN ? B MN . ? A MN 901 ? 1_555 OAC ? D HNY .   ? A HNY 903 ? 1_555 75.7  ? 
16 OE2 ? A GLU 74  ? A GLU 80  ? 1_555 MN ? C MN . ? A MN 902 ? 1_555 OD1 ? A ASP 102 ? A ASP 108 ? 1_555 93.3  ? 
17 OE2 ? A GLU 74  ? A GLU 80  ? 1_555 MN ? C MN . ? A MN 902 ? 1_555 OAB ? D HNY .   ? A HNY 903 ? 1_555 73.0  ? 
18 OD1 ? A ASP 102 ? A ASP 108 ? 1_555 MN ? C MN . ? A MN 902 ? 1_555 OAB ? D HNY .   ? A HNY 903 ? 1_555 150.0 ? 
19 OE2 ? A GLU 74  ? A GLU 80  ? 1_555 MN ? C MN . ? A MN 902 ? 1_555 OAE ? D HNY .   ? A HNY 903 ? 1_555 97.7  ? 
20 OD1 ? A ASP 102 ? A ASP 108 ? 1_555 MN ? C MN . ? A MN 902 ? 1_555 OAE ? D HNY .   ? A HNY 903 ? 1_555 81.3  ? 
21 OAB ? D HNY .   ? A HNY 903 ? 1_555 MN ? C MN . ? A MN 902 ? 1_555 OAE ? D HNY .   ? A HNY 903 ? 1_555 74.5  ? 
# 
_struct_sheet.id               AA1 
_struct_sheet.type             ? 
_struct_sheet.number_strands   5 
_struct_sheet.details          ? 
# 
loop_
_struct_sheet_order.sheet_id 
_struct_sheet_order.range_id_1 
_struct_sheet_order.range_id_2 
_struct_sheet_order.offset 
_struct_sheet_order.sense 
AA1 1 2 ? anti-parallel 
AA1 2 3 ? anti-parallel 
AA1 3 4 ? parallel      
AA1 4 5 ? anti-parallel 
# 
loop_
_struct_sheet_range.sheet_id 
_struct_sheet_range.id 
_struct_sheet_range.beg_label_comp_id 
_struct_sheet_range.beg_label_asym_id 
_struct_sheet_range.beg_label_seq_id 
_struct_sheet_range.pdbx_beg_PDB_ins_code 
_struct_sheet_range.end_label_comp_id 
_struct_sheet_range.end_label_asym_id 
_struct_sheet_range.end_label_seq_id 
_struct_sheet_range.pdbx_end_PDB_ins_code 
_struct_sheet_range.beg_auth_comp_id 
_struct_sheet_range.beg_auth_asym_id 
_struct_sheet_range.beg_auth_seq_id 
_struct_sheet_range.end_auth_comp_id 
_struct_sheet_range.end_auth_asym_id 
_struct_sheet_range.end_auth_seq_id 
AA1 1 PHE A 70  ? ILE A 72  ? PHE A 76  ILE A 78  
AA1 2 LEU A 103 ? ASP A 105 ? LEU A 109 ASP A 111 
AA1 3 ARG A 110 ? THR A 117 ? ARG A 116 THR A 123 
AA1 4 HIS A 138 ? SER A 143 ? HIS A 144 SER A 149 
AA1 5 GLU A 148 ? ALA A 150 ? GLU A 154 ALA A 156 
# 
loop_
_pdbx_struct_sheet_hbond.sheet_id 
_pdbx_struct_sheet_hbond.range_id_1 
_pdbx_struct_sheet_hbond.range_id_2 
_pdbx_struct_sheet_hbond.range_1_label_atom_id 
_pdbx_struct_sheet_hbond.range_1_label_comp_id 
_pdbx_struct_sheet_hbond.range_1_label_asym_id 
_pdbx_struct_sheet_hbond.range_1_label_seq_id 
_pdbx_struct_sheet_hbond.range_1_PDB_ins_code 
_pdbx_struct_sheet_hbond.range_1_auth_atom_id 
_pdbx_struct_sheet_hbond.range_1_auth_comp_id 
_pdbx_struct_sheet_hbond.range_1_auth_asym_id 
_pdbx_struct_sheet_hbond.range_1_auth_seq_id 
_pdbx_struct_sheet_hbond.range_2_label_atom_id 
_pdbx_struct_sheet_hbond.range_2_label_comp_id 
_pdbx_struct_sheet_hbond.range_2_label_asym_id 
_pdbx_struct_sheet_hbond.range_2_label_seq_id 
_pdbx_struct_sheet_hbond.range_2_PDB_ins_code 
_pdbx_struct_sheet_hbond.range_2_auth_atom_id 
_pdbx_struct_sheet_hbond.range_2_auth_comp_id 
_pdbx_struct_sheet_hbond.range_2_auth_asym_id 
_pdbx_struct_sheet_hbond.range_2_auth_seq_id 
AA1 1 2 N GLU A 71  ? N GLU A 77  O TYR A 104 ? O TYR A 110 
AA1 2 3 N LEU A 103 ? N LEU A 109 O ILE A 112 ? O ILE A 118 
AA1 3 4 N GLU A 113 ? N GLU A 119 O HIS A 138 ? O HIS A 144 
AA1 4 5 N ILE A 141 ? N ILE A 147 O MET A 149 ? O MET A 155 
# 
loop_
_struct_site.id 
_struct_site.pdbx_evidence_code 
_struct_site.pdbx_auth_asym_id 
_struct_site.pdbx_auth_comp_id 
_struct_site.pdbx_auth_seq_id 
_struct_site.pdbx_auth_ins_code 
_struct_site.pdbx_num_residues 
_struct_site.details 
AC1 Software A MN  901 ? 5 'binding site for residue MN A 901'  
AC2 Software A MN  902 ? 3 'binding site for residue MN A 902'  
AC3 Software A HNY 903 ? 9 'binding site for residue HNY A 903' 
# 
loop_
_struct_site_gen.id 
_struct_site_gen.site_id 
_struct_site_gen.pdbx_num_res 
_struct_site_gen.label_comp_id 
_struct_site_gen.label_asym_id 
_struct_site_gen.label_seq_id 
_struct_site_gen.pdbx_auth_ins_code 
_struct_site_gen.auth_comp_id 
_struct_site_gen.auth_asym_id 
_struct_site_gen.auth_seq_id 
_struct_site_gen.label_atom_id 
_struct_site_gen.label_alt_id 
_struct_site_gen.symmetry 
_struct_site_gen.details 
1  AC1 5 HIS A 47  ? HIS A 41  . ? 1_555 ? 
2  AC1 5 ASP A 102 ? ASP A 108 . ? 1_555 ? 
3  AC1 5 GLU A 113 ? GLU A 119 . ? 1_555 ? 
4  AC1 5 ILE A 114 ? ILE A 120 . ? 1_555 ? 
5  AC1 5 HNY D .   ? HNY A 903 . ? 1_555 ? 
6  AC2 3 GLU A 74  ? GLU A 80  . ? 1_555 ? 
7  AC2 3 ASP A 102 ? ASP A 108 . ? 1_555 ? 
8  AC2 3 HNY D .   ? HNY A 903 . ? 1_555 ? 
9  AC3 9 LYS A 40  ? LYS A 34  . ? 1_555 ? 
10 AC3 9 HIS A 47  ? HIS A 41  . ? 1_555 ? 
11 AC3 9 GLU A 74  ? GLU A 80  . ? 1_555 ? 
12 AC3 9 ASP A 102 ? ASP A 108 . ? 1_555 ? 
13 AC3 9 GLU A 113 ? GLU A 119 . ? 1_555 ? 
14 AC3 9 ILE A 114 ? ILE A 120 . ? 1_555 ? 
15 AC3 9 LYS A 128 ? LYS A 134 . ? 1_555 ? 
16 AC3 9 MN  B .   ? MN  A 901 . ? 1_555 ? 
17 AC3 9 MN  C .   ? MN  A 902 . ? 1_555 ? 
# 
_pdbx_validate_close_contact.id               1 
_pdbx_validate_close_contact.PDB_model_num    1 
_pdbx_validate_close_contact.auth_atom_id_1   OG1 
_pdbx_validate_close_contact.auth_asym_id_1   A 
_pdbx_validate_close_contact.auth_comp_id_1   THR 
_pdbx_validate_close_contact.auth_seq_id_1    123 
_pdbx_validate_close_contact.PDB_ins_code_1   ? 
_pdbx_validate_close_contact.label_alt_id_1   ? 
_pdbx_validate_close_contact.auth_atom_id_2   OE1 
_pdbx_validate_close_contact.auth_asym_id_2   A 
_pdbx_validate_close_contact.auth_comp_id_2   GLU 
_pdbx_validate_close_contact.auth_seq_id_2    195 
_pdbx_validate_close_contact.PDB_ins_code_2   ? 
_pdbx_validate_close_contact.label_alt_id_2   ? 
_pdbx_validate_close_contact.dist             2.10 
# 
loop_
_pdbx_validate_torsion.id 
_pdbx_validate_torsion.PDB_model_num 
_pdbx_validate_torsion.auth_comp_id 
_pdbx_validate_torsion.auth_asym_id 
_pdbx_validate_torsion.auth_seq_id 
_pdbx_validate_torsion.PDB_ins_code 
_pdbx_validate_torsion.label_alt_id 
_pdbx_validate_torsion.phi 
_pdbx_validate_torsion.psi 
1 1 PHE A 51  ? ? -106.90 53.82  
2 1 LYS A 113 ? ? -92.83  -61.95 
3 1 ASN A 115 ? ? 72.93   58.74  
4 1 LYS A 142 ? ? -105.49 42.35  
5 1 ALA A 159 ? ? 33.05   45.66  
6 1 THR A 162 ? ? 67.28   -24.49 
7 1 SER A 194 ? ? -103.61 60.13  
# 
loop_
_pdbx_unobs_or_zero_occ_residues.id 
_pdbx_unobs_or_zero_occ_residues.PDB_model_num 
_pdbx_unobs_or_zero_occ_residues.polymer_flag 
_pdbx_unobs_or_zero_occ_residues.occupancy_flag 
_pdbx_unobs_or_zero_occ_residues.auth_asym_id 
_pdbx_unobs_or_zero_occ_residues.auth_comp_id 
_pdbx_unobs_or_zero_occ_residues.auth_seq_id 
_pdbx_unobs_or_zero_occ_residues.PDB_ins_code 
_pdbx_unobs_or_zero_occ_residues.label_asym_id 
_pdbx_unobs_or_zero_occ_residues.label_comp_id 
_pdbx_unobs_or_zero_occ_residues.label_seq_id 
1  1 Y 1 A MET -5  ? A MET 1   
2  1 Y 1 A GLY -4  ? A GLY 2   
3  1 Y 1 A SER -3  ? A SER 3   
4  1 Y 1 A GLY -2  ? A GLY 4   
5  1 Y 1 A MET -1  ? A MET 5   
6  1 Y 1 A SER 65  ? A SER 59  
7  1 Y 1 A GLY 66  ? A GLY 60  
8  1 Y 1 A ASP 67  ? A ASP 61  
9  1 Y 1 A PRO 68  ? A PRO 62  
10 1 Y 1 A ASN 69  ? A ASN 63  
11 1 Y 1 A ALA 70  ? A ALA 64  
12 1 Y 1 A LEU 71  ? A LEU 65  
13 1 Y 1 A LYS 139 ? A LYS 133 
14 1 Y 1 A SER 140 ? A SER 134 
15 1 Y 1 A ARG 196 ? A ARG 190 
16 1 Y 1 A GLY 197 ? A GLY 191 
17 1 Y 1 A GLU 198 ? A GLU 192 
# 
loop_
_chem_comp_atom.comp_id 
_chem_comp_atom.atom_id 
_chem_comp_atom.type_symbol 
_chem_comp_atom.pdbx_aromatic_flag 
_chem_comp_atom.pdbx_stereo_config 
_chem_comp_atom.pdbx_ordinal 
ALA N    N  N N 1   
ALA CA   C  N S 2   
ALA C    C  N N 3   
ALA O    O  N N 4   
ALA CB   C  N N 5   
ALA OXT  O  N N 6   
ALA H    H  N N 7   
ALA H2   H  N N 8   
ALA HA   H  N N 9   
ALA HB1  H  N N 10  
ALA HB2  H  N N 11  
ALA HB3  H  N N 12  
ALA HXT  H  N N 13  
ARG N    N  N N 14  
ARG CA   C  N S 15  
ARG C    C  N N 16  
ARG O    O  N N 17  
ARG CB   C  N N 18  
ARG CG   C  N N 19  
ARG CD   C  N N 20  
ARG NE   N  N N 21  
ARG CZ   C  N N 22  
ARG NH1  N  N N 23  
ARG NH2  N  N N 24  
ARG OXT  O  N N 25  
ARG H    H  N N 26  
ARG H2   H  N N 27  
ARG HA   H  N N 28  
ARG HB2  H  N N 29  
ARG HB3  H  N N 30  
ARG HG2  H  N N 31  
ARG HG3  H  N N 32  
ARG HD2  H  N N 33  
ARG HD3  H  N N 34  
ARG HE   H  N N 35  
ARG HH11 H  N N 36  
ARG HH12 H  N N 37  
ARG HH21 H  N N 38  
ARG HH22 H  N N 39  
ARG HXT  H  N N 40  
ASN N    N  N N 41  
ASN CA   C  N S 42  
ASN C    C  N N 43  
ASN O    O  N N 44  
ASN CB   C  N N 45  
ASN CG   C  N N 46  
ASN OD1  O  N N 47  
ASN ND2  N  N N 48  
ASN OXT  O  N N 49  
ASN H    H  N N 50  
ASN H2   H  N N 51  
ASN HA   H  N N 52  
ASN HB2  H  N N 53  
ASN HB3  H  N N 54  
ASN HD21 H  N N 55  
ASN HD22 H  N N 56  
ASN HXT  H  N N 57  
ASP N    N  N N 58  
ASP CA   C  N S 59  
ASP C    C  N N 60  
ASP O    O  N N 61  
ASP CB   C  N N 62  
ASP CG   C  N N 63  
ASP OD1  O  N N 64  
ASP OD2  O  N N 65  
ASP OXT  O  N N 66  
ASP H    H  N N 67  
ASP H2   H  N N 68  
ASP HA   H  N N 69  
ASP HB2  H  N N 70  
ASP HB3  H  N N 71  
ASP HD2  H  N N 72  
ASP HXT  H  N N 73  
CYS N    N  N N 74  
CYS CA   C  N R 75  
CYS C    C  N N 76  
CYS O    O  N N 77  
CYS CB   C  N N 78  
CYS SG   S  N N 79  
CYS OXT  O  N N 80  
CYS H    H  N N 81  
CYS H2   H  N N 82  
CYS HA   H  N N 83  
CYS HB2  H  N N 84  
CYS HB3  H  N N 85  
CYS HG   H  N N 86  
CYS HXT  H  N N 87  
GLN N    N  N N 88  
GLN CA   C  N S 89  
GLN C    C  N N 90  
GLN O    O  N N 91  
GLN CB   C  N N 92  
GLN CG   C  N N 93  
GLN CD   C  N N 94  
GLN OE1  O  N N 95  
GLN NE2  N  N N 96  
GLN OXT  O  N N 97  
GLN H    H  N N 98  
GLN H2   H  N N 99  
GLN HA   H  N N 100 
GLN HB2  H  N N 101 
GLN HB3  H  N N 102 
GLN HG2  H  N N 103 
GLN HG3  H  N N 104 
GLN HE21 H  N N 105 
GLN HE22 H  N N 106 
GLN HXT  H  N N 107 
GLU N    N  N N 108 
GLU CA   C  N S 109 
GLU C    C  N N 110 
GLU O    O  N N 111 
GLU CB   C  N N 112 
GLU CG   C  N N 113 
GLU CD   C  N N 114 
GLU OE1  O  N N 115 
GLU OE2  O  N N 116 
GLU OXT  O  N N 117 
GLU H    H  N N 118 
GLU H2   H  N N 119 
GLU HA   H  N N 120 
GLU HB2  H  N N 121 
GLU HB3  H  N N 122 
GLU HG2  H  N N 123 
GLU HG3  H  N N 124 
GLU HE2  H  N N 125 
GLU HXT  H  N N 126 
GLY N    N  N N 127 
GLY CA   C  N N 128 
GLY C    C  N N 129 
GLY O    O  N N 130 
GLY OXT  O  N N 131 
GLY H    H  N N 132 
GLY H2   H  N N 133 
GLY HA2  H  N N 134 
GLY HA3  H  N N 135 
GLY HXT  H  N N 136 
HIS N    N  N N 137 
HIS CA   C  N S 138 
HIS C    C  N N 139 
HIS O    O  N N 140 
HIS CB   C  N N 141 
HIS CG   C  Y N 142 
HIS ND1  N  Y N 143 
HIS CD2  C  Y N 144 
HIS CE1  C  Y N 145 
HIS NE2  N  Y N 146 
HIS OXT  O  N N 147 
HIS H    H  N N 148 
HIS H2   H  N N 149 
HIS HA   H  N N 150 
HIS HB2  H  N N 151 
HIS HB3  H  N N 152 
HIS HD1  H  N N 153 
HIS HD2  H  N N 154 
HIS HE1  H  N N 155 
HIS HE2  H  N N 156 
HIS HXT  H  N N 157 
HNY OAB  O  N N 158 
HNY CAM  C  N N 159 
HNY OAD  O  N N 160 
HNY CAR  C  N N 161 
HNY NAL  N  N N 162 
HNY CAP  C  N N 163 
HNY OAE  O  N N 164 
HNY CAS  C  N N 165 
HNY OAC  O  N N 166 
HNY CAJ  C  N N 167 
HNY CAO  C  N N 168 
HNY CAQ  C  Y N 169 
HNY CAI  C  Y N 170 
HNY CAG  C  Y N 171 
HNY CAF  C  Y N 172 
HNY CAH  C  Y N 173 
HNY CAN  C  Y N 174 
HNY CAK  C  N N 175 
HNY CAA  C  N N 176 
HNY H1   H  N N 177 
HNY H2   H  N N 178 
HNY H3   H  N N 179 
HNY H5   H  N N 180 
HNY H6   H  N N 181 
HNY H7   H  N N 182 
HNY H8   H  N N 183 
HNY H9   H  N N 184 
HNY H10  H  N N 185 
HNY H11  H  N N 186 
HNY H12  H  N N 187 
HNY H13  H  N N 188 
HNY H14  H  N N 189 
HOH O    O  N N 190 
HOH H1   H  N N 191 
HOH H2   H  N N 192 
ILE N    N  N N 193 
ILE CA   C  N S 194 
ILE C    C  N N 195 
ILE O    O  N N 196 
ILE CB   C  N S 197 
ILE CG1  C  N N 198 
ILE CG2  C  N N 199 
ILE CD1  C  N N 200 
ILE OXT  O  N N 201 
ILE H    H  N N 202 
ILE H2   H  N N 203 
ILE HA   H  N N 204 
ILE HB   H  N N 205 
ILE HG12 H  N N 206 
ILE HG13 H  N N 207 
ILE HG21 H  N N 208 
ILE HG22 H  N N 209 
ILE HG23 H  N N 210 
ILE HD11 H  N N 211 
ILE HD12 H  N N 212 
ILE HD13 H  N N 213 
ILE HXT  H  N N 214 
LEU N    N  N N 215 
LEU CA   C  N S 216 
LEU C    C  N N 217 
LEU O    O  N N 218 
LEU CB   C  N N 219 
LEU CG   C  N N 220 
LEU CD1  C  N N 221 
LEU CD2  C  N N 222 
LEU OXT  O  N N 223 
LEU H    H  N N 224 
LEU H2   H  N N 225 
LEU HA   H  N N 226 
LEU HB2  H  N N 227 
LEU HB3  H  N N 228 
LEU HG   H  N N 229 
LEU HD11 H  N N 230 
LEU HD12 H  N N 231 
LEU HD13 H  N N 232 
LEU HD21 H  N N 233 
LEU HD22 H  N N 234 
LEU HD23 H  N N 235 
LEU HXT  H  N N 236 
LYS N    N  N N 237 
LYS CA   C  N S 238 
LYS C    C  N N 239 
LYS O    O  N N 240 
LYS CB   C  N N 241 
LYS CG   C  N N 242 
LYS CD   C  N N 243 
LYS CE   C  N N 244 
LYS NZ   N  N N 245 
LYS OXT  O  N N 246 
LYS H    H  N N 247 
LYS H2   H  N N 248 
LYS HA   H  N N 249 
LYS HB2  H  N N 250 
LYS HB3  H  N N 251 
LYS HG2  H  N N 252 
LYS HG3  H  N N 253 
LYS HD2  H  N N 254 
LYS HD3  H  N N 255 
LYS HE2  H  N N 256 
LYS HE3  H  N N 257 
LYS HZ1  H  N N 258 
LYS HZ2  H  N N 259 
LYS HZ3  H  N N 260 
LYS HXT  H  N N 261 
MET N    N  N N 262 
MET CA   C  N S 263 
MET C    C  N N 264 
MET O    O  N N 265 
MET CB   C  N N 266 
MET CG   C  N N 267 
MET SD   S  N N 268 
MET CE   C  N N 269 
MET OXT  O  N N 270 
MET H    H  N N 271 
MET H2   H  N N 272 
MET HA   H  N N 273 
MET HB2  H  N N 274 
MET HB3  H  N N 275 
MET HG2  H  N N 276 
MET HG3  H  N N 277 
MET HE1  H  N N 278 
MET HE2  H  N N 279 
MET HE3  H  N N 280 
MET HXT  H  N N 281 
MN  MN   MN N N 282 
PHE N    N  N N 283 
PHE CA   C  N S 284 
PHE C    C  N N 285 
PHE O    O  N N 286 
PHE CB   C  N N 287 
PHE CG   C  Y N 288 
PHE CD1  C  Y N 289 
PHE CD2  C  Y N 290 
PHE CE1  C  Y N 291 
PHE CE2  C  Y N 292 
PHE CZ   C  Y N 293 
PHE OXT  O  N N 294 
PHE H    H  N N 295 
PHE H2   H  N N 296 
PHE HA   H  N N 297 
PHE HB2  H  N N 298 
PHE HB3  H  N N 299 
PHE HD1  H  N N 300 
PHE HD2  H  N N 301 
PHE HE1  H  N N 302 
PHE HE2  H  N N 303 
PHE HZ   H  N N 304 
PHE HXT  H  N N 305 
PRO N    N  N N 306 
PRO CA   C  N S 307 
PRO C    C  N N 308 
PRO O    O  N N 309 
PRO CB   C  N N 310 
PRO CG   C  N N 311 
PRO CD   C  N N 312 
PRO OXT  O  N N 313 
PRO H    H  N N 314 
PRO HA   H  N N 315 
PRO HB2  H  N N 316 
PRO HB3  H  N N 317 
PRO HG2  H  N N 318 
PRO HG3  H  N N 319 
PRO HD2  H  N N 320 
PRO HD3  H  N N 321 
PRO HXT  H  N N 322 
SER N    N  N N 323 
SER CA   C  N S 324 
SER C    C  N N 325 
SER O    O  N N 326 
SER CB   C  N N 327 
SER OG   O  N N 328 
SER OXT  O  N N 329 
SER H    H  N N 330 
SER H2   H  N N 331 
SER HA   H  N N 332 
SER HB2  H  N N 333 
SER HB3  H  N N 334 
SER HG   H  N N 335 
SER HXT  H  N N 336 
THR N    N  N N 337 
THR CA   C  N S 338 
THR C    C  N N 339 
THR O    O  N N 340 
THR CB   C  N R 341 
THR OG1  O  N N 342 
THR CG2  C  N N 343 
THR OXT  O  N N 344 
THR H    H  N N 345 
THR H2   H  N N 346 
THR HA   H  N N 347 
THR HB   H  N N 348 
THR HG1  H  N N 349 
THR HG21 H  N N 350 
THR HG22 H  N N 351 
THR HG23 H  N N 352 
THR HXT  H  N N 353 
TRP N    N  N N 354 
TRP CA   C  N S 355 
TRP C    C  N N 356 
TRP O    O  N N 357 
TRP CB   C  N N 358 
TRP CG   C  Y N 359 
TRP CD1  C  Y N 360 
TRP CD2  C  Y N 361 
TRP NE1  N  Y N 362 
TRP CE2  C  Y N 363 
TRP CE3  C  Y N 364 
TRP CZ2  C  Y N 365 
TRP CZ3  C  Y N 366 
TRP CH2  C  Y N 367 
TRP OXT  O  N N 368 
TRP H    H  N N 369 
TRP H2   H  N N 370 
TRP HA   H  N N 371 
TRP HB2  H  N N 372 
TRP HB3  H  N N 373 
TRP HD1  H  N N 374 
TRP HE1  H  N N 375 
TRP HE3  H  N N 376 
TRP HZ2  H  N N 377 
TRP HZ3  H  N N 378 
TRP HH2  H  N N 379 
TRP HXT  H  N N 380 
TYR N    N  N N 381 
TYR CA   C  N S 382 
TYR C    C  N N 383 
TYR O    O  N N 384 
TYR CB   C  N N 385 
TYR CG   C  Y N 386 
TYR CD1  C  Y N 387 
TYR CD2  C  Y N 388 
TYR CE1  C  Y N 389 
TYR CE2  C  Y N 390 
TYR CZ   C  Y N 391 
TYR OH   O  N N 392 
TYR OXT  O  N N 393 
TYR H    H  N N 394 
TYR H2   H  N N 395 
TYR HA   H  N N 396 
TYR HB2  H  N N 397 
TYR HB3  H  N N 398 
TYR HD1  H  N N 399 
TYR HD2  H  N N 400 
TYR HE1  H  N N 401 
TYR HE2  H  N N 402 
TYR HH   H  N N 403 
TYR HXT  H  N N 404 
VAL N    N  N N 405 
VAL CA   C  N S 406 
VAL C    C  N N 407 
VAL O    O  N N 408 
VAL CB   C  N N 409 
VAL CG1  C  N N 410 
VAL CG2  C  N N 411 
VAL OXT  O  N N 412 
VAL H    H  N N 413 
VAL H2   H  N N 414 
VAL HA   H  N N 415 
VAL HB   H  N N 416 
VAL HG11 H  N N 417 
VAL HG12 H  N N 418 
VAL HG13 H  N N 419 
VAL HG21 H  N N 420 
VAL HG22 H  N N 421 
VAL HG23 H  N N 422 
VAL HXT  H  N N 423 
# 
loop_
_chem_comp_bond.comp_id 
_chem_comp_bond.atom_id_1 
_chem_comp_bond.atom_id_2 
_chem_comp_bond.value_order 
_chem_comp_bond.pdbx_aromatic_flag 
_chem_comp_bond.pdbx_stereo_config 
_chem_comp_bond.pdbx_ordinal 
ALA N   CA   sing N N 1   
ALA N   H    sing N N 2   
ALA N   H2   sing N N 3   
ALA CA  C    sing N N 4   
ALA CA  CB   sing N N 5   
ALA CA  HA   sing N N 6   
ALA C   O    doub N N 7   
ALA C   OXT  sing N N 8   
ALA CB  HB1  sing N N 9   
ALA CB  HB2  sing N N 10  
ALA CB  HB3  sing N N 11  
ALA OXT HXT  sing N N 12  
ARG N   CA   sing N N 13  
ARG N   H    sing N N 14  
ARG N   H2   sing N N 15  
ARG CA  C    sing N N 16  
ARG CA  CB   sing N N 17  
ARG CA  HA   sing N N 18  
ARG C   O    doub N N 19  
ARG C   OXT  sing N N 20  
ARG CB  CG   sing N N 21  
ARG CB  HB2  sing N N 22  
ARG CB  HB3  sing N N 23  
ARG CG  CD   sing N N 24  
ARG CG  HG2  sing N N 25  
ARG CG  HG3  sing N N 26  
ARG CD  NE   sing N N 27  
ARG CD  HD2  sing N N 28  
ARG CD  HD3  sing N N 29  
ARG NE  CZ   sing N N 30  
ARG NE  HE   sing N N 31  
ARG CZ  NH1  sing N N 32  
ARG CZ  NH2  doub N N 33  
ARG NH1 HH11 sing N N 34  
ARG NH1 HH12 sing N N 35  
ARG NH2 HH21 sing N N 36  
ARG NH2 HH22 sing N N 37  
ARG OXT HXT  sing N N 38  
ASN N   CA   sing N N 39  
ASN N   H    sing N N 40  
ASN N   H2   sing N N 41  
ASN CA  C    sing N N 42  
ASN CA  CB   sing N N 43  
ASN CA  HA   sing N N 44  
ASN C   O    doub N N 45  
ASN C   OXT  sing N N 46  
ASN CB  CG   sing N N 47  
ASN CB  HB2  sing N N 48  
ASN CB  HB3  sing N N 49  
ASN CG  OD1  doub N N 50  
ASN CG  ND2  sing N N 51  
ASN ND2 HD21 sing N N 52  
ASN ND2 HD22 sing N N 53  
ASN OXT HXT  sing N N 54  
ASP N   CA   sing N N 55  
ASP N   H    sing N N 56  
ASP N   H2   sing N N 57  
ASP CA  C    sing N N 58  
ASP CA  CB   sing N N 59  
ASP CA  HA   sing N N 60  
ASP C   O    doub N N 61  
ASP C   OXT  sing N N 62  
ASP CB  CG   sing N N 63  
ASP CB  HB2  sing N N 64  
ASP CB  HB3  sing N N 65  
ASP CG  OD1  doub N N 66  
ASP CG  OD2  sing N N 67  
ASP OD2 HD2  sing N N 68  
ASP OXT HXT  sing N N 69  
CYS N   CA   sing N N 70  
CYS N   H    sing N N 71  
CYS N   H2   sing N N 72  
CYS CA  C    sing N N 73  
CYS CA  CB   sing N N 74  
CYS CA  HA   sing N N 75  
CYS C   O    doub N N 76  
CYS C   OXT  sing N N 77  
CYS CB  SG   sing N N 78  
CYS CB  HB2  sing N N 79  
CYS CB  HB3  sing N N 80  
CYS SG  HG   sing N N 81  
CYS OXT HXT  sing N N 82  
GLN N   CA   sing N N 83  
GLN N   H    sing N N 84  
GLN N   H2   sing N N 85  
GLN CA  C    sing N N 86  
GLN CA  CB   sing N N 87  
GLN CA  HA   sing N N 88  
GLN C   O    doub N N 89  
GLN C   OXT  sing N N 90  
GLN CB  CG   sing N N 91  
GLN CB  HB2  sing N N 92  
GLN CB  HB3  sing N N 93  
GLN CG  CD   sing N N 94  
GLN CG  HG2  sing N N 95  
GLN CG  HG3  sing N N 96  
GLN CD  OE1  doub N N 97  
GLN CD  NE2  sing N N 98  
GLN NE2 HE21 sing N N 99  
GLN NE2 HE22 sing N N 100 
GLN OXT HXT  sing N N 101 
GLU N   CA   sing N N 102 
GLU N   H    sing N N 103 
GLU N   H2   sing N N 104 
GLU CA  C    sing N N 105 
GLU CA  CB   sing N N 106 
GLU CA  HA   sing N N 107 
GLU C   O    doub N N 108 
GLU C   OXT  sing N N 109 
GLU CB  CG   sing N N 110 
GLU CB  HB2  sing N N 111 
GLU CB  HB3  sing N N 112 
GLU CG  CD   sing N N 113 
GLU CG  HG2  sing N N 114 
GLU CG  HG3  sing N N 115 
GLU CD  OE1  doub N N 116 
GLU CD  OE2  sing N N 117 
GLU OE2 HE2  sing N N 118 
GLU OXT HXT  sing N N 119 
GLY N   CA   sing N N 120 
GLY N   H    sing N N 121 
GLY N   H2   sing N N 122 
GLY CA  C    sing N N 123 
GLY CA  HA2  sing N N 124 
GLY CA  HA3  sing N N 125 
GLY C   O    doub N N 126 
GLY C   OXT  sing N N 127 
GLY OXT HXT  sing N N 128 
HIS N   CA   sing N N 129 
HIS N   H    sing N N 130 
HIS N   H2   sing N N 131 
HIS CA  C    sing N N 132 
HIS CA  CB   sing N N 133 
HIS CA  HA   sing N N 134 
HIS C   O    doub N N 135 
HIS C   OXT  sing N N 136 
HIS CB  CG   sing N N 137 
HIS CB  HB2  sing N N 138 
HIS CB  HB3  sing N N 139 
HIS CG  ND1  sing Y N 140 
HIS CG  CD2  doub Y N 141 
HIS ND1 CE1  doub Y N 142 
HIS ND1 HD1  sing N N 143 
HIS CD2 NE2  sing Y N 144 
HIS CD2 HD2  sing N N 145 
HIS CE1 NE2  sing Y N 146 
HIS CE1 HE1  sing N N 147 
HIS NE2 HE2  sing N N 148 
HIS OXT HXT  sing N N 149 
HNY OAC CAS  doub N N 150 
HNY OAE CAP  sing N N 151 
HNY CAS CAP  sing N N 152 
HNY CAS CAJ  sing N N 153 
HNY CAP CAR  doub N N 154 
HNY CAJ CAO  doub N N 155 
HNY OAB CAM  doub N N 156 
HNY CAR CAM  sing N N 157 
HNY CAR NAL  sing N N 158 
HNY CAM OAD  sing N N 159 
HNY CAA CAK  sing N N 160 
HNY CAO NAL  sing N N 161 
HNY CAO CAQ  sing N N 162 
HNY CAK CAN  sing N N 163 
HNY CAQ CAN  doub Y N 164 
HNY CAQ CAI  sing Y N 165 
HNY CAN CAH  sing Y N 166 
HNY CAI CAG  doub Y N 167 
HNY CAH CAF  doub Y N 168 
HNY CAG CAF  sing Y N 169 
HNY OAD H1   sing N N 170 
HNY OAE H2   sing N N 171 
HNY CAJ H3   sing N N 172 
HNY CAI H5   sing N N 173 
HNY CAG H6   sing N N 174 
HNY CAF H7   sing N N 175 
HNY CAH H8   sing N N 176 
HNY CAK H9   sing N N 177 
HNY CAK H10  sing N N 178 
HNY CAA H11  sing N N 179 
HNY CAA H12  sing N N 180 
HNY CAA H13  sing N N 181 
HNY NAL H14  sing N N 182 
HOH O   H1   sing N N 183 
HOH O   H2   sing N N 184 
ILE N   CA   sing N N 185 
ILE N   H    sing N N 186 
ILE N   H2   sing N N 187 
ILE CA  C    sing N N 188 
ILE CA  CB   sing N N 189 
ILE CA  HA   sing N N 190 
ILE C   O    doub N N 191 
ILE C   OXT  sing N N 192 
ILE CB  CG1  sing N N 193 
ILE CB  CG2  sing N N 194 
ILE CB  HB   sing N N 195 
ILE CG1 CD1  sing N N 196 
ILE CG1 HG12 sing N N 197 
ILE CG1 HG13 sing N N 198 
ILE CG2 HG21 sing N N 199 
ILE CG2 HG22 sing N N 200 
ILE CG2 HG23 sing N N 201 
ILE CD1 HD11 sing N N 202 
ILE CD1 HD12 sing N N 203 
ILE CD1 HD13 sing N N 204 
ILE OXT HXT  sing N N 205 
LEU N   CA   sing N N 206 
LEU N   H    sing N N 207 
LEU N   H2   sing N N 208 
LEU CA  C    sing N N 209 
LEU CA  CB   sing N N 210 
LEU CA  HA   sing N N 211 
LEU C   O    doub N N 212 
LEU C   OXT  sing N N 213 
LEU CB  CG   sing N N 214 
LEU CB  HB2  sing N N 215 
LEU CB  HB3  sing N N 216 
LEU CG  CD1  sing N N 217 
LEU CG  CD2  sing N N 218 
LEU CG  HG   sing N N 219 
LEU CD1 HD11 sing N N 220 
LEU CD1 HD12 sing N N 221 
LEU CD1 HD13 sing N N 222 
LEU CD2 HD21 sing N N 223 
LEU CD2 HD22 sing N N 224 
LEU CD2 HD23 sing N N 225 
LEU OXT HXT  sing N N 226 
LYS N   CA   sing N N 227 
LYS N   H    sing N N 228 
LYS N   H2   sing N N 229 
LYS CA  C    sing N N 230 
LYS CA  CB   sing N N 231 
LYS CA  HA   sing N N 232 
LYS C   O    doub N N 233 
LYS C   OXT  sing N N 234 
LYS CB  CG   sing N N 235 
LYS CB  HB2  sing N N 236 
LYS CB  HB3  sing N N 237 
LYS CG  CD   sing N N 238 
LYS CG  HG2  sing N N 239 
LYS CG  HG3  sing N N 240 
LYS CD  CE   sing N N 241 
LYS CD  HD2  sing N N 242 
LYS CD  HD3  sing N N 243 
LYS CE  NZ   sing N N 244 
LYS CE  HE2  sing N N 245 
LYS CE  HE3  sing N N 246 
LYS NZ  HZ1  sing N N 247 
LYS NZ  HZ2  sing N N 248 
LYS NZ  HZ3  sing N N 249 
LYS OXT HXT  sing N N 250 
MET N   CA   sing N N 251 
MET N   H    sing N N 252 
MET N   H2   sing N N 253 
MET CA  C    sing N N 254 
MET CA  CB   sing N N 255 
MET CA  HA   sing N N 256 
MET C   O    doub N N 257 
MET C   OXT  sing N N 258 
MET CB  CG   sing N N 259 
MET CB  HB2  sing N N 260 
MET CB  HB3  sing N N 261 
MET CG  SD   sing N N 262 
MET CG  HG2  sing N N 263 
MET CG  HG3  sing N N 264 
MET SD  CE   sing N N 265 
MET CE  HE1  sing N N 266 
MET CE  HE2  sing N N 267 
MET CE  HE3  sing N N 268 
MET OXT HXT  sing N N 269 
PHE N   CA   sing N N 270 
PHE N   H    sing N N 271 
PHE N   H2   sing N N 272 
PHE CA  C    sing N N 273 
PHE CA  CB   sing N N 274 
PHE CA  HA   sing N N 275 
PHE C   O    doub N N 276 
PHE C   OXT  sing N N 277 
PHE CB  CG   sing N N 278 
PHE CB  HB2  sing N N 279 
PHE CB  HB3  sing N N 280 
PHE CG  CD1  doub Y N 281 
PHE CG  CD2  sing Y N 282 
PHE CD1 CE1  sing Y N 283 
PHE CD1 HD1  sing N N 284 
PHE CD2 CE2  doub Y N 285 
PHE CD2 HD2  sing N N 286 
PHE CE1 CZ   doub Y N 287 
PHE CE1 HE1  sing N N 288 
PHE CE2 CZ   sing Y N 289 
PHE CE2 HE2  sing N N 290 
PHE CZ  HZ   sing N N 291 
PHE OXT HXT  sing N N 292 
PRO N   CA   sing N N 293 
PRO N   CD   sing N N 294 
PRO N   H    sing N N 295 
PRO CA  C    sing N N 296 
PRO CA  CB   sing N N 297 
PRO CA  HA   sing N N 298 
PRO C   O    doub N N 299 
PRO C   OXT  sing N N 300 
PRO CB  CG   sing N N 301 
PRO CB  HB2  sing N N 302 
PRO CB  HB3  sing N N 303 
PRO CG  CD   sing N N 304 
PRO CG  HG2  sing N N 305 
PRO CG  HG3  sing N N 306 
PRO CD  HD2  sing N N 307 
PRO CD  HD3  sing N N 308 
PRO OXT HXT  sing N N 309 
SER N   CA   sing N N 310 
SER N   H    sing N N 311 
SER N   H2   sing N N 312 
SER CA  C    sing N N 313 
SER CA  CB   sing N N 314 
SER CA  HA   sing N N 315 
SER C   O    doub N N 316 
SER C   OXT  sing N N 317 
SER CB  OG   sing N N 318 
SER CB  HB2  sing N N 319 
SER CB  HB3  sing N N 320 
SER OG  HG   sing N N 321 
SER OXT HXT  sing N N 322 
THR N   CA   sing N N 323 
THR N   H    sing N N 324 
THR N   H2   sing N N 325 
THR CA  C    sing N N 326 
THR CA  CB   sing N N 327 
THR CA  HA   sing N N 328 
THR C   O    doub N N 329 
THR C   OXT  sing N N 330 
THR CB  OG1  sing N N 331 
THR CB  CG2  sing N N 332 
THR CB  HB   sing N N 333 
THR OG1 HG1  sing N N 334 
THR CG2 HG21 sing N N 335 
THR CG2 HG22 sing N N 336 
THR CG2 HG23 sing N N 337 
THR OXT HXT  sing N N 338 
TRP N   CA   sing N N 339 
TRP N   H    sing N N 340 
TRP N   H2   sing N N 341 
TRP CA  C    sing N N 342 
TRP CA  CB   sing N N 343 
TRP CA  HA   sing N N 344 
TRP C   O    doub N N 345 
TRP C   OXT  sing N N 346 
TRP CB  CG   sing N N 347 
TRP CB  HB2  sing N N 348 
TRP CB  HB3  sing N N 349 
TRP CG  CD1  doub Y N 350 
TRP CG  CD2  sing Y N 351 
TRP CD1 NE1  sing Y N 352 
TRP CD1 HD1  sing N N 353 
TRP CD2 CE2  doub Y N 354 
TRP CD2 CE3  sing Y N 355 
TRP NE1 CE2  sing Y N 356 
TRP NE1 HE1  sing N N 357 
TRP CE2 CZ2  sing Y N 358 
TRP CE3 CZ3  doub Y N 359 
TRP CE3 HE3  sing N N 360 
TRP CZ2 CH2  doub Y N 361 
TRP CZ2 HZ2  sing N N 362 
TRP CZ3 CH2  sing Y N 363 
TRP CZ3 HZ3  sing N N 364 
TRP CH2 HH2  sing N N 365 
TRP OXT HXT  sing N N 366 
TYR N   CA   sing N N 367 
TYR N   H    sing N N 368 
TYR N   H2   sing N N 369 
TYR CA  C    sing N N 370 
TYR CA  CB   sing N N 371 
TYR CA  HA   sing N N 372 
TYR C   O    doub N N 373 
TYR C   OXT  sing N N 374 
TYR CB  CG   sing N N 375 
TYR CB  HB2  sing N N 376 
TYR CB  HB3  sing N N 377 
TYR CG  CD1  doub Y N 378 
TYR CG  CD2  sing Y N 379 
TYR CD1 CE1  sing Y N 380 
TYR CD1 HD1  sing N N 381 
TYR CD2 CE2  doub Y N 382 
TYR CD2 HD2  sing N N 383 
TYR CE1 CZ   doub Y N 384 
TYR CE1 HE1  sing N N 385 
TYR CE2 CZ   sing Y N 386 
TYR CE2 HE2  sing N N 387 
TYR CZ  OH   sing N N 388 
TYR OH  HH   sing N N 389 
TYR OXT HXT  sing N N 390 
VAL N   CA   sing N N 391 
VAL N   H    sing N N 392 
VAL N   H2   sing N N 393 
VAL CA  C    sing N N 394 
VAL CA  CB   sing N N 395 
VAL CA  HA   sing N N 396 
VAL C   O    doub N N 397 
VAL C   OXT  sing N N 398 
VAL CB  CG1  sing N N 399 
VAL CB  CG2  sing N N 400 
VAL CB  HB   sing N N 401 
VAL CG1 HG11 sing N N 402 
VAL CG1 HG12 sing N N 403 
VAL CG1 HG13 sing N N 404 
VAL CG2 HG21 sing N N 405 
VAL CG2 HG22 sing N N 406 
VAL CG2 HG23 sing N N 407 
VAL OXT HXT  sing N N 408 
# 
_pdbx_audit_support.funding_organization   
'National Institutes of Health/National Institute of General Medical Sciences (NIH/NIGMS)' 
_pdbx_audit_support.country                'United States' 
_pdbx_audit_support.grant_number           'R01 GM098435' 
_pdbx_audit_support.ordinal                1 
# 
_pdbx_entity_instance_feature.ordinal        1 
_pdbx_entity_instance_feature.comp_id        HNY 
_pdbx_entity_instance_feature.asym_id        ? 
_pdbx_entity_instance_feature.seq_num        ? 
_pdbx_entity_instance_feature.auth_comp_id   HNY 
_pdbx_entity_instance_feature.auth_asym_id   ? 
_pdbx_entity_instance_feature.auth_seq_num   ? 
_pdbx_entity_instance_feature.feature_type   'SUBJECT OF INVESTIGATION' 
_pdbx_entity_instance_feature.details        ? 
# 
_atom_sites.entry_id                    6E3O 
_atom_sites.fract_transf_matrix[1][1]   0.00859926 
_atom_sites.fract_transf_matrix[1][2]   -0.00435945 
_atom_sites.fract_transf_matrix[1][3]   -0.01212130 
_atom_sites.fract_transf_matrix[2][1]   -0.00643090 
_atom_sites.fract_transf_matrix[2][2]   -0.00805297 
_atom_sites.fract_transf_matrix[2][3]   -0.01156030 
_atom_sites.fract_transf_matrix[3][1]   -0.00190703 
_atom_sites.fract_transf_matrix[3][2]   0.00716352 
_atom_sites.fract_transf_matrix[3][3]   -0.00392929 
_atom_sites.fract_transf_vector[1]      -0.191562 
_atom_sites.fract_transf_vector[2]      0.213686 
_atom_sites.fract_transf_vector[3]      1.077627 
# 
loop_
_atom_type.symbol 
C  
MN 
N  
O  
S  
# 
loop_
_atom_site.group_PDB 
_atom_site.id 
_atom_site.type_symbol 
_atom_site.label_atom_id 
_atom_site.label_alt_id 
_atom_site.label_comp_id 
_atom_site.label_asym_id 
_atom_site.label_entity_id 
_atom_site.label_seq_id 
_atom_site.pdbx_PDB_ins_code 
_atom_site.Cartn_x 
_atom_site.Cartn_y 
_atom_site.Cartn_z 
_atom_site.occupancy 
_atom_site.B_iso_or_equiv 
_atom_site.pdbx_formal_charge 
_atom_site.auth_seq_id 
_atom_site.auth_comp_id 
_atom_site.auth_asym_id 
_atom_site.auth_atom_id 
_atom_site.pdbx_PDB_model_num 
ATOM   1    N  N   . ALA A 1 6   ? -18.035 13.244  8.148   1.00 50.27 ? 0    ALA A N   1 
ATOM   2    C  CA  . ALA A 1 6   ? -17.453 13.360  6.773   1.00 50.93 ? 0    ALA A CA  1 
ATOM   3    C  C   . ALA A 1 6   ? -16.300 12.367  6.647   1.00 52.53 ? 0    ALA A C   1 
ATOM   4    O  O   . ALA A 1 6   ? -15.546 12.176  7.604   1.00 51.34 ? 0    ALA A O   1 
ATOM   5    C  CB  . ALA A 1 6   ? -16.993 14.774  6.486   1.00 47.27 ? 0    ALA A CB  1 
ATOM   6    N  N   . MET A 1 7   ? -16.191 11.746  5.465   1.00 55.23 ? 1    MET A N   1 
ATOM   7    C  CA  . MET A 1 7   ? -15.067 10.876  5.122   1.00 52.29 ? 1    MET A CA  1 
ATOM   8    C  C   . MET A 1 7   ? -13.762 11.555  5.544   1.00 51.27 ? 1    MET A C   1 
ATOM   9    O  O   . MET A 1 7   ? -12.919 10.955  6.209   1.00 51.00 ? 1    MET A O   1 
ATOM   10   C  CB  . MET A 1 7   ? -15.011 10.607  3.615   1.00 50.74 ? 1    MET A CB  1 
ATOM   11   C  CG  . MET A 1 7   ? -13.809 9.783   3.207   1.00 49.53 ? 1    MET A CG  1 
ATOM   12   S  SD  . MET A 1 7   ? -13.639 8.305   4.245   1.00 48.99 ? 1    MET A SD  1 
ATOM   13   C  CE  . MET A 1 7   ? -14.745 7.172   3.407   1.00 46.92 ? 1    MET A CE  1 
ATOM   14   N  N   . GLU A 1 8   ? -13.644 12.826  5.157   1.00 49.85 ? 2    GLU A N   1 
ATOM   15   C  CA  . GLU A 1 8   ? -12.459 13.618  5.353   1.00 49.36 ? 2    GLU A CA  1 
ATOM   16   C  C   . GLU A 1 8   ? -12.080 13.712  6.839   1.00 48.11 ? 2    GLU A C   1 
ATOM   17   O  O   . GLU A 1 8   ? -10.913 13.531  7.212   1.00 47.39 ? 2    GLU A O   1 
ATOM   18   C  CB  . GLU A 1 8   ? -12.706 15.013  4.796   1.00 49.80 ? 2    GLU A CB  1 
ATOM   19   C  CG  . GLU A 1 8   ? -11.431 15.808  4.684   1.00 51.55 ? 2    GLU A CG  1 
ATOM   20   C  CD  . GLU A 1 8   ? -11.645 17.303  4.612   1.00 51.64 ? 2    GLU A CD  1 
ATOM   21   O  OE1 . GLU A 1 8   ? -12.766 17.706  4.243   1.00 51.68 ? 2    GLU A OE1 1 
ATOM   22   O  OE2 . GLU A 1 8   ? -10.687 18.050  4.916   1.00 50.57 ? 2    GLU A OE2 1 
ATOM   23   N  N   . ASP A 1 9   ? -13.064 14.041  7.677   1.00 47.32 ? 3    ASP A N   1 
ATOM   24   C  CA  . ASP A 1 9   ? -12.857 14.113  9.110   1.00 45.34 ? 3    ASP A CA  1 
ATOM   25   C  C   . ASP A 1 9   ? -12.209 12.809  9.572   1.00 41.23 ? 3    ASP A C   1 
ATOM   26   O  O   . ASP A 1 9   ? -11.147 12.832  10.195  1.00 38.78 ? 3    ASP A O   1 
ATOM   27   C  CB  . ASP A 1 9   ? -14.165 14.396  9.853   1.00 46.71 ? 3    ASP A CB  1 
ATOM   28   C  CG  . ASP A 1 9   ? -14.600 15.845  9.733   1.00 47.90 ? 3    ASP A CG  1 
ATOM   29   O  OD1 . ASP A 1 9   ? -15.034 16.243  8.627   1.00 47.96 ? 3    ASP A OD1 1 
ATOM   30   O  OD2 . ASP A 1 9   ? -14.456 16.575  10.732  1.00 47.60 ? 3    ASP A OD2 1 
ATOM   31   N  N   . PHE A 1 10  ? -12.849 11.691  9.219   1.00 39.75 ? 4    PHE A N   1 
ATOM   32   C  CA  . PHE A 1 10  ? -12.400 10.357  9.618   1.00 40.38 ? 4    PHE A CA  1 
ATOM   33   C  C   . PHE A 1 10  ? -10.911 10.179  9.296   1.00 39.26 ? 4    PHE A C   1 
ATOM   34   O  O   . PHE A 1 10  ? -10.168 9.704   10.140  1.00 40.90 ? 4    PHE A O   1 
ATOM   35   C  CB  . PHE A 1 10  ? -13.252 9.266   8.963   1.00 41.28 ? 4    PHE A CB  1 
ATOM   36   C  CG  . PHE A 1 10  ? -12.605 7.904   8.899   1.00 42.21 ? 4    PHE A CG  1 
ATOM   37   C  CD1 . PHE A 1 10  ? -12.481 7.114   10.035  1.00 44.17 ? 4    PHE A CD1 1 
ATOM   38   C  CD2 . PHE A 1 10  ? -12.121 7.404   7.702   1.00 41.76 ? 4    PHE A CD2 1 
ATOM   39   C  CE1 . PHE A 1 10  ? -11.875 5.863   9.978   1.00 42.96 ? 4    PHE A CE1 1 
ATOM   40   C  CE2 . PHE A 1 10  ? -11.517 6.154   7.648   1.00 42.41 ? 4    PHE A CE2 1 
ATOM   41   C  CZ  . PHE A 1 10  ? -11.392 5.386   8.785   1.00 41.86 ? 4    PHE A CZ  1 
ATOM   42   N  N   . VAL A 1 11  ? -10.479 10.589  8.098   1.00 37.30 ? 5    VAL A N   1 
ATOM   43   C  CA  . VAL A 1 11  ? -9.087  10.418  7.674   1.00 36.11 ? 5    VAL A CA  1 
ATOM   44   C  C   . VAL A 1 11  ? -8.154  11.119  8.668   1.00 37.97 ? 5    VAL A C   1 
ATOM   45   O  O   . VAL A 1 11  ? -7.189  10.530  9.132   1.00 37.50 ? 5    VAL A O   1 
ATOM   46   C  CB  . VAL A 1 11  ? -8.848  10.922  6.240   1.00 35.09 ? 5    VAL A CB  1 
ATOM   47   C  CG1 . VAL A 1 11  ? -7.370  10.935  5.885   1.00 34.43 ? 5    VAL A CG1 1 
ATOM   48   C  CG2 . VAL A 1 11  ? -9.625  10.100  5.226   1.00 35.12 ? 5    VAL A CG2 1 
ATOM   49   N  N   . ARG A 1 12  ? -8.444  12.376  9.006   1.00 42.14 ? 6    ARG A N   1 
ATOM   50   C  CA  . ARG A 1 12  ? -7.601  13.090  9.975   1.00 45.47 ? 6    ARG A CA  1 
ATOM   51   C  C   . ARG A 1 12  ? -7.724  12.445  11.359  1.00 45.55 ? 6    ARG A C   1 
ATOM   52   O  O   . ARG A 1 12  ? -6.772  12.431  12.108  1.00 49.43 ? 6    ARG A O   1 
ATOM   53   C  CB  . ARG A 1 12  ? -7.966  14.570  10.040  1.00 47.25 ? 6    ARG A CB  1 
ATOM   54   C  CG  . ARG A 1 12  ? -7.935  15.232  8.674   1.00 49.14 ? 6    ARG A CG  1 
ATOM   55   C  CD  . ARG A 1 12  ? -7.180  16.546  8.675   1.00 51.66 ? 6    ARG A CD  1 
ATOM   56   N  NE  . ARG A 1 12  ? -6.910  16.971  7.313   1.00 53.56 ? 6    ARG A NE  1 
ATOM   57   C  CZ  . ARG A 1 12  ? -7.851  17.152  6.388   1.00 57.00 ? 6    ARG A CZ  1 
ATOM   58   N  NH1 . ARG A 1 12  ? -9.122  16.914  6.682   1.00 54.71 ? 6    ARG A NH1 1 
ATOM   59   N  NH2 . ARG A 1 12  ? -7.522  17.567  5.176   1.00 57.14 ? 6    ARG A NH2 1 
ATOM   60   N  N   . GLN A 1 13  ? -8.897  11.891  11.662  1.00 44.54 ? 7    GLN A N   1 
ATOM   61   C  CA  . GLN A 1 13  ? -9.184  11.332  12.965  1.00 45.17 ? 7    GLN A CA  1 
ATOM   62   C  C   . GLN A 1 13  ? -8.583  9.928   13.150  1.00 44.09 ? 7    GLN A C   1 
ATOM   63   O  O   . GLN A 1 13  ? -8.506  9.474   14.284  1.00 45.52 ? 7    GLN A O   1 
ATOM   64   C  CB  . GLN A 1 13  ? -10.699 11.312  13.181  1.00 47.46 ? 7    GLN A CB  1 
ATOM   65   C  CG  . GLN A 1 13  ? -11.201 12.527  13.951  1.00 50.02 ? 7    GLN A CG  1 
ATOM   66   C  CD  . GLN A 1 13  ? -12.406 13.210  13.346  1.00 51.13 ? 7    GLN A CD  1 
ATOM   67   O  OE1 . GLN A 1 13  ? -13.305 12.567  12.806  1.00 53.47 ? 7    GLN A OE1 1 
ATOM   68   N  NE2 . GLN A 1 13  ? -12.436 14.532  13.453  1.00 48.43 ? 7    GLN A NE2 1 
ATOM   69   N  N   . CYS A 1 14  ? -8.179  9.232   12.077  1.00 42.28 ? 8    CYS A N   1 
ATOM   70   C  CA  . CYS A 1 14  ? -7.824  7.787   12.202  1.00 43.22 ? 8    CYS A CA  1 
ATOM   71   C  C   . CYS A 1 14  ? -6.431  7.466   11.635  1.00 44.20 ? 8    CYS A C   1 
ATOM   72   O  O   . CYS A 1 14  ? -6.044  6.299   11.639  1.00 49.71 ? 8    CYS A O   1 
ATOM   73   C  CB  . CYS A 1 14  ? -8.865  6.884   11.535  1.00 42.71 ? 8    CYS A CB  1 
ATOM   74   S  SG  . CYS A 1 14  ? -9.044  5.233   12.277  1.00 36.24 ? 8    CYS A SG  1 
ATOM   75   N  N   . PHE A 1 15  ? -5.669  8.464   11.170  1.00 43.77 ? 9    PHE A N   1 
ATOM   76   C  CA  . PHE A 1 15  ? -4.317  8.212   10.620  1.00 42.33 ? 9    PHE A CA  1 
ATOM   77   C  C   . PHE A 1 15  ? -3.309  9.183   11.249  1.00 41.51 ? 9    PHE A C   1 
ATOM   78   O  O   . PHE A 1 15  ? -3.623  10.344  11.503  1.00 42.37 ? 9    PHE A O   1 
ATOM   79   C  CB  . PHE A 1 15  ? -4.312  8.332   9.091   1.00 41.60 ? 9    PHE A CB  1 
ATOM   80   C  CG  . PHE A 1 15  ? -5.024  7.224   8.354   1.00 40.43 ? 9    PHE A CG  1 
ATOM   81   C  CD1 . PHE A 1 15  ? -4.476  5.953   8.266   1.00 41.46 ? 9    PHE A CD1 1 
ATOM   82   C  CD2 . PHE A 1 15  ? -6.241  7.455   7.733   1.00 40.33 ? 9    PHE A CD2 1 
ATOM   83   C  CE1 . PHE A 1 15  ? -5.137  4.936   7.593   1.00 41.39 ? 9    PHE A CE1 1 
ATOM   84   C  CE2 . PHE A 1 15  ? -6.901  6.439   7.063   1.00 41.46 ? 9    PHE A CE2 1 
ATOM   85   C  CZ  . PHE A 1 15  ? -6.346  5.182   6.988   1.00 41.52 ? 9    PHE A CZ  1 
ATOM   86   N  N   . ASN A 1 16  ? -2.089  8.689   11.480  1.00 41.24 ? 10   ASN A N   1 
ATOM   87   C  CA  . ASN A 1 16  ? -1.007  9.498   12.035  1.00 43.33 ? 10   ASN A CA  1 
ATOM   88   C  C   . ASN A 1 16  ? -0.671  10.587  11.013  1.00 44.63 ? 10   ASN A C   1 
ATOM   89   O  O   . ASN A 1 16  ? -0.547  10.288  9.827   1.00 43.98 ? 10   ASN A O   1 
ATOM   90   C  CB  . ASN A 1 16  ? 0.165   8.619   12.500  1.00 44.15 ? 10   ASN A CB  1 
ATOM   91   C  CG  . ASN A 1 16  ? 1.513   8.986   11.909  1.00 45.38 ? 10   ASN A CG  1 
ATOM   92   O  OD1 . ASN A 1 16  ? 2.017   10.086  12.121  1.00 43.21 ? 10   ASN A OD1 1 
ATOM   93   N  ND2 . ASN A 1 16  ? 2.122   8.054   11.187  1.00 49.51 ? 10   ASN A ND2 1 
ATOM   94   N  N   . PRO A 1 17  ? -0.534  11.872  11.441  1.00 46.03 ? 11   PRO A N   1 
ATOM   95   C  CA  . PRO A 1 17  ? -0.427  13.016  10.529  1.00 45.04 ? 11   PRO A CA  1 
ATOM   96   C  C   . PRO A 1 17  ? 0.579   12.854  9.376   1.00 46.61 ? 11   PRO A C   1 
ATOM   97   O  O   . PRO A 1 17  ? 0.302   13.280  8.250   1.00 45.40 ? 11   PRO A O   1 
ATOM   98   C  CB  . PRO A 1 17  ? 0.064   14.151  11.438  1.00 44.08 ? 11   PRO A CB  1 
ATOM   99   C  CG  . PRO A 1 17  ? -0.479  13.804  12.798  1.00 44.05 ? 11   PRO A CG  1 
ATOM   100  C  CD  . PRO A 1 17  ? -0.459  12.293  12.852  1.00 45.07 ? 11   PRO A CD  1 
ATOM   101  N  N   . MET A 1 18  ? 1.742   12.263  9.676   1.00 48.28 ? 12   MET A N   1 
ATOM   102  C  CA  . MET A 1 18  ? 2.749   11.989  8.669   1.00 49.83 ? 12   MET A CA  1 
ATOM   103  C  C   . MET A 1 18  ? 2.047   11.412  7.442   1.00 47.38 ? 12   MET A C   1 
ATOM   104  O  O   . MET A 1 18  ? 2.309   11.846  6.341   1.00 50.82 ? 12   MET A O   1 
ATOM   105  C  CB  . MET A 1 18  ? 3.801   10.991  9.167   1.00 55.29 ? 12   MET A CB  1 
ATOM   106  C  CG  . MET A 1 18  ? 4.803   10.578  8.092   1.00 60.20 ? 12   MET A CG  1 
ATOM   107  S  SD  . MET A 1 18  ? 6.108   9.446   8.678   1.00 70.71 ? 12   MET A SD  1 
ATOM   108  C  CE  . MET A 1 18  ? 5.132   8.099   9.354   1.00 67.89 ? 12   MET A CE  1 
ATOM   109  N  N   . ILE A 1 19  ? 1.141   10.453  7.673   1.00 45.10 ? 13   ILE A N   1 
ATOM   110  C  CA  . ILE A 1 19  ? 0.415   9.750   6.611   1.00 42.83 ? 13   ILE A CA  1 
ATOM   111  C  C   . ILE A 1 19  ? -0.615  10.681  5.958   1.00 39.11 ? 13   ILE A C   1 
ATOM   112  O  O   . ILE A 1 19  ? -0.759  10.673  4.747   1.00 38.68 ? 13   ILE A O   1 
ATOM   113  C  CB  . ILE A 1 19  ? -0.242  8.463   7.146   1.00 43.05 ? 13   ILE A CB  1 
ATOM   114  C  CG1 . ILE A 1 19  ? 0.802   7.372   7.390   1.00 44.05 ? 13   ILE A CG1 1 
ATOM   115  C  CG2 . ILE A 1 19  ? -1.346  7.992   6.209   1.00 43.88 ? 13   ILE A CG2 1 
ATOM   116  C  CD1 . ILE A 1 19  ? 0.222   6.031   7.763   1.00 45.51 ? 13   ILE A CD1 1 
ATOM   117  N  N   . VAL A 1 20  ? -1.345  11.454  6.763   1.00 36.99 ? 14   VAL A N   1 
ATOM   118  C  CA  . VAL A 1 20  ? -2.330  12.390  6.222   1.00 36.73 ? 14   VAL A CA  1 
ATOM   119  C  C   . VAL A 1 20  ? -1.586  13.438  5.378   1.00 36.41 ? 14   VAL A C   1 
ATOM   120  O  O   . VAL A 1 20  ? -1.901  13.612  4.197   1.00 34.31 ? 14   VAL A O   1 
ATOM   121  C  CB  . VAL A 1 20  ? -3.194  13.038  7.324   1.00 34.94 ? 14   VAL A CB  1 
ATOM   122  C  CG1 . VAL A 1 20  ? -4.259  13.956  6.734   1.00 33.63 ? 14   VAL A CG1 1 
ATOM   123  C  CG2 . VAL A 1 20  ? -3.836  11.997  8.229   1.00 34.36 ? 14   VAL A CG2 1 
ATOM   124  N  N   . GLU A 1 21  ? -0.585  14.092  5.986   1.00 37.41 ? 15   GLU A N   1 
ATOM   125  C  CA  . GLU A 1 21  ? 0.257   15.117  5.330   1.00 38.82 ? 15   GLU A CA  1 
ATOM   126  C  C   . GLU A 1 21  ? 0.798   14.592  3.980   1.00 38.30 ? 15   GLU A C   1 
ATOM   127  O  O   . GLU A 1 21  ? 0.761   15.304  2.971   1.00 37.63 ? 15   GLU A O   1 
ATOM   128  C  CB  . GLU A 1 21  ? 1.383   15.575  6.268   1.00 38.49 ? 15   GLU A CB  1 
ATOM   129  C  CG  . GLU A 1 21  ? 1.979   16.921  5.879   1.00 39.85 ? 15   GLU A CG  1 
ATOM   130  C  CD  . GLU A 1 21  ? 3.445   17.136  6.236   1.00 43.37 ? 15   GLU A CD  1 
ATOM   131  O  OE1 . GLU A 1 21  ? 3.754   17.109  7.441   1.00 46.53 ? 15   GLU A OE1 1 
ATOM   132  O  OE2 . GLU A 1 21  ? 4.284   17.345  5.309   1.00 43.33 ? 15   GLU A OE2 1 
ATOM   133  N  N   . LEU A 1 22  ? 1.288   13.346  3.954   1.00 37.07 ? 16   LEU A N   1 
ATOM   134  C  CA  . LEU A 1 22  ? 1.814   12.739  2.732   1.00 37.82 ? 16   LEU A CA  1 
ATOM   135  C  C   . LEU A 1 22  ? 0.689   12.549  1.702   1.00 38.76 ? 16   LEU A C   1 
ATOM   136  O  O   . LEU A 1 22  ? 0.891   12.803  0.519   1.00 40.71 ? 16   LEU A O   1 
ATOM   137  C  CB  . LEU A 1 22  ? 2.469   11.389  3.055   1.00 38.47 ? 16   LEU A CB  1 
ATOM   138  C  CG  . LEU A 1 22  ? 3.814   11.411  3.786   1.00 38.34 ? 16   LEU A CG  1 
ATOM   139  C  CD1 . LEU A 1 22  ? 4.425   10.018  3.826   1.00 37.37 ? 16   LEU A CD1 1 
ATOM   140  C  CD2 . LEU A 1 22  ? 4.790   12.387  3.154   1.00 38.78 ? 16   LEU A CD2 1 
ATOM   141  N  N   . ALA A 1 23  ? -0.477  12.074  2.149   1.00 38.30 ? 17   ALA A N   1 
ATOM   142  C  CA  . ALA A 1 23  ? -1.605  11.791  1.266   1.00 38.91 ? 17   ALA A CA  1 
ATOM   143  C  C   . ALA A 1 23  ? -2.162  13.090  0.667   1.00 40.74 ? 17   ALA A C   1 
ATOM   144  O  O   . ALA A 1 23  ? -2.616  13.104  -0.487  1.00 38.30 ? 17   ALA A O   1 
ATOM   145  C  CB  . ALA A 1 23  ? -2.673  11.048  2.025   1.00 39.97 ? 17   ALA A CB  1 
ATOM   146  N  N   . GLU A 1 24  ? -2.146  14.168  1.464   1.00 43.74 ? 18   GLU A N   1 
ATOM   147  C  CA  . GLU A 1 24  ? -2.603  15.489  1.010   1.00 44.48 ? 18   GLU A CA  1 
ATOM   148  C  C   . GLU A 1 24  ? -1.661  15.976  -0.092  1.00 46.14 ? 18   GLU A C   1 
ATOM   149  O  O   . GLU A 1 24  ? -2.118  16.334  -1.178  1.00 45.72 ? 18   GLU A O   1 
ATOM   150  C  CB  . GLU A 1 24  ? -2.657  16.506  2.152   1.00 43.25 ? 18   GLU A CB  1 
ATOM   151  C  CG  . GLU A 1 24  ? -3.672  16.154  3.222   1.00 44.14 ? 18   GLU A CG  1 
ATOM   152  C  CD  . GLU A 1 24  ? -4.576  17.279  3.692   1.00 43.84 ? 18   GLU A CD  1 
ATOM   153  O  OE1 . GLU A 1 24  ? -4.937  17.282  4.895   1.00 41.52 ? 18   GLU A OE1 1 
ATOM   154  O  OE2 . GLU A 1 24  ? -4.942  18.130  2.853   1.00 43.12 ? 18   GLU A OE2 1 
ATOM   155  N  N   . LYS A 1 25  ? -0.356  15.966  0.219   1.00 49.82 ? 19   LYS A N   1 
ATOM   156  C  CA  . LYS A 1 25  ? 0.727   16.377  -0.697  1.00 52.06 ? 19   LYS A CA  1 
ATOM   157  C  C   . LYS A 1 25  ? 0.604   15.589  -2.014  1.00 49.27 ? 19   LYS A C   1 
ATOM   158  O  O   . LYS A 1 25  ? 0.599   16.183  -3.092  1.00 47.75 ? 19   LYS A O   1 
ATOM   159  C  CB  . LYS A 1 25  ? 2.087   16.183  -0.012  1.00 54.71 ? 19   LYS A CB  1 
ATOM   160  C  CG  . LYS A 1 25  ? 3.283   16.855  -0.678  1.00 56.49 ? 19   LYS A CG  1 
ATOM   161  C  CD  . LYS A 1 25  ? 4.542   16.004  -0.615  1.00 59.19 ? 19   LYS A CD  1 
ATOM   162  C  CE  . LYS A 1 25  ? 5.823   16.778  -0.861  1.00 59.90 ? 19   LYS A CE  1 
ATOM   163  N  NZ  . LYS A 1 25  ? 7.013   15.898  -0.781  1.00 59.42 ? 19   LYS A NZ  1 
ATOM   164  N  N   . ALA A 1 26  ? 0.463   14.261  -1.910  1.00 46.67 ? 20   ALA A N   1 
ATOM   165  C  CA  . ALA A 1 26  ? 0.320   13.378  -3.068  1.00 46.62 ? 20   ALA A CA  1 
ATOM   166  C  C   . ALA A 1 26  ? -0.823  13.866  -3.962  1.00 46.87 ? 20   ALA A C   1 
ATOM   167  O  O   . ALA A 1 26  ? -0.650  13.987  -5.167  1.00 49.14 ? 20   ALA A O   1 
ATOM   168  C  CB  . ALA A 1 26  ? 0.093   11.951  -2.627  1.00 46.24 ? 20   ALA A CB  1 
ATOM   169  N  N   . MET A 1 27  ? -1.982  14.153  -3.358  1.00 47.17 ? 21   MET A N   1 
ATOM   170  C  CA  . MET A 1 27  ? -3.188  14.493  -4.118  1.00 48.50 ? 21   MET A CA  1 
ATOM   171  C  C   . MET A 1 27  ? -3.052  15.893  -4.731  1.00 53.21 ? 21   MET A C   1 
ATOM   172  O  O   . MET A 1 27  ? -3.153  16.051  -5.953  1.00 55.21 ? 21   MET A O   1 
ATOM   173  C  CB  . MET A 1 27  ? -4.434  14.435  -3.229  1.00 44.69 ? 21   MET A CB  1 
ATOM   174  C  CG  . MET A 1 27  ? -4.841  13.020  -2.877  1.00 41.96 ? 21   MET A CG  1 
ATOM   175  S  SD  . MET A 1 27  ? -6.344  12.956  -1.888  1.00 37.82 ? 21   MET A SD  1 
ATOM   176  C  CE  . MET A 1 27  ? -7.585  12.803  -3.167  1.00 36.07 ? 21   MET A CE  1 
ATOM   177  N  N   . LYS A 1 28  ? -2.779  16.879  -3.869  1.00 58.31 ? 22   LYS A N   1 
ATOM   178  C  CA  . LYS A 1 28  ? -2.859  18.308  -4.187  1.00 58.39 ? 22   LYS A CA  1 
ATOM   179  C  C   . LYS A 1 28  ? -1.767  18.724  -5.180  1.00 57.11 ? 22   LYS A C   1 
ATOM   180  O  O   . LYS A 1 28  ? -1.904  19.747  -5.825  1.00 59.95 ? 22   LYS A O   1 
ATOM   181  C  CB  . LYS A 1 28  ? -2.756  19.132  -2.901  1.00 60.30 ? 22   LYS A CB  1 
ATOM   182  C  CG  . LYS A 1 28  ? -3.899  18.923  -1.914  1.00 62.91 ? 22   LYS A CG  1 
ATOM   183  C  CD  . LYS A 1 28  ? -3.831  19.829  -0.693  1.00 65.20 ? 22   LYS A CD  1 
ATOM   184  C  CE  . LYS A 1 28  ? -5.199  20.201  -0.157  1.00 66.90 ? 22   LYS A CE  1 
ATOM   185  N  NZ  . LYS A 1 28  ? -5.119  21.274  0.860   1.00 67.05 ? 22   LYS A NZ  1 
ATOM   186  N  N   . GLU A 1 29  ? -0.694  17.936  -5.298  1.00 55.85 ? 23   GLU A N   1 
ATOM   187  C  CA  . GLU A 1 29  ? 0.318   18.172  -6.325  1.00 56.62 ? 23   GLU A CA  1 
ATOM   188  C  C   . GLU A 1 29  ? -0.229  17.778  -7.704  1.00 54.52 ? 23   GLU A C   1 
ATOM   189  O  O   . GLU A 1 29  ? -0.050  18.521  -8.661  1.00 53.48 ? 23   GLU A O   1 
ATOM   190  C  CB  . GLU A 1 29  ? 1.611   17.415  -6.018  1.00 59.26 ? 23   GLU A CB  1 
ATOM   191  C  CG  . GLU A 1 29  ? 2.412   18.038  -4.888  1.00 61.12 ? 23   GLU A CG  1 
ATOM   192  C  CD  . GLU A 1 29  ? 3.894   17.712  -4.894  1.00 62.70 ? 23   GLU A CD  1 
ATOM   193  O  OE1 . GLU A 1 29  ? 4.498   17.723  -3.796  1.00 64.83 ? 23   GLU A OE1 1 
ATOM   194  O  OE2 . GLU A 1 29  ? 4.439   17.455  -5.994  1.00 60.98 ? 23   GLU A OE2 1 
ATOM   195  N  N   . TYR A 1 30  ? -0.887  16.616  -7.797  1.00 53.63 ? 24   TYR A N   1 
ATOM   196  C  CA  . TYR A 1 30  ? -1.403  16.129  -9.074  1.00 56.42 ? 24   TYR A CA  1 
ATOM   197  C  C   . TYR A 1 30  ? -2.732  16.836  -9.383  1.00 56.77 ? 24   TYR A C   1 
ATOM   198  O  O   . TYR A 1 30  ? -3.272  16.680  -10.471 1.00 56.59 ? 24   TYR A O   1 
ATOM   199  C  CB  . TYR A 1 30  ? -1.436  14.596  -9.081  1.00 60.88 ? 24   TYR A CB  1 
ATOM   200  C  CG  . TYR A 1 30  ? -0.094  13.978  -8.762  1.00 69.00 ? 24   TYR A CG  1 
ATOM   201  C  CD1 . TYR A 1 30  ? 1.051   14.388  -9.430  1.00 69.23 ? 24   TYR A CD1 1 
ATOM   202  C  CD2 . TYR A 1 30  ? 0.057   13.015  -7.769  1.00 76.92 ? 24   TYR A CD2 1 
ATOM   203  C  CE1 . TYR A 1 30  ? 2.298   13.861  -9.131  1.00 71.03 ? 24   TYR A CE1 1 
ATOM   204  C  CE2 . TYR A 1 30  ? 1.299   12.480  -7.454  1.00 75.43 ? 24   TYR A CE2 1 
ATOM   205  C  CZ  . TYR A 1 30  ? 2.428   12.908  -8.137  1.00 73.37 ? 24   TYR A CZ  1 
ATOM   206  O  OH  . TYR A 1 30  ? 3.669   12.407  -7.867  1.00 70.99 ? 24   TYR A OH  1 
ATOM   207  N  N   . GLY A 1 31  ? -3.221  17.647  -8.434  1.00 57.71 ? 25   GLY A N   1 
ATOM   208  C  CA  . GLY A 1 31  ? -4.322  18.604  -8.651  1.00 55.67 ? 25   GLY A CA  1 
ATOM   209  C  C   . GLY A 1 31  ? -5.674  18.076  -8.190  1.00 54.55 ? 25   GLY A C   1 
ATOM   210  O  O   . GLY A 1 31  ? -6.719  18.508  -8.691  1.00 52.16 ? 25   GLY A O   1 
ATOM   211  N  N   . GLU A 1 32  ? -5.651  17.151  -7.224  1.00 53.63 ? 26   GLU A N   1 
ATOM   212  C  CA  . GLU A 1 32  ? -6.835  16.491  -6.684  1.00 50.02 ? 26   GLU A CA  1 
ATOM   213  C  C   . GLU A 1 32  ? -7.122  17.063  -5.296  1.00 47.42 ? 26   GLU A C   1 
ATOM   214  O  O   . GLU A 1 32  ? -6.201  17.229  -4.498  1.00 49.04 ? 26   GLU A O   1 
ATOM   215  C  CB  . GLU A 1 32  ? -6.616  14.980  -6.562  1.00 49.24 ? 26   GLU A CB  1 
ATOM   216  C  CG  . GLU A 1 32  ? -6.583  14.246  -7.888  1.00 49.16 ? 26   GLU A CG  1 
ATOM   217  C  CD  . GLU A 1 32  ? -7.133  12.828  -7.855  1.00 49.37 ? 26   GLU A CD  1 
ATOM   218  O  OE1 . GLU A 1 32  ? -6.351  11.904  -8.135  1.00 48.39 ? 26   GLU A OE1 1 
ATOM   219  O  OE2 . GLU A 1 32  ? -8.353  12.652  -7.580  1.00 49.18 ? 26   GLU A OE2 1 
ATOM   220  N  N   . ASP A 1 33  ? -8.402  17.323  -5.017  1.00 45.81 ? 27   ASP A N   1 
ATOM   221  C  CA  . ASP A 1 33  ? -8.840  17.879  -3.727  1.00 45.41 ? 27   ASP A CA  1 
ATOM   222  C  C   . ASP A 1 33  ? -9.267  16.743  -2.793  1.00 42.49 ? 27   ASP A C   1 
ATOM   223  O  O   . ASP A 1 33  ? -10.218 16.013  -3.073  1.00 38.91 ? 27   ASP A O   1 
ATOM   224  C  CB  . ASP A 1 33  ? -9.959  18.907  -3.926  1.00 46.43 ? 27   ASP A CB  1 
ATOM   225  C  CG  . ASP A 1 33  ? -10.181 19.844  -2.750  1.00 46.96 ? 27   ASP A CG  1 
ATOM   226  O  OD1 . ASP A 1 33  ? -9.627  19.568  -1.660  1.00 45.61 ? 27   ASP A OD1 1 
ATOM   227  O  OD2 . ASP A 1 33  ? -10.909 20.850  -2.942  1.00 49.33 ? 27   ASP A OD2 1 
ATOM   228  N  N   . PRO A 1 34  ? -8.577  16.544  -1.647  1.00 40.83 ? 28   PRO A N   1 
ATOM   229  C  CA  . PRO A 1 34  ? -9.013  15.554  -0.661  1.00 40.28 ? 28   PRO A CA  1 
ATOM   230  C  C   . PRO A 1 34  ? -10.327 15.918  0.051   1.00 39.87 ? 28   PRO A C   1 
ATOM   231  O  O   . PRO A 1 34  ? -10.922 15.053  0.730   1.00 37.14 ? 28   PRO A O   1 
ATOM   232  C  CB  . PRO A 1 34  ? -7.845  15.459  0.333   1.00 39.24 ? 28   PRO A CB  1 
ATOM   233  C  CG  . PRO A 1 34  ? -7.035  16.716  0.124   1.00 39.75 ? 28   PRO A CG  1 
ATOM   234  C  CD  . PRO A 1 34  ? -7.307  17.188  -1.287  1.00 39.95 ? 28   PRO A CD  1 
ATOM   235  N  N   . LYS A 1 35  ? -10.767 17.175  -0.112  1.00 40.24 ? 29   LYS A N   1 
ATOM   236  C  CA  . LYS A 1 35  ? -12.049 17.659  0.420   1.00 40.79 ? 29   LYS A CA  1 
ATOM   237  C  C   . LYS A 1 35  ? -13.191 17.266  -0.523  1.00 37.10 ? 29   LYS A C   1 
ATOM   238  O  O   . LYS A 1 35  ? -14.347 17.346  -0.144  1.00 36.57 ? 29   LYS A O   1 
ATOM   239  C  CB  . LYS A 1 35  ? -12.012 19.173  0.671   1.00 43.99 ? 29   LYS A CB  1 
ATOM   240  C  CG  . LYS A 1 35  ? -11.454 19.578  2.035   1.00 47.93 ? 29   LYS A CG  1 
ATOM   241  C  CD  . LYS A 1 35  ? -10.518 20.775  2.023   1.00 51.88 ? 29   LYS A CD  1 
ATOM   242  C  CE  . LYS A 1 35  ? -9.639  20.880  3.254   1.00 52.32 ? 29   LYS A CE  1 
ATOM   243  N  NZ  . LYS A 1 35  ? -8.234  21.194  2.895   1.00 54.52 ? 29   LYS A NZ  1 
ATOM   244  N  N   . ILE A 1 36  ? -12.849 16.831  -1.740  1.00 35.62 ? 30   ILE A N   1 
ATOM   245  C  CA  . ILE A 1 36  ? -13.827 16.439  -2.759  1.00 35.10 ? 30   ILE A CA  1 
ATOM   246  C  C   . ILE A 1 36  ? -13.669 14.935  -3.048  1.00 36.01 ? 30   ILE A C   1 
ATOM   247  O  O   . ILE A 1 36  ? -14.629 14.161  -2.910  1.00 36.85 ? 30   ILE A O   1 
ATOM   248  C  CB  . ILE A 1 36  ? -13.677 17.317  -4.021  1.00 32.52 ? 30   ILE A CB  1 
ATOM   249  C  CG1 . ILE A 1 36  ? -14.000 18.787  -3.735  1.00 31.25 ? 30   ILE A CG1 1 
ATOM   250  C  CG2 . ILE A 1 36  ? -14.523 16.769  -5.151  1.00 32.55 ? 30   ILE A CG2 1 
ATOM   251  C  CD1 . ILE A 1 36  ? -13.442 19.760  -4.754  1.00 30.85 ? 30   ILE A CD1 1 
ATOM   252  N  N   . GLU A 1 37  ? -12.452 14.525  -3.428  1.00 35.46 ? 31   GLU A N   1 
ATOM   253  C  CA  . GLU A 1 37  ? -12.137 13.126  -3.721  1.00 35.17 ? 31   GLU A CA  1 
ATOM   254  C  C   . GLU A 1 37  ? -11.765 12.428  -2.402  1.00 32.25 ? 31   GLU A C   1 
ATOM   255  O  O   . GLU A 1 37  ? -10.647 11.964  -2.205  1.00 31.54 ? 31   GLU A O   1 
ATOM   256  C  CB  . GLU A 1 37  ? -11.044 13.049  -4.802  1.00 37.59 ? 31   GLU A CB  1 
ATOM   257  C  CG  . GLU A 1 37  ? -11.550 13.238  -6.230  1.00 38.47 ? 31   GLU A CG  1 
ATOM   258  C  CD  . GLU A 1 37  ? -12.668 12.286  -6.651  1.00 41.04 ? 31   GLU A CD  1 
ATOM   259  O  OE1 . GLU A 1 37  ? -13.857 12.685  -6.572  1.00 40.96 ? 31   GLU A OE1 1 
ATOM   260  O  OE2 . GLU A 1 37  ? -12.353 11.143  -7.052  1.00 43.09 ? 31   GLU A OE2 1 
ATOM   261  N  N   . THR A 1 38  ? -12.740 12.349  -1.497  1.00 30.18 ? 32   THR A N   1 
ATOM   262  C  CA  . THR A 1 38  ? -12.487 11.985  -0.114  1.00 28.97 ? 32   THR A CA  1 
ATOM   263  C  C   . THR A 1 38  ? -12.121 10.500  -0.028  1.00 27.77 ? 32   THR A C   1 
ATOM   264  O  O   . THR A 1 38  ? -11.239 10.142  0.714   1.00 27.28 ? 32   THR A O   1 
ATOM   265  C  CB  . THR A 1 38  ? -13.686 12.317  0.790   1.00 29.05 ? 32   THR A CB  1 
ATOM   266  O  OG1 . THR A 1 38  ? -14.814 11.557  0.347   1.00 29.45 ? 32   THR A OG1 1 
ATOM   267  C  CG2 . THR A 1 38  ? -14.034 13.789  0.812   1.00 28.06 ? 32   THR A CG2 1 
ATOM   268  N  N   . ASN A 1 39  ? -12.808 9.653   -0.803  1.00 28.45 ? 33   ASN A N   1 
ATOM   269  C  CA  . ASN A 1 39  ? -12.659 8.192   -0.733  1.00 28.44 ? 33   ASN A CA  1 
ATOM   270  C  C   . ASN A 1 39  ? -11.283 7.781   -1.271  1.00 27.64 ? 33   ASN A C   1 
ATOM   271  O  O   . ASN A 1 39  ? -10.678 6.870   -0.750  1.00 27.64 ? 33   ASN A O   1 
ATOM   272  C  CB  . ASN A 1 39  ? -13.771 7.451   -1.479  1.00 29.86 ? 33   ASN A CB  1 
ATOM   273  C  CG  . ASN A 1 39  ? -15.130 7.532   -0.810  1.00 31.73 ? 33   ASN A CG  1 
ATOM   274  O  OD1 . ASN A 1 39  ? -15.326 8.282   0.153   1.00 33.27 ? 33   ASN A OD1 1 
ATOM   275  N  ND2 . ASN A 1 39  ? -16.080 6.765   -1.327  1.00 30.70 ? 33   ASN A ND2 1 
ATOM   276  N  N   . LYS A 1 40  ? -10.801 8.461   -2.314  1.00 27.35 ? 34   LYS A N   1 
ATOM   277  C  CA  . LYS A 1 40  ? -9.426  8.306   -2.782  1.00 26.91 ? 34   LYS A CA  1 
ATOM   278  C  C   . LYS A 1 40  ? -8.456  8.691   -1.660  1.00 26.00 ? 34   LYS A C   1 
ATOM   279  O  O   . LYS A 1 40  ? -7.523  7.973   -1.359  1.00 24.70 ? 34   LYS A O   1 
ATOM   280  C  CB  . LYS A 1 40  ? -9.194  9.171   -4.022  1.00 28.42 ? 34   LYS A CB  1 
ATOM   281  C  CG  . LYS A 1 40  ? -7.765  9.178   -4.546  1.00 29.91 ? 34   LYS A CG  1 
ATOM   282  C  CD  . LYS A 1 40  ? -7.639  9.638   -5.988  1.00 30.89 ? 34   LYS A CD  1 
ATOM   283  C  CE  . LYS A 1 40  ? -7.175  8.530   -6.910  1.00 32.55 ? 34   LYS A CE  1 
ATOM   284  N  NZ  . LYS A 1 40  ? -7.248  8.931   -8.335  1.00 33.95 ? 34   LYS A NZ  1 
ATOM   285  N  N   . PHE A 1 41  ? -8.700  9.849   -1.043  1.00 27.80 ? 35   PHE A N   1 
ATOM   286  C  CA  . PHE A 1 41  ? -7.933  10.333  0.118   1.00 27.14 ? 35   PHE A CA  1 
ATOM   287  C  C   . PHE A 1 41  ? -7.813  9.203   1.144   1.00 26.15 ? 35   PHE A C   1 
ATOM   288  O  O   . PHE A 1 41  ? -6.706  8.839   1.541   1.00 26.37 ? 35   PHE A O   1 
ATOM   289  C  CB  . PHE A 1 41  ? -8.605  11.578  0.704   1.00 26.94 ? 35   PHE A CB  1 
ATOM   290  C  CG  . PHE A 1 41  ? -7.835  12.313  1.769   1.00 28.12 ? 35   PHE A CG  1 
ATOM   291  C  CD1 . PHE A 1 41  ? -6.467  12.527  1.654   1.00 29.65 ? 35   PHE A CD1 1 
ATOM   292  C  CD2 . PHE A 1 41  ? -8.495  12.853  2.865   1.00 28.60 ? 35   PHE A CD2 1 
ATOM   293  C  CE1 . PHE A 1 41  ? -5.775  13.230  2.630   1.00 29.64 ? 35   PHE A CE1 1 
ATOM   294  C  CE2 . PHE A 1 41  ? -7.802  13.557  3.838   1.00 28.62 ? 35   PHE A CE2 1 
ATOM   295  C  CZ  . PHE A 1 41  ? -6.443  13.741  3.721   1.00 29.11 ? 35   PHE A CZ  1 
ATOM   296  N  N   . ALA A 1 42  ? -8.965  8.635   1.519   1.00 24.88 ? 36   ALA A N   1 
ATOM   297  C  CA  . ALA A 1 42  ? -9.036  7.584   2.518   1.00 24.37 ? 36   ALA A CA  1 
ATOM   298  C  C   . ALA A 1 42  ? -8.233  6.370   2.047   1.00 24.91 ? 36   ALA A C   1 
ATOM   299  O  O   . ALA A 1 42  ? -7.467  5.823   2.829   1.00 26.60 ? 36   ALA A O   1 
ATOM   300  C  CB  . ALA A 1 42  ? -10.467 7.219   2.810   1.00 23.70 ? 36   ALA A CB  1 
ATOM   301  N  N   . ALA A 1 43  ? -8.407  5.979   0.777   1.00 24.46 ? 37   ALA A N   1 
ATOM   302  C  CA  . ALA A 1 43  ? -7.716  4.830   0.189   1.00 23.53 ? 37   ALA A CA  1 
ATOM   303  C  C   . ALA A 1 43  ? -6.201  5.058   0.173   1.00 24.11 ? 37   ALA A C   1 
ATOM   304  O  O   . ALA A 1 43  ? -5.459  4.168   0.555   1.00 24.33 ? 37   ALA A O   1 
ATOM   305  C  CB  . ALA A 1 43  ? -8.231  4.556   -1.194  1.00 23.06 ? 37   ALA A CB  1 
ATOM   306  N  N   . ILE A 1 44  ? -5.756  6.251   -0.241  1.00 25.91 ? 38   ILE A N   1 
ATOM   307  C  CA  . ILE A 1 44  ? -4.304  6.588   -0.346  1.00 28.87 ? 38   ILE A CA  1 
ATOM   308  C  C   . ILE A 1 44  ? -3.605  6.431   1.016   1.00 30.82 ? 38   ILE A C   1 
ATOM   309  O  O   . ILE A 1 44  ? -2.482  5.890   1.102   1.00 29.46 ? 38   ILE A O   1 
ATOM   310  C  CB  . ILE A 1 44  ? -4.092  8.013   -0.901  1.00 28.80 ? 38   ILE A CB  1 
ATOM   311  C  CG1 . ILE A 1 44  ? -4.163  8.040   -2.431  1.00 28.79 ? 38   ILE A CG1 1 
ATOM   312  C  CG2 . ILE A 1 44  ? -2.782  8.600   -0.389  1.00 28.87 ? 38   ILE A CG2 1 
ATOM   313  C  CD1 . ILE A 1 44  ? -4.211  9.438   -3.034  1.00 28.78 ? 38   ILE A CD1 1 
ATOM   314  N  N   . CYS A 1 45  ? -4.243  6.983   2.055   1.00 32.51 ? 39   CYS A N   1 
ATOM   315  C  CA  . CYS A 1 45  ? -3.784  6.860   3.421   1.00 33.31 ? 39   CYS A CA  1 
ATOM   316  C  C   . CYS A 1 45  ? -3.638  5.366   3.751   1.00 34.36 ? 39   CYS A C   1 
ATOM   317  O  O   . CYS A 1 45  ? -2.573  4.911   4.197   1.00 34.60 ? 39   CYS A O   1 
ATOM   318  C  CB  . CYS A 1 45  ? -4.750  7.551   4.386   1.00 34.18 ? 39   CYS A CB  1 
ATOM   319  S  SG  . CYS A 1 45  ? -4.855  9.361   4.225   1.00 33.98 ? 39   CYS A SG  1 
ATOM   320  N  N   . THR A 1 46  ? -4.709  4.603   3.484   1.00 35.68 ? 40   THR A N   1 
ATOM   321  C  CA  . THR A 1 46  ? -4.828  3.196   3.902   1.00 35.75 ? 40   THR A CA  1 
ATOM   322  C  C   . THR A 1 46  ? -3.704  2.387   3.251   1.00 34.40 ? 40   THR A C   1 
ATOM   323  O  O   . THR A 1 46  ? -3.146  1.498   3.873   1.00 33.99 ? 40   THR A O   1 
ATOM   324  C  CB  . THR A 1 46  ? -6.222  2.620   3.600   1.00 36.92 ? 40   THR A CB  1 
ATOM   325  O  OG1 . THR A 1 46  ? -7.225  3.459   4.184   1.00 35.03 ? 40   THR A OG1 1 
ATOM   326  C  CG2 . THR A 1 46  ? -6.398  1.204   4.111   1.00 37.31 ? 40   THR A CG2 1 
ATOM   327  N  N   . HIS A 1 47  ? -3.369  2.744   2.010   1.00 34.44 ? 41   HIS A N   1 
ATOM   328  C  CA  . HIS A 1 47  ? -2.266  2.125   1.259   1.00 34.64 ? 41   HIS A CA  1 
ATOM   329  C  C   . HIS A 1 47  ? -0.919  2.484   1.903   1.00 32.74 ? 41   HIS A C   1 
ATOM   330  O  O   . HIS A 1 47  ? -0.209  1.599   2.342   1.00 34.81 ? 41   HIS A O   1 
ATOM   331  C  CB  . HIS A 1 47  ? -2.356  2.522   -0.220  1.00 35.28 ? 41   HIS A CB  1 
ATOM   332  C  CG  . HIS A 1 47  ? -1.394  1.816   -1.105  1.00 34.91 ? 41   HIS A CG  1 
ATOM   333  N  ND1 . HIS A 1 47  ? -0.143  2.326   -1.367  1.00 35.91 ? 41   HIS A ND1 1 
ATOM   334  C  CD2 . HIS A 1 47  ? -1.501  0.668   -1.809  1.00 35.88 ? 41   HIS A CD2 1 
ATOM   335  C  CE1 . HIS A 1 47  ? 0.492   1.520   -2.190  1.00 36.94 ? 41   HIS A CE1 1 
ATOM   336  N  NE2 . HIS A 1 47  ? -0.323  0.490   -2.481  1.00 36.82 ? 41   HIS A NE2 1 
ATOM   337  N  N   . LEU A 1 48  ? -0.578  3.773   1.981   1.00 30.21 ? 42   LEU A N   1 
ATOM   338  C  CA  . LEU A 1 48  ? 0.660   4.177   2.648   1.00 30.39 ? 42   LEU A CA  1 
ATOM   339  C  C   . LEU A 1 48  ? 0.846   3.362   3.932   1.00 29.69 ? 42   LEU A C   1 
ATOM   340  O  O   . LEU A 1 48  ? 1.923   2.810   4.163   1.00 30.52 ? 42   LEU A O   1 
ATOM   341  C  CB  . LEU A 1 48  ? 0.641   5.672   2.991   1.00 31.89 ? 42   LEU A CB  1 
ATOM   342  C  CG  . LEU A 1 48  ? 1.323   6.618   1.998   1.00 32.42 ? 42   LEU A CG  1 
ATOM   343  C  CD1 . LEU A 1 48  ? 1.068   8.069   2.386   1.00 32.56 ? 42   LEU A CD1 1 
ATOM   344  C  CD2 . LEU A 1 48  ? 2.818   6.352   1.908   1.00 31.37 ? 42   LEU A CD2 1 
ATOM   345  N  N   . GLU A 1 49  ? -0.199  3.308   4.765   1.00 28.04 ? 43   GLU A N   1 
ATOM   346  C  CA  . GLU A 1 49  ? -0.068  2.754   6.108   1.00 27.94 ? 43   GLU A CA  1 
ATOM   347  C  C   . GLU A 1 49  ? 0.321   1.271   6.041   1.00 26.59 ? 43   GLU A C   1 
ATOM   348  O  O   . GLU A 1 49  ? 1.242   0.835   6.719   1.00 25.81 ? 43   GLU A O   1 
ATOM   349  C  CB  . GLU A 1 49  ? -1.360  2.917   6.907   1.00 28.69 ? 43   GLU A CB  1 
ATOM   350  C  CG  . GLU A 1 49  ? -1.214  2.452   8.346   1.00 28.94 ? 43   GLU A CG  1 
ATOM   351  C  CD  . GLU A 1 49  ? -2.089  3.194   9.331   1.00 28.56 ? 43   GLU A CD  1 
ATOM   352  O  OE1 . GLU A 1 49  ? -3.146  2.657   9.693   1.00 27.01 ? 43   GLU A OE1 1 
ATOM   353  O  OE2 . GLU A 1 49  ? -1.700  4.313   9.718   1.00 30.65 ? 43   GLU A OE2 1 
ATOM   354  N  N   . VAL A 1 50  ? -0.408  0.504   5.229   1.00 25.74 ? 44   VAL A N   1 
ATOM   355  C  CA  . VAL A 1 50  ? -0.045  -0.871  4.914   1.00 24.67 ? 44   VAL A CA  1 
ATOM   356  C  C   . VAL A 1 50  ? 1.448   -0.890  4.573   1.00 24.46 ? 44   VAL A C   1 
ATOM   357  O  O   . VAL A 1 50  ? 2.242   -1.610  5.181   1.00 23.64 ? 44   VAL A O   1 
ATOM   358  C  CB  . VAL A 1 50  ? -0.907  -1.440  3.769   1.00 23.52 ? 44   VAL A CB  1 
ATOM   359  C  CG1 . VAL A 1 50  ? -0.226  -2.598  3.075   1.00 23.18 ? 44   VAL A CG1 1 
ATOM   360  C  CG2 . VAL A 1 50  ? -2.282  -1.873  4.255   1.00 23.88 ? 44   VAL A CG2 1 
ATOM   361  N  N   . CYS A 1 51  ? 1.824   -0.048  3.612   1.00 25.05 ? 45   CYS A N   1 
ATOM   362  C  CA  . CYS A 1 51  ? 3.169   -0.042  3.094   1.00 25.95 ? 45   CYS A CA  1 
ATOM   363  C  C   . CYS A 1 51  ? 4.169   0.133   4.243   1.00 28.59 ? 45   CYS A C   1 
ATOM   364  O  O   . CYS A 1 51  ? 5.126   -0.660  4.356   1.00 31.02 ? 45   CYS A O   1 
ATOM   365  C  CB  . CYS A 1 51  ? 3.321   1.009   2.004   1.00 24.50 ? 45   CYS A CB  1 
ATOM   366  S  SG  . CYS A 1 51  ? 2.520   0.487   0.467   1.00 22.94 ? 45   CYS A SG  1 
ATOM   367  N  N   . PHE A 1 52  ? 3.912   1.131   5.104   1.00 29.06 ? 46   PHE A N   1 
ATOM   368  C  CA  . PHE A 1 52  ? 4.764   1.452   6.242   1.00 28.23 ? 46   PHE A CA  1 
ATOM   369  C  C   . PHE A 1 52  ? 4.755   0.319   7.261   1.00 27.67 ? 46   PHE A C   1 
ATOM   370  O  O   . PHE A 1 52  ? 5.798   -0.069  7.745   1.00 27.53 ? 46   PHE A O   1 
ATOM   371  C  CB  . PHE A 1 52  ? 4.287   2.724   6.931   1.00 28.97 ? 46   PHE A CB  1 
ATOM   372  C  CG  . PHE A 1 52  ? 4.481   3.964   6.111   1.00 30.53 ? 46   PHE A CG  1 
ATOM   373  C  CD1 . PHE A 1 52  ? 5.312   3.959   5.001   1.00 31.55 ? 46   PHE A CD1 1 
ATOM   374  C  CD2 . PHE A 1 52  ? 3.863   5.146   6.471   1.00 32.09 ? 46   PHE A CD2 1 
ATOM   375  C  CE1 . PHE A 1 52  ? 5.498   5.104   4.244   1.00 31.99 ? 46   PHE A CE1 1 
ATOM   376  C  CE2 . PHE A 1 52  ? 4.062   6.297   5.724   1.00 33.88 ? 46   PHE A CE2 1 
ATOM   377  C  CZ  . PHE A 1 52  ? 4.878   6.273   4.613   1.00 33.43 ? 46   PHE A CZ  1 
ATOM   378  N  N   . MET A 1 53  ? 3.562   -0.169  7.597   1.00 27.33 ? 47   MET A N   1 
ATOM   379  C  CA  . MET A 1 53  ? 3.447   -1.297  8.465   1.00 28.51 ? 47   MET A CA  1 
ATOM   380  C  C   . MET A 1 53  ? 4.301   -2.426  7.888   1.00 30.20 ? 47   MET A C   1 
ATOM   381  O  O   . MET A 1 53  ? 5.206   -2.910  8.567   1.00 33.62 ? 47   MET A O   1 
ATOM   382  C  CB  . MET A 1 53  ? 2.000   -1.775  8.597   1.00 28.99 ? 47   MET A CB  1 
ATOM   383  C  CG  . MET A 1 53  ? 1.152   -0.926  9.515   1.00 29.06 ? 47   MET A CG  1 
ATOM   384  S  SD  . MET A 1 53  ? -0.536  -1.554  9.588   1.00 29.11 ? 47   MET A SD  1 
ATOM   385  C  CE  . MET A 1 53  ? -0.279  -3.025  10.581  1.00 29.54 ? 47   MET A CE  1 
ATOM   386  N  N   . TYR A 1 54  ? 4.026   -2.793  6.628   1.00 30.29 ? 48   TYR A N   1 
ATOM   387  C  CA  . TYR A 1 54  ? 4.672   -3.921  5.941   1.00 30.39 ? 48   TYR A CA  1 
ATOM   388  C  C   . TYR A 1 54  ? 6.194   -3.781  5.991   1.00 32.11 ? 48   TYR A C   1 
ATOM   389  O  O   . TYR A 1 54  ? 6.894   -4.727  6.334   1.00 31.20 ? 48   TYR A O   1 
ATOM   390  C  CB  . TYR A 1 54  ? 4.230   -3.983  4.482   1.00 29.69 ? 48   TYR A CB  1 
ATOM   391  C  CG  . TYR A 1 54  ? 4.481   -5.296  3.791   1.00 28.40 ? 48   TYR A CG  1 
ATOM   392  C  CD1 . TYR A 1 54  ? 5.766   -5.754  3.540   1.00 27.94 ? 48   TYR A CD1 1 
ATOM   393  C  CD2 . TYR A 1 54  ? 3.420   -6.057  3.337   1.00 27.97 ? 48   TYR A CD2 1 
ATOM   394  C  CE1 . TYR A 1 54  ? 5.987   -6.953  2.881   1.00 28.12 ? 48   TYR A CE1 1 
ATOM   395  C  CE2 . TYR A 1 54  ? 3.622   -7.256  2.675   1.00 28.63 ? 48   TYR A CE2 1 
ATOM   396  C  CZ  . TYR A 1 54  ? 4.911   -7.708  2.445   1.00 28.43 ? 48   TYR A CZ  1 
ATOM   397  O  OH  . TYR A 1 54  ? 5.096   -8.892  1.790   1.00 27.79 ? 48   TYR A OH  1 
ATOM   398  N  N   . SER A 1 55  ? 6.674   -2.588  5.627   1.00 35.85 ? 49   SER A N   1 
ATOM   399  C  CA  . SER A 1 55  ? 8.082   -2.214  5.680   1.00 40.26 ? 49   SER A CA  1 
ATOM   400  C  C   . SER A 1 55  ? 8.696   -2.507  7.062   1.00 44.41 ? 49   SER A C   1 
ATOM   401  O  O   . SER A 1 55  ? 9.715   -3.190  7.173   1.00 45.84 ? 49   SER A O   1 
ATOM   402  C  CB  . SER A 1 55  ? 8.226   -0.767  5.320   1.00 41.32 ? 49   SER A CB  1 
ATOM   403  O  OG  . SER A 1 55  ? 9.592   -0.410  5.265   1.00 45.87 ? 49   SER A OG  1 
ATOM   404  N  N   . ASP A 1 56  ? 8.053   -2.005  8.119   1.00 49.81 ? 50   ASP A N   1 
ATOM   405  C  CA  . ASP A 1 56  ? 8.631   -1.965  9.460   1.00 54.43 ? 50   ASP A CA  1 
ATOM   406  C  C   . ASP A 1 56  ? 8.326   -3.254  10.234  1.00 54.83 ? 50   ASP A C   1 
ATOM   407  O  O   . ASP A 1 56  ? 8.489   -3.271  11.452  1.00 54.82 ? 50   ASP A O   1 
ATOM   408  C  CB  . ASP A 1 56  ? 8.136   -0.729  10.226  1.00 60.15 ? 50   ASP A CB  1 
ATOM   409  C  CG  . ASP A 1 56  ? 8.724   0.593   9.737   1.00 65.35 ? 50   ASP A CG  1 
ATOM   410  O  OD1 . ASP A 1 56  ? 9.962   0.667   9.574   1.00 65.73 ? 50   ASP A OD1 1 
ATOM   411  O  OD2 . ASP A 1 56  ? 7.940   1.552   9.524   1.00 70.39 ? 50   ASP A OD2 1 
ATOM   412  N  N   . PHE A 1 57  ? 7.890   -4.316  9.539   1.00 59.21 ? 51   PHE A N   1 
ATOM   413  C  CA  . PHE A 1 57  ? 7.747   -5.670  10.124  1.00 62.20 ? 51   PHE A CA  1 
ATOM   414  C  C   . PHE A 1 57  ? 8.875   -6.563  9.576   1.00 62.53 ? 51   PHE A C   1 
ATOM   415  O  O   . PHE A 1 57  ? 8.621   -7.643  9.039   1.00 59.32 ? 51   PHE A O   1 
ATOM   416  C  CB  . PHE A 1 57  ? 6.350   -6.265  9.869   1.00 62.89 ? 51   PHE A CB  1 
ATOM   417  C  CG  . PHE A 1 57  ? 5.178   -5.658  10.618  1.00 65.80 ? 51   PHE A CG  1 
ATOM   418  C  CD1 . PHE A 1 57  ? 5.348   -4.737  11.649  1.00 69.68 ? 51   PHE A CD1 1 
ATOM   419  C  CD2 . PHE A 1 57  ? 3.878   -6.035  10.307  1.00 65.57 ? 51   PHE A CD2 1 
ATOM   420  C  CE1 . PHE A 1 57  ? 4.259   -4.191  12.320  1.00 66.77 ? 51   PHE A CE1 1 
ATOM   421  C  CE2 . PHE A 1 57  ? 2.792   -5.497  10.986  1.00 67.22 ? 51   PHE A CE2 1 
ATOM   422  C  CZ  . PHE A 1 57  ? 2.982   -4.571  11.988  1.00 66.08 ? 51   PHE A CZ  1 
ATOM   423  N  N   . GLY A 1 58  ? 10.124  -6.096  9.729   1.00 64.46 ? 52   GLY A N   1 
ATOM   424  C  CA  . GLY A 1 58  ? 11.333  -6.840  9.346   1.00 62.31 ? 52   GLY A CA  1 
ATOM   425  C  C   . GLY A 1 58  ? 11.918  -7.621  10.516  1.00 59.82 ? 52   GLY A C   1 
ATOM   426  O  O   . GLY A 1 58  ? 11.476  -8.726  10.835  1.00 51.14 ? 52   GLY A O   1 
ATOM   427  N  N   . LEU A 1 66  ? 19.454  -9.971  9.698   1.00 81.97 ? 72   LEU A N   1 
ATOM   428  C  CA  . LEU A 1 66  ? 18.819  -8.979  8.826   1.00 81.92 ? 72   LEU A CA  1 
ATOM   429  C  C   . LEU A 1 66  ? 17.778  -8.177  9.629   1.00 80.24 ? 72   LEU A C   1 
ATOM   430  O  O   . LEU A 1 66  ? 16.573  -8.456  9.569   1.00 77.60 ? 72   LEU A O   1 
ATOM   431  C  CB  . LEU A 1 66  ? 18.171  -9.700  7.636   1.00 80.84 ? 72   LEU A CB  1 
ATOM   432  C  CG  . LEU A 1 66  ? 18.501  -9.160  6.243   1.00 80.12 ? 72   LEU A CG  1 
ATOM   433  C  CD1 . LEU A 1 66  ? 17.507  -9.693  5.225   1.00 80.59 ? 72   LEU A CD1 1 
ATOM   434  C  CD2 . LEU A 1 66  ? 18.520  -7.639  6.205   1.00 79.34 ? 72   LEU A CD2 1 
ATOM   435  N  N   . LYS A 1 67  ? 18.259  -7.167  10.363  1.00 79.22 ? 73   LYS A N   1 
ATOM   436  C  CA  . LYS A 1 67  ? 17.412  -6.280  11.172  1.00 79.62 ? 73   LYS A CA  1 
ATOM   437  C  C   . LYS A 1 67  ? 16.450  -5.530  10.229  1.00 82.16 ? 73   LYS A C   1 
ATOM   438  O  O   . LYS A 1 67  ? 15.221  -5.741  10.283  1.00 77.27 ? 73   LYS A O   1 
ATOM   439  C  CB  . LYS A 1 67  ? 18.280  -5.324  12.005  1.00 81.05 ? 73   LYS A CB  1 
ATOM   440  C  CG  . LYS A 1 67  ? 19.405  -5.964  12.821  1.00 81.27 ? 73   LYS A CG  1 
ATOM   441  C  CD  . LYS A 1 67  ? 20.717  -5.178  12.790  1.00 75.88 ? 73   LYS A CD  1 
ATOM   442  C  CE  . LYS A 1 67  ? 21.945  -6.039  13.001  1.00 70.03 ? 73   LYS A CE  1 
ATOM   443  N  NZ  . LYS A 1 67  ? 23.163  -5.374  12.488  1.00 67.64 ? 73   LYS A NZ  1 
ATOM   444  N  N   . HIS A 1 68  ? 17.035  -4.699  9.345   1.00 81.82 ? 74   HIS A N   1 
ATOM   445  C  CA  . HIS A 1 68  ? 16.336  -3.876  8.326   1.00 78.86 ? 74   HIS A CA  1 
ATOM   446  C  C   . HIS A 1 68  ? 16.187  -4.696  7.031   1.00 72.18 ? 74   HIS A C   1 
ATOM   447  O  O   . HIS A 1 68  ? 17.178  -4.907  6.310   1.00 72.98 ? 74   HIS A O   1 
ATOM   448  C  CB  . HIS A 1 68  ? 17.085  -2.532  8.157   1.00 84.12 ? 74   HIS A CB  1 
ATOM   449  C  CG  . HIS A 1 68  ? 17.145  -1.962  6.772   1.00 90.87 ? 74   HIS A CG  1 
ATOM   450  N  ND1 . HIS A 1 68  ? 16.425  -0.837  6.399   1.00 89.51 ? 74   HIS A ND1 1 
ATOM   451  C  CD2 . HIS A 1 68  ? 17.879  -2.309  5.686   1.00 92.63 ? 74   HIS A CD2 1 
ATOM   452  C  CE1 . HIS A 1 68  ? 16.689  -0.541  5.140   1.00 88.52 ? 74   HIS A CE1 1 
ATOM   453  N  NE2 . HIS A 1 68  ? 17.576  -1.430  4.680   1.00 90.80 ? 74   HIS A NE2 1 
ATOM   454  N  N   . ARG A 1 69  ? 14.956  -5.163  6.752   1.00 59.22 ? 75   ARG A N   1 
ATOM   455  C  CA  . ARG A 1 69  ? 14.676  -6.121  5.657   1.00 52.71 ? 75   ARG A CA  1 
ATOM   456  C  C   . ARG A 1 69  ? 14.157  -5.400  4.405   1.00 48.30 ? 75   ARG A C   1 
ATOM   457  O  O   . ARG A 1 69  ? 14.512  -5.769  3.283   1.00 49.01 ? 75   ARG A O   1 
ATOM   458  C  CB  . ARG A 1 69  ? 13.659  -7.190  6.088   1.00 51.90 ? 75   ARG A CB  1 
ATOM   459  C  CG  . ARG A 1 69  ? 13.346  -8.219  5.006   1.00 49.07 ? 75   ARG A CG  1 
ATOM   460  C  CD  . ARG A 1 69  ? 12.394  -9.339  5.393   1.00 46.72 ? 75   ARG A CD  1 
ATOM   461  N  NE  . ARG A 1 69  ? 12.034  -10.104 4.201   1.00 47.90 ? 75   ARG A NE  1 
ATOM   462  C  CZ  . ARG A 1 69  ? 11.340  -11.240 4.188   1.00 46.76 ? 75   ARG A CZ  1 
ATOM   463  N  NH1 . ARG A 1 69  ? 10.952  -11.792 5.325   1.00 48.61 ? 75   ARG A NH1 1 
ATOM   464  N  NH2 . ARG A 1 69  ? 11.044  -11.823 3.039   1.00 41.53 ? 75   ARG A NH2 1 
ATOM   465  N  N   . PHE A 1 70  ? 13.287  -4.405  4.597   1.00 43.85 ? 76   PHE A N   1 
ATOM   466  C  CA  . PHE A 1 70  ? 12.534  -3.804  3.498   1.00 40.36 ? 76   PHE A CA  1 
ATOM   467  C  C   . PHE A 1 70  ? 13.057  -2.395  3.206   1.00 39.12 ? 76   PHE A C   1 
ATOM   468  O  O   . PHE A 1 70  ? 13.448  -1.662  4.108   1.00 37.37 ? 76   PHE A O   1 
ATOM   469  C  CB  . PHE A 1 70  ? 11.040  -3.806  3.830   1.00 36.43 ? 76   PHE A CB  1 
ATOM   470  C  CG  . PHE A 1 70  ? 10.469  -5.191  3.972   1.00 34.04 ? 76   PHE A CG  1 
ATOM   471  C  CD1 . PHE A 1 70  ? 10.055  -5.903  2.860   1.00 34.70 ? 76   PHE A CD1 1 
ATOM   472  C  CD2 . PHE A 1 70  ? 10.368  -5.795  5.211   1.00 33.49 ? 76   PHE A CD2 1 
ATOM   473  C  CE1 . PHE A 1 70  ? 9.535   -7.180  2.989   1.00 35.07 ? 76   PHE A CE1 1 
ATOM   474  C  CE2 . PHE A 1 70  ? 9.851   -7.074  5.338   1.00 33.96 ? 76   PHE A CE2 1 
ATOM   475  C  CZ  . PHE A 1 70  ? 9.432   -7.765  4.228   1.00 34.12 ? 76   PHE A CZ  1 
ATOM   476  N  N   . GLU A 1 71  ? 13.061  -2.032  1.924   1.00 39.45 ? 77   GLU A N   1 
ATOM   477  C  CA  . GLU A 1 71  ? 13.226  -0.647  1.526   1.00 39.98 ? 77   GLU A CA  1 
ATOM   478  C  C   . GLU A 1 71  ? 11.857  -0.065  1.160   1.00 38.88 ? 77   GLU A C   1 
ATOM   479  O  O   . GLU A 1 71  ? 11.233  -0.484  0.193   1.00 39.78 ? 77   GLU A O   1 
ATOM   480  C  CB  . GLU A 1 71  ? 14.206  -0.499  0.360   1.00 40.06 ? 77   GLU A CB  1 
ATOM   481  C  CG  . GLU A 1 71  ? 14.759  0.907   0.255   1.00 38.61 ? 77   GLU A CG  1 
ATOM   482  C  CD  . GLU A 1 71  ? 15.367  1.339   1.568   1.00 37.61 ? 77   GLU A CD  1 
ATOM   483  O  OE1 . GLU A 1 71  ? 16.297  0.636   2.012   1.00 36.81 ? 77   GLU A OE1 1 
ATOM   484  O  OE2 . GLU A 1 71  ? 14.854  2.312   2.174   1.00 37.34 ? 77   GLU A OE2 1 
ATOM   485  N  N   . ILE A 1 72  ? 11.410  0.899   1.968   1.00 37.59 ? 78   ILE A N   1 
ATOM   486  C  CA  . ILE A 1 72  ? 10.240  1.701   1.698   1.00 36.03 ? 78   ILE A CA  1 
ATOM   487  C  C   . ILE A 1 72  ? 10.507  2.563   0.452   1.00 36.99 ? 78   ILE A C   1 
ATOM   488  O  O   . ILE A 1 72  ? 11.542  3.244   0.344   1.00 35.23 ? 78   ILE A O   1 
ATOM   489  C  CB  . ILE A 1 72  ? 9.880   2.548   2.935   1.00 35.75 ? 78   ILE A CB  1 
ATOM   490  C  CG1 . ILE A 1 72  ? 8.430   3.023   2.885   1.00 36.60 ? 78   ILE A CG1 1 
ATOM   491  C  CG2 . ILE A 1 72  ? 10.848  3.707   3.141   1.00 35.92 ? 78   ILE A CG2 1 
ATOM   492  C  CD1 . ILE A 1 72  ? 7.437   1.941   3.241   1.00 37.74 ? 78   ILE A CD1 1 
ATOM   493  N  N   . ILE A 1 73  ? 9.572   2.500   -0.504  1.00 37.50 ? 79   ILE A N   1 
ATOM   494  C  CA  . ILE A 1 73  ? 9.643   3.279   -1.735  1.00 36.41 ? 79   ILE A CA  1 
ATOM   495  C  C   . ILE A 1 73  ? 8.425   4.201   -1.799  1.00 35.15 ? 79   ILE A C   1 
ATOM   496  O  O   . ILE A 1 73  ? 8.564   5.389   -2.065  1.00 36.26 ? 79   ILE A O   1 
ATOM   497  C  CB  . ILE A 1 73  ? 9.735   2.378   -2.982  1.00 36.94 ? 79   ILE A CB  1 
ATOM   498  C  CG1 . ILE A 1 73  ? 10.889  1.378   -2.891  1.00 36.28 ? 79   ILE A CG1 1 
ATOM   499  C  CG2 . ILE A 1 73  ? 9.840   3.223   -4.246  1.00 37.61 ? 79   ILE A CG2 1 
ATOM   500  C  CD1 . ILE A 1 73  ? 10.859  0.332   -3.979  1.00 36.72 ? 79   ILE A CD1 1 
ATOM   501  N  N   . GLU A 1 74  ? 7.231   3.649   -1.581  1.00 35.00 ? 80   GLU A N   1 
ATOM   502  C  CA  . GLU A 1 74  ? 6.040   4.492   -1.510  1.00 35.96 ? 80   GLU A CA  1 
ATOM   503  C  C   . GLU A 1 74  ? 6.223   5.466   -0.343  1.00 34.06 ? 80   GLU A C   1 
ATOM   504  O  O   . GLU A 1 74  ? 6.774   5.100   0.709   1.00 34.30 ? 80   GLU A O   1 
ATOM   505  C  CB  . GLU A 1 74  ? 4.753   3.671   -1.354  1.00 37.45 ? 80   GLU A CB  1 
ATOM   506  C  CG  . GLU A 1 74  ? 3.498   4.428   -1.782  1.00 38.06 ? 80   GLU A CG  1 
ATOM   507  C  CD  . GLU A 1 74  ? 3.296   4.561   -3.288  1.00 39.88 ? 80   GLU A CD  1 
ATOM   508  O  OE1 . GLU A 1 74  ? 3.155   5.716   -3.787  1.00 39.16 ? 80   GLU A OE1 1 
ATOM   509  O  OE2 . GLU A 1 74  ? 3.266   3.507   -3.967  1.00 40.13 ? 80   GLU A OE2 1 
ATOM   510  N  N   . GLY A 1 75  ? 5.767   6.702   -0.550  1.00 31.59 ? 81   GLY A N   1 
ATOM   511  C  CA  . GLY A 1 75  ? 5.940   7.772   0.405   1.00 32.18 ? 81   GLY A CA  1 
ATOM   512  C  C   . GLY A 1 75  ? 6.858   8.848   -0.132  1.00 32.76 ? 81   GLY A C   1 
ATOM   513  O  O   . GLY A 1 75  ? 6.603   10.025  0.078   1.00 32.98 ? 81   GLY A O   1 
ATOM   514  N  N   . ARG A 1 76  ? 7.902   8.427   -0.855  1.00 33.92 ? 82   ARG A N   1 
ATOM   515  C  CA  . ARG A 1 76  ? 8.963   9.314   -1.353  1.00 35.54 ? 82   ARG A CA  1 
ATOM   516  C  C   . ARG A 1 76  ? 8.471   10.124  -2.569  1.00 34.79 ? 82   ARG A C   1 
ATOM   517  O  O   . ARG A 1 76  ? 7.591   9.681   -3.281  1.00 32.62 ? 82   ARG A O   1 
ATOM   518  C  CB  . ARG A 1 76  ? 10.198  8.463   -1.674  1.00 36.16 ? 82   ARG A CB  1 
ATOM   519  C  CG  . ARG A 1 76  ? 10.913  7.904   -0.450  1.00 36.20 ? 82   ARG A CG  1 
ATOM   520  C  CD  . ARG A 1 76  ? 11.786  6.714   -0.794  1.00 38.85 ? 82   ARG A CD  1 
ATOM   521  N  NE  . ARG A 1 76  ? 12.272  5.984   0.374   1.00 40.89 ? 82   ARG A NE  1 
ATOM   522  C  CZ  . ARG A 1 76  ? 13.305  6.361   1.118   1.00 41.24 ? 82   ARG A CZ  1 
ATOM   523  N  NH1 . ARG A 1 76  ? 13.909  7.511   0.857   1.00 42.14 ? 82   ARG A NH1 1 
ATOM   524  N  NH2 . ARG A 1 76  ? 13.719  5.591   2.114   1.00 39.13 ? 82   ARG A NH2 1 
ATOM   525  N  N   . ASP A 1 77  ? 9.048   11.317  -2.791  1.00 37.05 ? 83   ASP A N   1 
ATOM   526  C  CA  . ASP A 1 77  ? 8.885   12.049  -4.064  1.00 40.47 ? 83   ASP A CA  1 
ATOM   527  C  C   . ASP A 1 77  ? 9.498   11.188  -5.173  1.00 41.50 ? 83   ASP A C   1 
ATOM   528  O  O   . ASP A 1 77  ? 10.128  10.158  -4.905  1.00 43.08 ? 83   ASP A O   1 
ATOM   529  C  CB  . ASP A 1 77  ? 9.491   13.459  -4.027  1.00 42.15 ? 83   ASP A CB  1 
ATOM   530  C  CG  . ASP A 1 77  ? 11.015  13.548  -4.039  1.00 42.77 ? 83   ASP A CG  1 
ATOM   531  O  OD1 . ASP A 1 77  ? 11.689  12.535  -4.306  1.00 42.48 ? 83   ASP A OD1 1 
ATOM   532  O  OD2 . ASP A 1 77  ? 11.523  14.646  -3.784  1.00 44.19 ? 83   ASP A OD2 1 
ATOM   533  N  N   . ARG A 1 78  ? 9.315   11.589  -6.427  1.00 40.33 ? 84   ARG A N   1 
ATOM   534  C  CA  . ARG A 1 78  ? 9.666   10.668  -7.483  1.00 41.14 ? 84   ARG A CA  1 
ATOM   535  C  C   . ARG A 1 78  ? 11.193  10.671  -7.652  1.00 40.48 ? 84   ARG A C   1 
ATOM   536  O  O   . ARG A 1 78  ? 11.766  9.652   -8.007  1.00 39.96 ? 84   ARG A O   1 
ATOM   537  C  CB  . ARG A 1 78  ? 8.815   10.960  -8.723  1.00 40.89 ? 84   ARG A CB  1 
ATOM   538  C  CG  . ARG A 1 78  ? 7.408   10.391  -8.595  1.00 39.42 ? 84   ARG A CG  1 
ATOM   539  C  CD  . ARG A 1 78  ? 6.419   10.832  -9.654  1.00 40.59 ? 84   ARG A CD  1 
ATOM   540  N  NE  . ARG A 1 78  ? 5.518   9.742   -10.039 1.00 41.18 ? 84   ARG A NE  1 
ATOM   541  C  CZ  . ARG A 1 78  ? 4.249   9.877   -10.434 1.00 39.48 ? 84   ARG A CZ  1 
ATOM   542  N  NH1 . ARG A 1 78  ? 3.663   11.062  -10.438 1.00 38.99 ? 84   ARG A NH1 1 
ATOM   543  N  NH2 . ARG A 1 78  ? 3.566   8.815   -10.823 1.00 37.33 ? 84   ARG A NH2 1 
ATOM   544  N  N   . ILE A 1 79  ? 11.851  11.782  -7.310  1.00 41.01 ? 85   ILE A N   1 
ATOM   545  C  CA  . ILE A 1 79  ? 13.310  11.867  -7.443  1.00 43.19 ? 85   ILE A CA  1 
ATOM   546  C  C   . ILE A 1 79  ? 13.956  10.834  -6.516  1.00 43.27 ? 85   ILE A C   1 
ATOM   547  O  O   . ILE A 1 79  ? 14.871  10.125  -6.908  1.00 43.29 ? 85   ILE A O   1 
ATOM   548  C  CB  . ILE A 1 79  ? 13.840  13.287  -7.147  1.00 44.21 ? 85   ILE A CB  1 
ATOM   549  C  CG1 . ILE A 1 79  ? 13.302  14.322  -8.141  1.00 44.31 ? 85   ILE A CG1 1 
ATOM   550  C  CG2 . ILE A 1 79  ? 15.364  13.296  -7.116  1.00 43.68 ? 85   ILE A CG2 1 
ATOM   551  C  CD1 . ILE A 1 79  ? 13.305  15.735  -7.609  1.00 43.94 ? 85   ILE A CD1 1 
ATOM   552  N  N   . MET A 1 80  ? 13.484  10.789  -5.271  1.00 43.94 ? 86   MET A N   1 
ATOM   553  C  CA  . MET A 1 80  ? 14.035  9.902   -4.281  1.00 43.82 ? 86   MET A CA  1 
ATOM   554  C  C   . MET A 1 80  ? 13.776  8.451   -4.696  1.00 41.42 ? 86   MET A C   1 
ATOM   555  O  O   . MET A 1 80  ? 14.702  7.655   -4.797  1.00 41.98 ? 86   MET A O   1 
ATOM   556  C  CB  . MET A 1 80  ? 13.408  10.179  -2.910  1.00 48.01 ? 86   MET A CB  1 
ATOM   557  C  CG  . MET A 1 80  ? 14.053  11.339  -2.197  1.00 50.54 ? 86   MET A CG  1 
ATOM   558  S  SD  . MET A 1 80  ? 15.852  11.165  -2.205  1.00 54.70 ? 86   MET A SD  1 
ATOM   559  C  CE  . MET A 1 80  ? 16.048  9.695   -1.193  1.00 51.83 ? 86   MET A CE  1 
ATOM   560  N  N   . ALA A 1 81  ? 12.507  8.137   -4.965  1.00 38.80 ? 87   ALA A N   1 
ATOM   561  C  CA  . ALA A 1 81  ? 12.038  6.766   -5.174  1.00 37.19 ? 87   ALA A CA  1 
ATOM   562  C  C   . ALA A 1 81  ? 12.838  6.065   -6.290  1.00 34.16 ? 87   ALA A C   1 
ATOM   563  O  O   . ALA A 1 81  ? 13.086  4.871   -6.243  1.00 30.17 ? 87   ALA A O   1 
ATOM   564  C  CB  . ALA A 1 81  ? 10.561  6.808   -5.477  1.00 37.43 ? 87   ALA A CB  1 
ATOM   565  N  N   . TRP A 1 82  ? 13.224  6.832   -7.306  1.00 34.43 ? 88   TRP A N   1 
ATOM   566  C  CA  . TRP A 1 82  ? 13.983  6.322   -8.424  1.00 34.58 ? 88   TRP A CA  1 
ATOM   567  C  C   . TRP A 1 82  ? 15.471  6.232   -8.070  1.00 33.63 ? 88   TRP A C   1 
ATOM   568  O  O   . TRP A 1 82  ? 16.120  5.303   -8.519  1.00 34.09 ? 88   TRP A O   1 
ATOM   569  C  CB  . TRP A 1 82  ? 13.721  7.174   -9.670  1.00 34.88 ? 88   TRP A CB  1 
ATOM   570  C  CG  . TRP A 1 82  ? 12.365  6.914   -10.247 1.00 35.53 ? 88   TRP A CG  1 
ATOM   571  C  CD1 . TRP A 1 82  ? 11.283  7.746   -10.252 1.00 34.88 ? 88   TRP A CD1 1 
ATOM   572  C  CD2 . TRP A 1 82  ? 11.933  5.690   -10.869 1.00 35.75 ? 88   TRP A CD2 1 
ATOM   573  N  NE1 . TRP A 1 82  ? 10.217  7.135   -10.855 1.00 35.96 ? 88   TRP A NE1 1 
ATOM   574  C  CE2 . TRP A 1 82  ? 10.590  5.875   -11.253 1.00 35.80 ? 88   TRP A CE2 1 
ATOM   575  C  CE3 . TRP A 1 82  ? 12.554  4.471   -11.155 1.00 35.65 ? 88   TRP A CE3 1 
ATOM   576  C  CZ2 . TRP A 1 82  ? 9.863   4.880   -11.909 1.00 34.90 ? 88   TRP A CZ2 1 
ATOM   577  C  CZ3 . TRP A 1 82  ? 11.833  3.489   -11.799 1.00 35.09 ? 88   TRP A CZ3 1 
ATOM   578  C  CH2 . TRP A 1 82  ? 10.506  3.693   -12.170 1.00 33.83 ? 88   TRP A CH2 1 
ATOM   579  N  N   . THR A 1 83  ? 15.992  7.175   -7.269  1.00 33.26 ? 89   THR A N   1 
ATOM   580  C  CA  . THR A 1 83  ? 17.353  7.049   -6.701  1.00 34.02 ? 89   THR A CA  1 
ATOM   581  C  C   . THR A 1 83  ? 17.428  5.701   -5.972  1.00 34.64 ? 89   THR A C   1 
ATOM   582  O  O   . THR A 1 83  ? 18.302  4.893   -6.246  1.00 37.23 ? 89   THR A O   1 
ATOM   583  C  CB  . THR A 1 83  ? 17.756  8.227   -5.790  1.00 33.98 ? 89   THR A CB  1 
ATOM   584  O  OG1 . THR A 1 83  ? 17.912  9.431   -6.545  1.00 36.31 ? 89   THR A OG1 1 
ATOM   585  C  CG2 . THR A 1 83  ? 19.065  8.008   -5.058  1.00 32.89 ? 89   THR A CG2 1 
ATOM   586  N  N   . VAL A 1 84  ? 16.465  5.459   -5.077  1.00 34.03 ? 90   VAL A N   1 
ATOM   587  C  CA  . VAL A 1 84  ? 16.473  4.307   -4.192  1.00 32.79 ? 90   VAL A CA  1 
ATOM   588  C  C   . VAL A 1 84  ? 16.415  3.038   -5.048  1.00 32.03 ? 90   VAL A C   1 
ATOM   589  O  O   . VAL A 1 84  ? 17.010  2.035   -4.721  1.00 32.26 ? 90   VAL A O   1 
ATOM   590  C  CB  . VAL A 1 84  ? 15.298  4.371   -3.195  1.00 34.71 ? 90   VAL A CB  1 
ATOM   591  C  CG1 . VAL A 1 84  ? 15.178  3.095   -2.370  1.00 35.74 ? 90   VAL A CG1 1 
ATOM   592  C  CG2 . VAL A 1 84  ? 15.371  5.591   -2.278  1.00 34.26 ? 90   VAL A CG2 1 
ATOM   593  N  N   . VAL A 1 85  ? 15.669  3.111   -6.148  1.00 32.82 ? 91   VAL A N   1 
ATOM   594  C  CA  . VAL A 1 85  ? 15.464  2.001   -7.046  1.00 33.08 ? 91   VAL A CA  1 
ATOM   595  C  C   . VAL A 1 85  ? 16.728  1.814   -7.892  1.00 34.83 ? 91   VAL A C   1 
ATOM   596  O  O   . VAL A 1 85  ? 17.181  0.685   -8.064  1.00 37.33 ? 91   VAL A O   1 
ATOM   597  C  CB  . VAL A 1 85  ? 14.208  2.226   -7.911  1.00 33.86 ? 91   VAL A CB  1 
ATOM   598  C  CG1 . VAL A 1 85  ? 14.294  1.518   -9.254  1.00 34.42 ? 91   VAL A CG1 1 
ATOM   599  C  CG2 . VAL A 1 85  ? 12.933  1.837   -7.172  1.00 32.92 ? 91   VAL A CG2 1 
ATOM   600  N  N   . ASN A 1 86  ? 17.285  2.914   -8.417  1.00 36.18 ? 92   ASN A N   1 
ATOM   601  C  CA  . ASN A 1 86  ? 18.490  2.855   -9.260  1.00 38.08 ? 92   ASN A CA  1 
ATOM   602  C  C   . ASN A 1 86  ? 19.672  2.380   -8.400  1.00 37.44 ? 92   ASN A C   1 
ATOM   603  O  O   . ASN A 1 86  ? 20.440  1.523   -8.813  1.00 41.74 ? 92   ASN A O   1 
ATOM   604  C  CB  . ASN A 1 86  ? 18.758  4.173   -10.001 1.00 41.54 ? 92   ASN A CB  1 
ATOM   605  C  CG  . ASN A 1 86  ? 18.050  4.263   -11.345 1.00 47.56 ? 92   ASN A CG  1 
ATOM   606  O  OD1 . ASN A 1 86  ? 18.024  3.284   -12.092 1.00 54.98 ? 92   ASN A OD1 1 
ATOM   607  N  ND2 . ASN A 1 86  ? 17.489  5.422   -11.688 1.00 46.30 ? 92   ASN A ND2 1 
ATOM   608  N  N   . SER A 1 87  ? 19.789  2.915   -7.185  1.00 35.18 ? 93   SER A N   1 
ATOM   609  C  CA  . SER A 1 87  ? 20.781  2.474   -6.205  1.00 32.96 ? 93   SER A CA  1 
ATOM   610  C  C   . SER A 1 87  ? 20.706  0.946   -6.017  1.00 33.29 ? 93   SER A C   1 
ATOM   611  O  O   . SER A 1 87  ? 21.729  0.250   -6.084  1.00 32.83 ? 93   SER A O   1 
ATOM   612  C  CB  . SER A 1 87  ? 20.577  3.237   -4.916  1.00 31.74 ? 93   SER A CB  1 
ATOM   613  O  OG  . SER A 1 87  ? 21.318  2.685   -3.845  1.00 31.29 ? 93   SER A OG  1 
ATOM   614  N  N   . ILE A 1 88  ? 19.485  0.429   -5.832  1.00 33.35 ? 94   ILE A N   1 
ATOM   615  C  CA  . ILE A 1 88  ? 19.217  -0.985  -5.500  1.00 35.42 ? 94   ILE A CA  1 
ATOM   616  C  C   . ILE A 1 88  ? 19.624  -1.917  -6.661  1.00 38.51 ? 94   ILE A C   1 
ATOM   617  O  O   . ILE A 1 88  ? 20.139  -3.021  -6.440  1.00 36.74 ? 94   ILE A O   1 
ATOM   618  C  CB  . ILE A 1 88  ? 17.736  -1.161  -5.091  1.00 35.00 ? 94   ILE A CB  1 
ATOM   619  C  CG1 . ILE A 1 88  ? 17.525  -0.803  -3.617  1.00 34.30 ? 94   ILE A CG1 1 
ATOM   620  C  CG2 . ILE A 1 88  ? 17.215  -2.563  -5.400  1.00 34.82 ? 94   ILE A CG2 1 
ATOM   621  C  CD1 . ILE A 1 88  ? 16.075  -0.627  -3.225  1.00 34.11 ? 94   ILE A CD1 1 
ATOM   622  N  N   . CYS A 1 89  ? 19.360  -1.502  -7.902  1.00 42.56 ? 95   CYS A N   1 
ATOM   623  C  CA  . CYS A 1 89  ? 19.701  -2.320  -9.072  1.00 44.68 ? 95   CYS A CA  1 
ATOM   624  C  C   . CYS A 1 89  ? 21.227  -2.401  -9.244  1.00 46.30 ? 95   CYS A C   1 
ATOM   625  O  O   . CYS A 1 89  ? 21.786  -3.473  -9.463  1.00 44.88 ? 95   CYS A O   1 
ATOM   626  C  CB  . CYS A 1 89  ? 19.030  -1.760  -10.318 1.00 44.12 ? 95   CYS A CB  1 
ATOM   627  S  SG  . CYS A 1 89  ? 17.225  -1.817  -10.210 1.00 45.07 ? 95   CYS A SG  1 
ATOM   628  N  N   . ASN A 1 90  ? 21.900  -1.257  -9.101  1.00 47.75 ? 96   ASN A N   1 
ATOM   629  C  CA  . ASN A 1 90  ? 23.325  -1.155  -9.319  1.00 49.20 ? 96   ASN A CA  1 
ATOM   630  C  C   . ASN A 1 90  ? 24.084  -2.132  -8.415  1.00 51.68 ? 96   ASN A C   1 
ATOM   631  O  O   . ASN A 1 90  ? 25.124  -2.663  -8.813  1.00 54.34 ? 96   ASN A O   1 
ATOM   632  C  CB  . ASN A 1 90  ? 23.797  0.281   -9.108  1.00 48.57 ? 96   ASN A CB  1 
ATOM   633  C  CG  . ASN A 1 90  ? 23.218  1.206   -10.150 1.00 50.13 ? 96   ASN A CG  1 
ATOM   634  O  OD1 . ASN A 1 90  ? 22.703  0.748   -11.170 1.00 48.97 ? 96   ASN A OD1 1 
ATOM   635  N  ND2 . ASN A 1 90  ? 23.285  2.503   -9.898  1.00 54.48 ? 96   ASN A ND2 1 
ATOM   636  N  N   . THR A 1 91  ? 23.566  -2.357  -7.204  1.00 51.20 ? 97   THR A N   1 
ATOM   637  C  CA  . THR A 1 91  ? 24.306  -3.067  -6.168  1.00 49.75 ? 97   THR A CA  1 
ATOM   638  C  C   . THR A 1 91  ? 23.844  -4.535  -6.087  1.00 48.14 ? 97   THR A C   1 
ATOM   639  O  O   . THR A 1 91  ? 24.634  -5.381  -5.694  1.00 50.25 ? 97   THR A O   1 
ATOM   640  C  CB  . THR A 1 91  ? 24.257  -2.279  -4.848  1.00 48.57 ? 97   THR A CB  1 
ATOM   641  O  OG1 . THR A 1 91  ? 22.913  -2.204  -4.373  1.00 47.23 ? 97   THR A OG1 1 
ATOM   642  C  CG2 . THR A 1 91  ? 24.813  -0.876  -4.988  1.00 46.73 ? 97   THR A CG2 1 
ATOM   643  N  N   . THR A 1 92  ? 22.602  -4.844  -6.493  1.00 47.78 ? 98   THR A N   1 
ATOM   644  C  CA  . THR A 1 92  ? 22.055  -6.234  -6.427  1.00 47.13 ? 98   THR A CA  1 
ATOM   645  C  C   . THR A 1 92  ? 21.936  -6.876  -7.819  1.00 48.16 ? 98   THR A C   1 
ATOM   646  O  O   . THR A 1 92  ? 22.069  -8.090  -7.958  1.00 48.55 ? 98   THR A O   1 
ATOM   647  C  CB  . THR A 1 92  ? 20.689  -6.280  -5.732  1.00 44.28 ? 98   THR A CB  1 
ATOM   648  O  OG1 . THR A 1 92  ? 19.724  -5.625  -6.558  1.00 40.35 ? 98   THR A OG1 1 
ATOM   649  C  CG2 . THR A 1 92  ? 20.736  -5.652  -4.356  1.00 44.49 ? 98   THR A CG2 1 
ATOM   650  N  N   . GLY A 1 93  ? 21.644  -6.061  -8.835  1.00 49.54 ? 99   GLY A N   1 
ATOM   651  C  CA  . GLY A 1 93  ? 21.608  -6.503  -10.219 1.00 49.76 ? 99   GLY A CA  1 
ATOM   652  C  C   . GLY A 1 93  ? 20.211  -6.901  -10.656 1.00 52.14 ? 99   GLY A C   1 
ATOM   653  O  O   . GLY A 1 93  ? 20.038  -7.345  -11.799 1.00 54.06 ? 99   GLY A O   1 
ATOM   654  N  N   . VAL A 1 94  ? 19.227  -6.740  -9.755  1.00 52.74 ? 100  VAL A N   1 
ATOM   655  C  CA  . VAL A 1 94  ? 17.817  -7.048  -10.037 1.00 52.35 ? 100  VAL A CA  1 
ATOM   656  C  C   . VAL A 1 94  ? 17.290  -6.012  -11.037 1.00 50.83 ? 100  VAL A C   1 
ATOM   657  O  O   . VAL A 1 94  ? 17.727  -4.854  -11.045 1.00 47.02 ? 100  VAL A O   1 
ATOM   658  C  CB  . VAL A 1 94  ? 16.944  -7.092  -8.766  1.00 54.93 ? 100  VAL A CB  1 
ATOM   659  C  CG1 . VAL A 1 94  ? 17.491  -8.053  -7.720  1.00 57.33 ? 100  VAL A CG1 1 
ATOM   660  C  CG2 . VAL A 1 94  ? 16.736  -5.715  -8.156  1.00 56.18 ? 100  VAL A CG2 1 
ATOM   661  N  N   . GLU A 1 95  ? 16.349  -6.458  -11.873 1.00 49.82 ? 101  GLU A N   1 
ATOM   662  C  CA  . GLU A 1 95  ? 15.852  -5.705  -13.014 1.00 51.90 ? 101  GLU A CA  1 
ATOM   663  C  C   . GLU A 1 95  ? 15.130  -4.456  -12.492 1.00 55.37 ? 101  GLU A C   1 
ATOM   664  O  O   . GLU A 1 95  ? 14.474  -4.501  -11.452 1.00 54.98 ? 101  GLU A O   1 
ATOM   665  C  CB  . GLU A 1 95  ? 14.985  -6.640  -13.867 1.00 53.79 ? 101  GLU A CB  1 
ATOM   666  C  CG  . GLU A 1 95  ? 14.046  -5.959  -14.859 1.00 55.98 ? 101  GLU A CG  1 
ATOM   667  C  CD  . GLU A 1 95  ? 13.173  -6.922  -15.658 1.00 55.58 ? 101  GLU A CD  1 
ATOM   668  O  OE1 . GLU A 1 95  ? 11.975  -7.086  -15.304 1.00 53.73 ? 101  GLU A OE1 1 
ATOM   669  O  OE2 . GLU A 1 95  ? 13.690  -7.515  -16.631 1.00 52.74 ? 101  GLU A OE2 1 
ATOM   670  N  N   . LYS A 1 96  ? 15.298  -3.342  -13.216 1.00 58.42 ? 102  LYS A N   1 
ATOM   671  C  CA  . LYS A 1 96  ? 14.630  -2.061  -12.944 1.00 59.64 ? 102  LYS A CA  1 
ATOM   672  C  C   . LYS A 1 96  ? 13.163  -2.182  -13.361 1.00 57.94 ? 102  LYS A C   1 
ATOM   673  O  O   . LYS A 1 96  ? 12.871  -2.699  -14.433 1.00 58.21 ? 102  LYS A O   1 
ATOM   674  C  CB  . LYS A 1 96  ? 15.364  -0.944  -13.703 1.00 62.34 ? 102  LYS A CB  1 
ATOM   675  C  CG  . LYS A 1 96  ? 15.113  0.487   -13.232 1.00 66.95 ? 102  LYS A CG  1 
ATOM   676  C  CD  . LYS A 1 96  ? 16.007  1.545   -13.897 1.00 69.47 ? 102  LYS A CD  1 
ATOM   677  C  CE  . LYS A 1 96  ? 15.426  2.950   -13.844 1.00 71.06 ? 102  LYS A CE  1 
ATOM   678  N  NZ  . LYS A 1 96  ? 16.409  4.004   -14.205 1.00 69.04 ? 102  LYS A NZ  1 
ATOM   679  N  N   . PRO A 1 97  ? 12.182  -1.737  -12.543 1.00 57.38 ? 103  PRO A N   1 
ATOM   680  C  CA  . PRO A 1 97  ? 10.778  -1.761  -12.948 1.00 57.67 ? 103  PRO A CA  1 
ATOM   681  C  C   . PRO A 1 97  ? 10.453  -0.568  -13.861 1.00 56.98 ? 103  PRO A C   1 
ATOM   682  O  O   . PRO A 1 97  ? 11.210  0.404   -13.884 1.00 58.34 ? 103  PRO A O   1 
ATOM   683  C  CB  . PRO A 1 97  ? 10.048  -1.654  -11.601 1.00 59.32 ? 103  PRO A CB  1 
ATOM   684  C  CG  . PRO A 1 97  ? 10.950  -0.765  -10.779 1.00 58.28 ? 103  PRO A CG  1 
ATOM   685  C  CD  . PRO A 1 97  ? 12.353  -1.166  -11.196 1.00 60.03 ? 103  PRO A CD  1 
ATOM   686  N  N   . LYS A 1 98  ? 9.345   -0.670  -14.606 1.00 54.15 ? 104  LYS A N   1 
ATOM   687  C  CA  . LYS A 1 98  ? 8.841   0.422   -15.435 1.00 52.63 ? 104  LYS A CA  1 
ATOM   688  C  C   . LYS A 1 98  ? 7.983   1.334   -14.563 1.00 49.74 ? 104  LYS A C   1 
ATOM   689  O  O   . LYS A 1 98  ? 7.871   2.526   -14.837 1.00 49.18 ? 104  LYS A O   1 
ATOM   690  C  CB  . LYS A 1 98  ? 8.054   -0.094  -16.648 1.00 58.43 ? 104  LYS A CB  1 
ATOM   691  C  CG  . LYS A 1 98  ? 8.859   -0.175  -17.947 1.00 62.91 ? 104  LYS A CG  1 
ATOM   692  C  CD  . LYS A 1 98  ? 8.143   -0.841  -19.111 1.00 63.10 ? 104  LYS A CD  1 
ATOM   693  C  CE  . LYS A 1 98  ? 9.081   -1.214  -20.242 1.00 63.49 ? 104  LYS A CE  1 
ATOM   694  N  NZ  . LYS A 1 98  ? 8.773   -2.560  -20.777 1.00 64.53 ? 104  LYS A NZ  1 
ATOM   695  N  N   . PHE A 1 99  ? 7.393   0.747   -13.516 1.00 48.97 ? 105  PHE A N   1 
ATOM   696  C  CA  . PHE A 1 99  ? 6.552   1.444   -12.563 1.00 47.45 ? 105  PHE A CA  1 
ATOM   697  C  C   . PHE A 1 99  ? 7.148   1.292   -11.161 1.00 40.86 ? 105  PHE A C   1 
ATOM   698  O  O   . PHE A 1 99  ? 7.419   0.186   -10.724 1.00 42.34 ? 105  PHE A O   1 
ATOM   699  C  CB  . PHE A 1 99  ? 5.126   0.899   -12.645 1.00 54.11 ? 105  PHE A CB  1 
ATOM   700  C  CG  . PHE A 1 99  ? 4.466   1.120   -13.984 1.00 65.46 ? 105  PHE A CG  1 
ATOM   701  C  CD1 . PHE A 1 99  ? 4.169   2.407   -14.423 1.00 76.73 ? 105  PHE A CD1 1 
ATOM   702  C  CD2 . PHE A 1 99  ? 4.160   0.052   -14.813 1.00 67.69 ? 105  PHE A CD2 1 
ATOM   703  C  CE1 . PHE A 1 99  ? 3.572   2.622   -15.657 1.00 80.75 ? 105  PHE A CE1 1 
ATOM   704  C  CE2 . PHE A 1 99  ? 3.564   0.268   -16.048 1.00 75.56 ? 105  PHE A CE2 1 
ATOM   705  C  CZ  . PHE A 1 99  ? 3.269   1.549   -16.466 1.00 82.05 ? 105  PHE A CZ  1 
ATOM   706  N  N   . LEU A 1 100 ? 7.354   2.422   -10.481 1.00 35.46 ? 106  LEU A N   1 
ATOM   707  C  CA  . LEU A 1 100 ? 7.754   2.458   -9.083  1.00 33.32 ? 106  LEU A CA  1 
ATOM   708  C  C   . LEU A 1 100 ? 6.909   1.491   -8.258  1.00 33.41 ? 106  LEU A C   1 
ATOM   709  O  O   . LEU A 1 100 ? 5.691   1.632   -8.175  1.00 34.25 ? 106  LEU A O   1 
ATOM   710  C  CB  . LEU A 1 100 ? 7.542   3.873   -8.545  1.00 33.71 ? 106  LEU A CB  1 
ATOM   711  C  CG  . LEU A 1 100 ? 8.673   4.869   -8.761  1.00 34.97 ? 106  LEU A CG  1 
ATOM   712  C  CD1 . LEU A 1 100 ? 8.441   6.111   -7.912  1.00 34.77 ? 106  LEU A CD1 1 
ATOM   713  C  CD2 . LEU A 1 100 ? 10.030  4.253   -8.445  1.00 36.52 ? 106  LEU A CD2 1 
ATOM   714  N  N   . PRO A 1 101 ? 7.514   0.501   -7.573  1.00 33.16 ? 107  PRO A N   1 
ATOM   715  C  CA  . PRO A 1 101 ? 6.771   -0.359  -6.655  1.00 32.17 ? 107  PRO A CA  1 
ATOM   716  C  C   . PRO A 1 101 ? 6.814   0.178   -5.214  1.00 29.46 ? 107  PRO A C   1 
ATOM   717  O  O   . PRO A 1 101 ? 7.374   1.243   -4.976  1.00 27.52 ? 107  PRO A O   1 
ATOM   718  C  CB  . PRO A 1 101 ? 7.495   -1.704  -6.832  1.00 33.77 ? 107  PRO A CB  1 
ATOM   719  C  CG  . PRO A 1 101 ? 8.884   -1.374  -7.385  1.00 33.46 ? 107  PRO A CG  1 
ATOM   720  C  CD  . PRO A 1 101 ? 8.924   0.114   -7.667  1.00 33.59 ? 107  PRO A CD  1 
ATOM   721  N  N   . ASP A 1 102 ? 6.225   -0.566  -4.274  1.00 27.94 ? 108  ASP A N   1 
ATOM   722  C  CA  . ASP A 1 102 ? 6.019   -0.078  -2.904  1.00 28.25 ? 108  ASP A CA  1 
ATOM   723  C  C   . ASP A 1 102 ? 7.238   -0.390  -2.021  1.00 28.68 ? 108  ASP A C   1 
ATOM   724  O  O   . ASP A 1 102 ? 7.609   0.429   -1.162  1.00 27.28 ? 108  ASP A O   1 
ATOM   725  C  CB  . ASP A 1 102 ? 4.732   -0.649  -2.305  1.00 27.75 ? 108  ASP A CB  1 
ATOM   726  C  CG  . ASP A 1 102 ? 3.456   -0.251  -3.040  1.00 28.10 ? 108  ASP A CG  1 
ATOM   727  O  OD1 . ASP A 1 102 ? 3.478   0.746   -3.778  1.00 29.31 ? 108  ASP A OD1 1 
ATOM   728  O  OD2 . ASP A 1 102 ? 2.443   -0.952  -2.877  1.00 28.28 ? 108  ASP A OD2 1 
ATOM   729  N  N   . LEU A 1 103 ? 7.840   -1.573  -2.219  1.00 29.35 ? 109  LEU A N   1 
ATOM   730  C  CA  . LEU A 1 103 ? 8.937   -2.064  -1.380  1.00 30.11 ? 109  LEU A CA  1 
ATOM   731  C  C   . LEU A 1 103 ? 9.971   -2.790  -2.243  1.00 30.31 ? 109  LEU A C   1 
ATOM   732  O  O   . LEU A 1 103 ? 9.670   -3.197  -3.365  1.00 28.78 ? 109  LEU A O   1 
ATOM   733  C  CB  . LEU A 1 103 ? 8.386   -3.029  -0.319  1.00 31.53 ? 109  LEU A CB  1 
ATOM   734  C  CG  . LEU A 1 103 ? 7.250   -2.519  0.575   1.00 32.04 ? 109  LEU A CG  1 
ATOM   735  C  CD1 . LEU A 1 103 ? 6.618   -3.659  1.354   1.00 30.81 ? 109  LEU A CD1 1 
ATOM   736  C  CD2 . LEU A 1 103 ? 7.744   -1.446  1.533   1.00 33.14 ? 109  LEU A CD2 1 
ATOM   737  N  N   . TYR A 1 104 ? 11.179  -2.942  -1.683  1.00 33.59 ? 110  TYR A N   1 
ATOM   738  C  CA  . TYR A 1 104 ? 12.162  -3.991  -2.062  1.00 36.99 ? 110  TYR A CA  1 
ATOM   739  C  C   . TYR A 1 104 ? 12.408  -4.883  -0.836  1.00 37.51 ? 110  TYR A C   1 
ATOM   740  O  O   . TYR A 1 104 ? 12.331  -4.426  0.305   1.00 38.09 ? 110  TYR A O   1 
ATOM   741  C  CB  . TYR A 1 104 ? 13.470  -3.387  -2.593  1.00 39.55 ? 110  TYR A CB  1 
ATOM   742  C  CG  . TYR A 1 104 ? 14.575  -4.376  -2.894  1.00 42.87 ? 110  TYR A CG  1 
ATOM   743  C  CD1 . TYR A 1 104 ? 14.605  -5.103  -4.079  1.00 44.17 ? 110  TYR A CD1 1 
ATOM   744  C  CD2 . TYR A 1 104 ? 15.618  -4.571  -1.997  1.00 45.68 ? 110  TYR A CD2 1 
ATOM   745  C  CE1 . TYR A 1 104 ? 15.627  -6.005  -4.352  1.00 46.40 ? 110  TYR A CE1 1 
ATOM   746  C  CE2 . TYR A 1 104 ? 16.644  -5.473  -2.251  1.00 46.43 ? 110  TYR A CE2 1 
ATOM   747  C  CZ  . TYR A 1 104 ? 16.650  -6.197  -3.432  1.00 47.98 ? 110  TYR A CZ  1 
ATOM   748  O  OH  . TYR A 1 104 ? 17.666  -7.087  -3.660  1.00 47.33 ? 110  TYR A OH  1 
ATOM   749  N  N   . ASP A 1 105 ? 12.688  -6.162  -1.096  1.00 38.24 ? 111  ASP A N   1 
ATOM   750  C  CA  . ASP A 1 105 ? 12.952  -7.178  -0.075  1.00 39.22 ? 111  ASP A CA  1 
ATOM   751  C  C   . ASP A 1 105 ? 14.445  -7.526  -0.173  1.00 40.58 ? 111  ASP A C   1 
ATOM   752  O  O   . ASP A 1 105 ? 14.862  -8.124  -1.166  1.00 37.77 ? 111  ASP A O   1 
ATOM   753  C  CB  . ASP A 1 105 ? 12.003  -8.364  -0.306  1.00 39.46 ? 111  ASP A CB  1 
ATOM   754  C  CG  . ASP A 1 105 ? 11.930  -9.414  0.788   1.00 37.31 ? 111  ASP A CG  1 
ATOM   755  O  OD1 . ASP A 1 105 ? 12.886  -9.516  1.569   1.00 35.19 ? 111  ASP A OD1 1 
ATOM   756  O  OD2 . ASP A 1 105 ? 10.914  -10.139 0.828   1.00 37.56 ? 111  ASP A OD2 1 
ATOM   757  N  N   . TYR A 1 106 ? 15.237  -7.102  0.830   1.00 43.82 ? 112  TYR A N   1 
ATOM   758  C  CA  . TYR A 1 106 ? 16.724  -7.261  0.853   1.00 45.85 ? 112  TYR A CA  1 
ATOM   759  C  C   . TYR A 1 106 ? 17.118  -8.708  1.215   1.00 49.37 ? 112  TYR A C   1 
ATOM   760  O  O   . TYR A 1 106 ? 18.307  -9.061  1.125   1.00 50.84 ? 112  TYR A O   1 
ATOM   761  C  CB  . TYR A 1 106 ? 17.397  -6.302  1.851   1.00 44.41 ? 112  TYR A CB  1 
ATOM   762  C  CG  . TYR A 1 106 ? 17.583  -4.856  1.438   1.00 41.98 ? 112  TYR A CG  1 
ATOM   763  C  CD1 . TYR A 1 106 ? 18.538  -4.473  0.504   1.00 41.42 ? 112  TYR A CD1 1 
ATOM   764  C  CD2 . TYR A 1 106 ? 16.863  -3.845  2.052   1.00 41.06 ? 112  TYR A CD2 1 
ATOM   765  C  CE1 . TYR A 1 106 ? 18.728  -3.143  0.154   1.00 39.52 ? 112  TYR A CE1 1 
ATOM   766  C  CE2 . TYR A 1 106 ? 17.037  -2.511  1.714   1.00 40.49 ? 112  TYR A CE2 1 
ATOM   767  C  CZ  . TYR A 1 106 ? 17.972  -2.155  0.760   1.00 39.01 ? 112  TYR A CZ  1 
ATOM   768  O  OH  . TYR A 1 106 ? 18.119  -0.840  0.430   1.00 35.25 ? 112  TYR A OH  1 
ATOM   769  N  N   . LYS A 1 107 ? 16.136  -9.523  1.641   1.00 50.80 ? 113  LYS A N   1 
ATOM   770  C  CA  . LYS A 1 107 ? 16.326  -10.942 1.950   1.00 52.90 ? 113  LYS A CA  1 
ATOM   771  C  C   . LYS A 1 107 ? 16.019  -11.814 0.724   1.00 53.88 ? 113  LYS A C   1 
ATOM   772  O  O   . LYS A 1 107 ? 16.896  -12.538 0.268   1.00 55.03 ? 113  LYS A O   1 
ATOM   773  C  CB  . LYS A 1 107 ? 15.433  -11.384 3.114   1.00 56.34 ? 113  LYS A CB  1 
ATOM   774  C  CG  . LYS A 1 107 ? 15.435  -12.885 3.374   1.00 58.27 ? 113  LYS A CG  1 
ATOM   775  C  CD  . LYS A 1 107 ? 14.705  -13.304 4.625   1.00 60.11 ? 113  LYS A CD  1 
ATOM   776  C  CE  . LYS A 1 107 ? 14.358  -14.777 4.598   1.00 63.78 ? 113  LYS A CE  1 
ATOM   777  N  NZ  . LYS A 1 107 ? 13.472  -15.147 5.725   1.00 66.75 ? 113  LYS A NZ  1 
ATOM   778  N  N   . GLU A 1 108 ? 14.765  -11.769 0.240   1.00 56.67 ? 114  GLU A N   1 
ATOM   779  C  CA  . GLU A 1 108 ? 14.261  -12.630 -0.872  1.00 58.25 ? 114  GLU A CA  1 
ATOM   780  C  C   . GLU A 1 108 ? 14.662  -12.031 -2.232  1.00 57.91 ? 114  GLU A C   1 
ATOM   781  O  O   . GLU A 1 108 ? 14.558  -12.698 -3.271  1.00 53.57 ? 114  GLU A O   1 
ATOM   782  C  CB  . GLU A 1 108 ? 12.738  -12.807 -0.797  1.00 60.07 ? 114  GLU A CB  1 
ATOM   783  C  CG  . GLU A 1 108 ? 12.230  -13.430 0.504   1.00 61.42 ? 114  GLU A CG  1 
ATOM   784  C  CD  . GLU A 1 108 ? 11.812  -14.900 0.496   1.00 61.32 ? 114  GLU A CD  1 
ATOM   785  O  OE1 . GLU A 1 108 ? 12.122  -15.626 -0.478  1.00 58.69 ? 114  GLU A OE1 1 
ATOM   786  O  OE2 . GLU A 1 108 ? 11.157  -15.320 1.479   1.00 62.13 ? 114  GLU A OE2 1 
ATOM   787  N  N   . ASN A 1 109 ? 15.078  -10.758 -2.207  1.00 58.03 ? 115  ASN A N   1 
ATOM   788  C  CA  . ASN A 1 109 ? 15.857  -10.103 -3.270  1.00 57.25 ? 115  ASN A CA  1 
ATOM   789  C  C   . ASN A 1 109 ? 14.959  -9.836  -4.483  1.00 54.20 ? 115  ASN A C   1 
ATOM   790  O  O   . ASN A 1 109 ? 15.259  -10.281 -5.598  1.00 56.08 ? 115  ASN A O   1 
ATOM   791  C  CB  . ASN A 1 109 ? 17.134  -10.889 -3.595  1.00 57.07 ? 115  ASN A CB  1 
ATOM   792  C  CG  . ASN A 1 109 ? 18.146  -10.840 -2.469  1.00 56.43 ? 115  ASN A CG  1 
ATOM   793  O  OD1 . ASN A 1 109 ? 18.546  -11.878 -1.949  1.00 54.67 ? 115  ASN A OD1 1 
ATOM   794  N  ND2 . ASN A 1 109 ? 18.566  -9.643  -2.081  1.00 55.73 ? 115  ASN A ND2 1 
ATOM   795  N  N   . ARG A 1 110 ? 13.890  -9.067  -4.234  1.00 49.51 ? 116  ARG A N   1 
ATOM   796  C  CA  . ARG A 1 110 ? 12.873  -8.699  -5.225  1.00 47.57 ? 116  ARG A CA  1 
ATOM   797  C  C   . ARG A 1 110 ? 12.100  -7.467  -4.731  1.00 47.49 ? 116  ARG A C   1 
ATOM   798  O  O   . ARG A 1 110 ? 12.085  -7.177  -3.527  1.00 50.55 ? 116  ARG A O   1 
ATOM   799  C  CB  . ARG A 1 110 ? 11.916  -9.873  -5.446  1.00 46.81 ? 116  ARG A CB  1 
ATOM   800  C  CG  . ARG A 1 110 ? 11.068  -10.214 -4.231  1.00 46.69 ? 116  ARG A CG  1 
ATOM   801  C  CD  . ARG A 1 110 ? 10.800  -11.698 -4.129  1.00 47.15 ? 116  ARG A CD  1 
ATOM   802  N  NE  . ARG A 1 110 ? 9.721   -11.958 -3.192  1.00 48.73 ? 116  ARG A NE  1 
ATOM   803  C  CZ  . ARG A 1 110 ? 9.465   -13.141 -2.646  1.00 49.09 ? 116  ARG A CZ  1 
ATOM   804  N  NH1 . ARG A 1 110 ? 10.262  -14.165 -2.885  1.00 48.39 ? 116  ARG A NH1 1 
ATOM   805  N  NH2 . ARG A 1 110 ? 8.419   -13.297 -1.855  1.00 49.07 ? 116  ARG A NH2 1 
ATOM   806  N  N   . PHE A 1 111 ? 11.457  -6.744  -5.660  1.00 43.15 ? 117  PHE A N   1 
ATOM   807  C  CA  . PHE A 1 111 ? 10.566  -5.623  -5.300  1.00 37.11 ? 117  PHE A CA  1 
ATOM   808  C  C   . PHE A 1 111 ? 9.190   -6.187  -4.953  1.00 34.39 ? 117  PHE A C   1 
ATOM   809  O  O   . PHE A 1 111 ? 8.840   -7.282  -5.397  1.00 33.26 ? 117  PHE A O   1 
ATOM   810  C  CB  . PHE A 1 111 ? 10.469  -4.598  -6.431  1.00 34.69 ? 117  PHE A CB  1 
ATOM   811  C  CG  . PHE A 1 111 ? 11.751  -3.857  -6.700  1.00 32.55 ? 117  PHE A CG  1 
ATOM   812  C  CD1 . PHE A 1 111 ? 12.104  -2.755  -5.940  1.00 32.18 ? 117  PHE A CD1 1 
ATOM   813  C  CD2 . PHE A 1 111 ? 12.612  -4.271  -7.699  1.00 30.86 ? 117  PHE A CD2 1 
ATOM   814  C  CE1 . PHE A 1 111 ? 13.290  -2.082  -6.177  1.00 32.05 ? 117  PHE A CE1 1 
ATOM   815  C  CE2 . PHE A 1 111 ? 13.794  -3.591  -7.940  1.00 31.02 ? 117  PHE A CE2 1 
ATOM   816  C  CZ  . PHE A 1 111 ? 14.135  -2.502  -7.177  1.00 31.31 ? 117  PHE A CZ  1 
ATOM   817  N  N   . ILE A 1 112 ? 8.421   -5.431  -4.166  1.00 32.82 ? 118  ILE A N   1 
ATOM   818  C  CA  . ILE A 1 112 ? 7.068   -5.841  -3.795  1.00 32.18 ? 118  ILE A CA  1 
ATOM   819  C  C   . ILE A 1 112 ? 6.101   -4.734  -4.213  1.00 30.51 ? 118  ILE A C   1 
ATOM   820  O  O   . ILE A 1 112 ? 6.342   -3.559  -3.916  1.00 30.62 ? 118  ILE A O   1 
ATOM   821  C  CB  . ILE A 1 112 ? 6.940   -6.172  -2.293  1.00 32.19 ? 118  ILE A CB  1 
ATOM   822  C  CG1 . ILE A 1 112 ? 8.148   -6.958  -1.775  1.00 34.07 ? 118  ILE A CG1 1 
ATOM   823  C  CG2 . ILE A 1 112 ? 5.641   -6.915  -2.032  1.00 31.77 ? 118  ILE A CG2 1 
ATOM   824  C  CD1 . ILE A 1 112 ? 8.079   -7.329  -0.315  1.00 35.07 ? 118  ILE A CD1 1 
ATOM   825  N  N   . GLU A 1 113 ? 5.034   -5.129  -4.921  1.00 28.70 ? 119  GLU A N   1 
ATOM   826  C  CA  . GLU A 1 113 ? 3.882   -4.274  -5.118  1.00 28.12 ? 119  GLU A CA  1 
ATOM   827  C  C   . GLU A 1 113 ? 2.818   -4.687  -4.114  1.00 28.54 ? 119  GLU A C   1 
ATOM   828  O  O   . GLU A 1 113 ? 2.400   -5.839  -4.115  1.00 30.52 ? 119  GLU A O   1 
ATOM   829  C  CB  . GLU A 1 113 ? 3.299   -4.378  -6.525  1.00 27.51 ? 119  GLU A CB  1 
ATOM   830  C  CG  . GLU A 1 113 ? 2.192   -3.373  -6.786  1.00 26.71 ? 119  GLU A CG  1 
ATOM   831  C  CD  . GLU A 1 113 ? 2.477   -1.955  -6.311  1.00 27.40 ? 119  GLU A CD  1 
ATOM   832  O  OE1 . GLU A 1 113 ? 3.584   -1.422  -6.594  1.00 26.51 ? 119  GLU A OE1 1 
ATOM   833  O  OE2 . GLU A 1 113 ? 1.590   -1.381  -5.658  1.00 28.17 ? 119  GLU A OE2 1 
ATOM   834  N  N   . ILE A 1 114 ? 2.417   -3.737  -3.266  1.00 28.82 ? 120  ILE A N   1 
ATOM   835  C  CA  . ILE A 1 114 ? 1.352   -3.932  -2.312  1.00 28.99 ? 120  ILE A CA  1 
ATOM   836  C  C   . ILE A 1 114 ? 0.057   -3.401  -2.924  1.00 28.40 ? 120  ILE A C   1 
ATOM   837  O  O   . ILE A 1 114 ? -0.024  -2.240  -3.322  1.00 28.10 ? 120  ILE A O   1 
ATOM   838  C  CB  . ILE A 1 114 ? 1.642   -3.235  -0.971  1.00 30.20 ? 120  ILE A CB  1 
ATOM   839  C  CG1 . ILE A 1 114 ? 3.055   -3.517  -0.453  1.00 30.83 ? 120  ILE A CG1 1 
ATOM   840  C  CG2 . ILE A 1 114 ? 0.589   -3.629  0.046   1.00 30.99 ? 120  ILE A CG2 1 
ATOM   841  C  CD1 . ILE A 1 114 ? 3.342   -4.978  -0.251  1.00 31.23 ? 120  ILE A CD1 1 
ATOM   842  N  N   . GLY A 1 115 ? -0.945  -4.279  -2.981  1.00 27.58 ? 121  GLY A N   1 
ATOM   843  C  CA  . GLY A 1 115 ? -2.287  -3.903  -3.320  1.00 27.53 ? 121  GLY A CA  1 
ATOM   844  C  C   . GLY A 1 115 ? -3.190  -3.984  -2.109  1.00 26.80 ? 121  GLY A C   1 
ATOM   845  O  O   . GLY A 1 115 ? -3.083  -4.921  -1.341  1.00 25.01 ? 121  GLY A O   1 
ATOM   846  N  N   . VAL A 1 116 ? -4.065  -2.982  -1.954  1.00 28.75 ? 122  VAL A N   1 
ATOM   847  C  CA  . VAL A 1 116 ? -5.184  -3.025  -1.003  1.00 30.99 ? 122  VAL A CA  1 
ATOM   848  C  C   . VAL A 1 116 ? -6.478  -2.745  -1.773  1.00 32.71 ? 122  VAL A C   1 
ATOM   849  O  O   . VAL A 1 116 ? -6.571  -1.715  -2.447  1.00 35.45 ? 122  VAL A O   1 
ATOM   850  C  CB  . VAL A 1 116 ? -5.003  -2.022  0.153   1.00 30.33 ? 122  VAL A CB  1 
ATOM   851  C  CG1 . VAL A 1 116 ? -5.968  -2.305  1.292   1.00 30.20 ? 122  VAL A CG1 1 
ATOM   852  C  CG2 . VAL A 1 116 ? -3.572  -1.989  0.661   1.00 30.54 ? 122  VAL A CG2 1 
ATOM   853  N  N   . THR A 1 117 ? -7.463  -3.643  -1.645  1.00 34.40 ? 123  THR A N   1 
ATOM   854  C  CA  . THR A 1 117 ? -8.701  -3.574  -2.432  1.00 37.83 ? 123  THR A CA  1 
ATOM   855  C  C   . THR A 1 117 ? -9.918  -3.915  -1.564  1.00 37.71 ? 123  THR A C   1 
ATOM   856  O  O   . THR A 1 117 ? -9.846  -4.732  -0.630  1.00 36.18 ? 123  THR A O   1 
ATOM   857  C  CB  . THR A 1 117 ? -8.619  -4.490  -3.666  1.00 41.69 ? 123  THR A CB  1 
ATOM   858  O  OG1 . THR A 1 117 ? -9.677  -4.172  -4.574  1.00 42.06 ? 123  THR A OG1 1 
ATOM   859  C  CG2 . THR A 1 117 ? -8.680  -5.965  -3.324  1.00 43.12 ? 123  THR A CG2 1 
ATOM   860  N  N   . ARG A 1 118 ? -11.052 -3.309  -1.928  1.00 38.73 ? 124  ARG A N   1 
ATOM   861  C  CA  . ARG A 1 118 ? -12.346 -3.614  -1.302  1.00 40.43 ? 124  ARG A CA  1 
ATOM   862  C  C   . ARG A 1 118 ? -13.193 -4.473  -2.255  1.00 39.50 ? 124  ARG A C   1 
ATOM   863  O  O   . ARG A 1 118 ? -14.424 -4.445  -2.183  1.00 39.74 ? 124  ARG A O   1 
ATOM   864  C  CB  . ARG A 1 118 ? -13.072 -2.334  -0.865  1.00 39.60 ? 124  ARG A CB  1 
ATOM   865  C  CG  . ARG A 1 118 ? -12.973 -1.168  -1.833  1.00 38.21 ? 124  ARG A CG  1 
ATOM   866  C  CD  . ARG A 1 118 ? -11.882 -0.185  -1.452  1.00 38.15 ? 124  ARG A CD  1 
ATOM   867  N  NE  . ARG A 1 118 ? -12.214 1.158   -1.927  1.00 37.52 ? 124  ARG A NE  1 
ATOM   868  C  CZ  . ARG A 1 118 ? -11.332 2.095   -2.268  1.00 36.13 ? 124  ARG A CZ  1 
ATOM   869  N  NH1 . ARG A 1 118 ? -10.037 1.824   -2.283  1.00 36.19 ? 124  ARG A NH1 1 
ATOM   870  N  NH2 . ARG A 1 118 ? -11.755 3.300   -2.603  1.00 35.30 ? 124  ARG A NH2 1 
ATOM   871  N  N   . ARG A 1 119 ? -12.508 -5.240  -3.117  1.00 38.29 ? 125  ARG A N   1 
ATOM   872  C  CA  . ARG A 1 119 ? -13.082 -6.237  -4.015  1.00 38.81 ? 125  ARG A CA  1 
ATOM   873  C  C   . ARG A 1 119 ? -12.407 -7.579  -3.723  1.00 41.00 ? 125  ARG A C   1 
ATOM   874  O  O   . ARG A 1 119 ? -11.591 -7.657  -2.810  1.00 42.60 ? 125  ARG A O   1 
ATOM   875  C  CB  . ARG A 1 119 ? -12.839 -5.837  -5.471  1.00 38.76 ? 125  ARG A CB  1 
ATOM   876  C  CG  . ARG A 1 119 ? -13.526 -4.550  -5.905  1.00 37.08 ? 125  ARG A CG  1 
ATOM   877  C  CD  . ARG A 1 119 ? -13.244 -4.267  -7.370  1.00 35.19 ? 125  ARG A CD  1 
ATOM   878  N  NE  . ARG A 1 119 ? -11.918 -3.708  -7.555  1.00 33.11 ? 125  ARG A NE  1 
ATOM   879  C  CZ  . ARG A 1 119 ? -11.221 -3.791  -8.674  1.00 33.06 ? 125  ARG A CZ  1 
ATOM   880  N  NH1 . ARG A 1 119 ? -11.704 -4.446  -9.715  1.00 31.64 ? 125  ARG A NH1 1 
ATOM   881  N  NH2 . ARG A 1 119 ? -10.035 -3.216  -8.744  1.00 34.82 ? 125  ARG A NH2 1 
ATOM   882  N  N   . GLU A 1 120 ? -12.722 -8.624  -4.499  1.00 43.97 ? 126  GLU A N   1 
ATOM   883  C  CA  . GLU A 1 120 ? -12.038 -9.905  -4.306  1.00 46.69 ? 126  GLU A CA  1 
ATOM   884  C  C   . GLU A 1 120 ? -10.557 -9.743  -4.655  1.00 44.29 ? 126  GLU A C   1 
ATOM   885  O  O   . GLU A 1 120 ? -10.193 -9.027  -5.583  1.00 41.99 ? 126  GLU A O   1 
ATOM   886  C  CB  . GLU A 1 120 ? -12.615 -11.053 -5.137  1.00 51.04 ? 126  GLU A CB  1 
ATOM   887  C  CG  . GLU A 1 120 ? -13.691 -11.859 -4.430  1.00 51.67 ? 126  GLU A CG  1 
ATOM   888  C  CD  . GLU A 1 120 ? -15.085 -11.554 -4.939  1.00 56.71 ? 126  GLU A CD  1 
ATOM   889  O  OE1 . GLU A 1 120 ? -15.209 -10.743 -5.890  1.00 58.48 ? 126  GLU A OE1 1 
ATOM   890  O  OE2 . GLU A 1 120 ? -16.037 -12.133 -4.394  1.00 62.52 ? 126  GLU A OE2 1 
ATOM   891  N  N   . VAL A 1 121 ? -9.733  -10.486 -3.916  1.00 45.28 ? 127  VAL A N   1 
ATOM   892  C  CA  . VAL A 1 121 ? -8.293  -10.327 -3.907  1.00 46.08 ? 127  VAL A CA  1 
ATOM   893  C  C   . VAL A 1 121 ? -7.720  -10.849 -5.234  1.00 44.03 ? 127  VAL A C   1 
ATOM   894  O  O   . VAL A 1 121 ? -6.701  -10.339 -5.700  1.00 45.02 ? 127  VAL A O   1 
ATOM   895  C  CB  . VAL A 1 121 ? -7.665  -11.024 -2.680  1.00 46.87 ? 127  VAL A CB  1 
ATOM   896  C  CG1 . VAL A 1 121 ? -8.413  -10.709 -1.394  1.00 46.16 ? 127  VAL A CG1 1 
ATOM   897  C  CG2 . VAL A 1 121 ? -7.566  -12.528 -2.861  1.00 49.06 ? 127  VAL A CG2 1 
ATOM   898  N  N   . HIS A 1 122 ? -8.378  -11.854 -5.832  1.00 41.18 ? 128  HIS A N   1 
ATOM   899  C  CA  . HIS A 1 122 ? -7.923  -12.463 -7.093  1.00 40.00 ? 128  HIS A CA  1 
ATOM   900  C  C   . HIS A 1 122 ? -8.130  -11.477 -8.247  1.00 38.99 ? 128  HIS A C   1 
ATOM   901  O  O   . HIS A 1 122 ? -7.336  -11.447 -9.171  1.00 37.90 ? 128  HIS A O   1 
ATOM   902  C  CB  . HIS A 1 122 ? -8.575  -13.840 -7.343  1.00 39.58 ? 128  HIS A CB  1 
ATOM   903  C  CG  . HIS A 1 122 ? -10.049 -13.822 -7.584  1.00 39.32 ? 128  HIS A CG  1 
ATOM   904  N  ND1 . HIS A 1 122 ? -10.964 -14.144 -6.594  1.00 38.80 ? 128  HIS A ND1 1 
ATOM   905  C  CD2 . HIS A 1 122 ? -10.773 -13.547 -8.690  1.00 37.85 ? 128  HIS A CD2 1 
ATOM   906  C  CE1 . HIS A 1 122 ? -12.182 -14.057 -7.082  1.00 37.68 ? 128  HIS A CE1 1 
ATOM   907  N  NE2 . HIS A 1 122 ? -12.091 -13.692 -8.364  1.00 36.64 ? 128  HIS A NE2 1 
ATOM   908  N  N   . ILE A 1 123 ? -9.185  -10.662 -8.167  1.00 40.43 ? 129  ILE A N   1 
ATOM   909  C  CA  . ILE A 1 123 ? -9.475  -9.673  -9.200  1.00 42.23 ? 129  ILE A CA  1 
ATOM   910  C  C   . ILE A 1 123 ? -8.403  -8.584  -9.146  1.00 42.21 ? 129  ILE A C   1 
ATOM   911  O  O   . ILE A 1 123 ? -7.772  -8.282  -10.163 1.00 45.96 ? 129  ILE A O   1 
ATOM   912  C  CB  . ILE A 1 123 ? -10.900 -9.093  -9.067  1.00 43.44 ? 129  ILE A CB  1 
ATOM   913  C  CG1 . ILE A 1 123 ? -11.956 -10.063 -9.614  1.00 44.38 ? 129  ILE A CG1 1 
ATOM   914  C  CG2 . ILE A 1 123 ? -10.993 -7.727  -9.735  1.00 42.40 ? 129  ILE A CG2 1 
ATOM   915  C  CD1 . ILE A 1 123 ? -13.301 -9.978  -8.911  1.00 45.47 ? 129  ILE A CD1 1 
ATOM   916  N  N   . TYR A 1 124 ? -8.190  -8.007  -7.961  1.00 40.16 ? 130  TYR A N   1 
ATOM   917  C  CA  . TYR A 1 124 ? -7.230  -6.929  -7.843  1.00 38.07 ? 130  TYR A CA  1 
ATOM   918  C  C   . TYR A 1 124 ? -5.817  -7.466  -8.076  1.00 38.84 ? 130  TYR A C   1 
ATOM   919  O  O   . TYR A 1 124 ? -4.952  -6.712  -8.504  1.00 41.95 ? 130  TYR A O   1 
ATOM   920  C  CB  . TYR A 1 124 ? -7.334  -6.188  -6.511  1.00 36.50 ? 130  TYR A CB  1 
ATOM   921  C  CG  . TYR A 1 124 ? -6.629  -4.855  -6.536  1.00 36.50 ? 130  TYR A CG  1 
ATOM   922  C  CD1 . TYR A 1 124 ? -6.923  -3.911  -7.511  1.00 36.38 ? 130  TYR A CD1 1 
ATOM   923  C  CD2 . TYR A 1 124 ? -5.644  -4.538  -5.614  1.00 35.91 ? 130  TYR A CD2 1 
ATOM   924  C  CE1 . TYR A 1 124 ? -6.265  -2.693  -7.563  1.00 36.16 ? 130  TYR A CE1 1 
ATOM   925  C  CE2 . TYR A 1 124 ? -4.980  -3.322  -5.652  1.00 35.29 ? 130  TYR A CE2 1 
ATOM   926  C  CZ  . TYR A 1 124 ? -5.288  -2.395  -6.630  1.00 34.91 ? 130  TYR A CZ  1 
ATOM   927  O  OH  . TYR A 1 124 ? -4.634  -1.200  -6.669  1.00 34.32 ? 130  TYR A OH  1 
ATOM   928  N  N   . TYR A 1 125 ? -5.594  -8.760  -7.819  1.00 39.73 ? 131  TYR A N   1 
ATOM   929  C  CA  . TYR A 1 125 ? -4.309  -9.375  -8.133  1.00 40.10 ? 131  TYR A CA  1 
ATOM   930  C  C   . TYR A 1 125 ? -4.084  -9.289  -9.650  1.00 38.80 ? 131  TYR A C   1 
ATOM   931  O  O   . TYR A 1 125 ? -3.063  -8.770  -10.091 1.00 40.71 ? 131  TYR A O   1 
ATOM   932  C  CB  . TYR A 1 125 ? -4.210  -10.808 -7.599  1.00 41.90 ? 131  TYR A CB  1 
ATOM   933  C  CG  . TYR A 1 125 ? -2.984  -11.556 -8.062  1.00 43.93 ? 131  TYR A CG  1 
ATOM   934  C  CD1 . TYR A 1 125 ? -2.986  -12.230 -9.275  1.00 44.48 ? 131  TYR A CD1 1 
ATOM   935  C  CD2 . TYR A 1 125 ? -1.818  -11.583 -7.308  1.00 44.47 ? 131  TYR A CD2 1 
ATOM   936  C  CE1 . TYR A 1 125 ? -1.867  -12.911 -9.728  1.00 44.86 ? 131  TYR A CE1 1 
ATOM   937  C  CE2 . TYR A 1 125 ? -0.688  -12.258 -7.749  1.00 45.26 ? 131  TYR A CE2 1 
ATOM   938  C  CZ  . TYR A 1 125 ? -0.712  -12.923 -8.966  1.00 46.01 ? 131  TYR A CZ  1 
ATOM   939  O  OH  . TYR A 1 125 ? 0.382   -13.588 -9.441  1.00 48.49 ? 131  TYR A OH  1 
ATOM   940  N  N   . LEU A 1 126 ? -5.051  -9.769  -10.441 1.00 35.52 ? 132  LEU A N   1 
ATOM   941  C  CA  . LEU A 1 126 ? -4.864  -9.910  -11.897 1.00 33.39 ? 132  LEU A CA  1 
ATOM   942  C  C   . LEU A 1 126 ? -4.645  -8.541  -12.547 1.00 30.96 ? 132  LEU A C   1 
ATOM   943  O  O   . LEU A 1 126 ? -3.861  -8.441  -13.482 1.00 28.92 ? 132  LEU A O   1 
ATOM   944  C  CB  . LEU A 1 126 ? -6.076  -10.614 -12.516 1.00 34.26 ? 132  LEU A CB  1 
ATOM   945  C  CG  . LEU A 1 126 ? -6.239  -12.092 -12.156 1.00 34.50 ? 132  LEU A CG  1 
ATOM   946  C  CD1 . LEU A 1 126 ? -7.614  -12.600 -12.557 1.00 33.40 ? 132  LEU A CD1 1 
ATOM   947  C  CD2 . LEU A 1 126 ? -5.148  -12.939 -12.792 1.00 34.63 ? 132  LEU A CD2 1 
ATOM   948  N  N   . GLU A 1 127 ? -5.363  -7.522  -12.057 1.00 30.03 ? 133  GLU A N   1 
ATOM   949  C  CA  . GLU A 1 127 ? -5.231  -6.138  -12.522 1.00 29.93 ? 133  GLU A CA  1 
ATOM   950  C  C   . GLU A 1 127 ? -3.784  -5.672  -12.344 1.00 29.46 ? 133  GLU A C   1 
ATOM   951  O  O   . GLU A 1 127 ? -3.168  -5.085  -13.239 1.00 27.03 ? 133  GLU A O   1 
ATOM   952  C  CB  . GLU A 1 127 ? -6.120  -5.194  -11.714 1.00 30.02 ? 133  GLU A CB  1 
ATOM   953  C  CG  . GLU A 1 127 ? -7.547  -5.081  -12.206 1.00 30.60 ? 133  GLU A CG  1 
ATOM   954  C  CD  . GLU A 1 127 ? -8.321  -3.993  -11.474 1.00 32.76 ? 133  GLU A CD  1 
ATOM   955  O  OE1 . GLU A 1 127 ? -7.676  -2.978  -11.084 1.00 33.82 ? 133  GLU A OE1 1 
ATOM   956  O  OE2 . GLU A 1 127 ? -9.559  -4.153  -11.278 1.00 31.74 ? 133  GLU A OE2 1 
ATOM   957  N  N   . LYS A 1 128 ? -3.274  -5.907  -11.140 1.00 31.47 ? 134  LYS A N   1 
ATOM   958  C  CA  . LYS A 1 128 ? -1.915  -5.571  -10.805 1.00 35.31 ? 134  LYS A CA  1 
ATOM   959  C  C   . LYS A 1 128 ? -0.973  -6.302  -11.773 1.00 38.17 ? 134  LYS A C   1 
ATOM   960  O  O   . LYS A 1 128 ? -0.214  -5.674  -12.508 1.00 38.40 ? 134  LYS A O   1 
ATOM   961  C  CB  . LYS A 1 128 ? -1.650  -5.911  -9.334  1.00 35.65 ? 134  LYS A CB  1 
ATOM   962  C  CG  . LYS A 1 128 ? -2.052  -4.827  -8.347  1.00 36.91 ? 134  LYS A CG  1 
ATOM   963  C  CD  . LYS A 1 128 ? -1.101  -3.654  -8.400  1.00 38.47 ? 134  LYS A CD  1 
ATOM   964  C  CE  . LYS A 1 128 ? -1.508  -2.471  -7.552  1.00 38.47 ? 134  LYS A CE  1 
ATOM   965  N  NZ  . LYS A 1 128 ? -0.465  -1.419  -7.604  1.00 38.69 ? 134  LYS A NZ  1 
ATOM   966  N  N   . ALA A 1 129 ? -1.070  -7.637  -11.799 1.00 41.60 ? 135  ALA A N   1 
ATOM   967  C  CA  . ALA A 1 129 ? -0.171  -8.496  -12.577 1.00 41.80 ? 135  ALA A CA  1 
ATOM   968  C  C   . ALA A 1 129 ? -0.197  -8.081  -14.050 1.00 44.31 ? 135  ALA A C   1 
ATOM   969  O  O   . ALA A 1 129 ? 0.828   -8.157  -14.723 1.00 48.56 ? 135  ALA A O   1 
ATOM   970  C  CB  . ALA A 1 129 ? -0.557  -9.941  -12.402 1.00 40.73 ? 135  ALA A CB  1 
ATOM   971  N  N   . ASN A 1 130 ? -1.376  -7.645  -14.518 1.00 45.09 ? 136  ASN A N   1 
ATOM   972  C  CA  . ASN A 1 130 ? -1.587  -7.162  -15.872 1.00 43.77 ? 136  ASN A CA  1 
ATOM   973  C  C   . ASN A 1 130 ? -0.722  -5.935  -16.129 1.00 43.40 ? 136  ASN A C   1 
ATOM   974  O  O   . ASN A 1 130 ? -0.079  -5.859  -17.148 1.00 49.40 ? 136  ASN A O   1 
ATOM   975  C  CB  . ASN A 1 130 ? -3.027  -6.734  -16.145 1.00 43.86 ? 136  ASN A CB  1 
ATOM   976  C  CG  . ASN A 1 130 ? -3.570  -7.359  -17.406 1.00 43.60 ? 136  ASN A CG  1 
ATOM   977  O  OD1 . ASN A 1 130 ? -3.753  -8.568  -17.451 1.00 47.08 ? 136  ASN A OD1 1 
ATOM   978  N  ND2 . ASN A 1 130 ? -3.827  -6.552  -18.422 1.00 42.55 ? 136  ASN A ND2 1 
ATOM   979  N  N   . LYS A 1 131 ? -0.748  -4.981  -15.199 1.00 45.02 ? 137  LYS A N   1 
ATOM   980  C  CA  . LYS A 1 131 ? -0.119  -3.688  -15.413 1.00 49.97 ? 137  LYS A CA  1 
ATOM   981  C  C   . LYS A 1 131 ? 1.392   -3.859  -15.607 1.00 51.33 ? 137  LYS A C   1 
ATOM   982  O  O   . LYS A 1 131 ? 2.015   -3.062  -16.295 1.00 52.91 ? 137  LYS A O   1 
ATOM   983  C  CB  . LYS A 1 131 ? -0.414  -2.723  -14.260 1.00 52.93 ? 137  LYS A CB  1 
ATOM   984  C  CG  . LYS A 1 131 ? 0.456   -1.473  -14.254 1.00 55.49 ? 137  LYS A CG  1 
ATOM   985  C  CD  . LYS A 1 131 ? -0.277  -0.183  -13.958 1.00 59.76 ? 137  LYS A CD  1 
ATOM   986  C  CE  . LYS A 1 131 ? 0.474   1.024   -14.488 1.00 63.22 ? 137  LYS A CE  1 
ATOM   987  N  NZ  . LYS A 1 131 ? -0.213  2.298   -14.164 1.00 66.67 ? 137  LYS A NZ  1 
ATOM   988  N  N   . ILE A 1 132 ? 1.967   -4.907  -15.013 1.00 53.92 ? 138  ILE A N   1 
ATOM   989  C  CA  . ILE A 1 132 ? 3.409   -5.100  -15.000 1.00 55.54 ? 138  ILE A CA  1 
ATOM   990  C  C   . ILE A 1 132 ? 3.782   -6.136  -16.075 1.00 54.67 ? 138  ILE A C   1 
ATOM   991  O  O   . ILE A 1 132 ? 3.742   -7.356  -15.861 1.00 51.77 ? 138  ILE A O   1 
ATOM   992  C  CB  . ILE A 1 132 ? 3.886   -5.493  -13.585 1.00 57.30 ? 138  ILE A CB  1 
ATOM   993  C  CG1 . ILE A 1 132 ? 3.093   -4.790  -12.480 1.00 54.33 ? 138  ILE A CG1 1 
ATOM   994  C  CG2 . ILE A 1 132 ? 5.371   -5.221  -13.427 1.00 62.03 ? 138  ILE A CG2 1 
ATOM   995  C  CD1 . ILE A 1 132 ? 2.961   -5.620  -11.230 1.00 54.36 ? 138  ILE A CD1 1 
ATOM   996  N  N   . GLU A 1 135 ? 8.402   -6.296  -13.929 1.00 59.15 ? 141  GLU A N   1 
ATOM   997  C  CA  . GLU A 1 135 ? 7.569   -7.402  -14.364 1.00 57.53 ? 141  GLU A CA  1 
ATOM   998  C  C   . GLU A 1 135 ? 7.892   -8.655  -13.544 1.00 56.95 ? 141  GLU A C   1 
ATOM   999  O  O   . GLU A 1 135 ? 7.093   -9.591  -13.532 1.00 55.81 ? 141  GLU A O   1 
ATOM   1000 C  CB  . GLU A 1 135 ? 7.739   -7.638  -15.864 1.00 59.21 ? 141  GLU A CB  1 
ATOM   1001 C  CG  . GLU A 1 135 ? 6.413   -7.797  -16.573 1.00 60.79 ? 141  GLU A CG  1 
ATOM   1002 C  CD  . GLU A 1 135 ? 6.451   -8.632  -17.838 1.00 65.64 ? 141  GLU A CD  1 
ATOM   1003 O  OE1 . GLU A 1 135 ? 6.294   -8.044  -18.933 1.00 66.42 ? 141  GLU A OE1 1 
ATOM   1004 O  OE2 . GLU A 1 135 ? 6.624   -9.869  -17.725 1.00 63.75 ? 141  GLU A OE2 1 
ATOM   1005 N  N   . LYS A 1 136 ? 9.048   -8.660  -12.858 1.00 57.07 ? 142  LYS A N   1 
ATOM   1006 C  CA  . LYS A 1 136 ? 9.421   -9.714  -11.878 1.00 56.41 ? 142  LYS A CA  1 
ATOM   1007 C  C   . LYS A 1 136 ? 9.290   -9.182  -10.443 1.00 52.38 ? 142  LYS A C   1 
ATOM   1008 O  O   . LYS A 1 136 ? 10.144  -9.446  -9.592  1.00 48.19 ? 142  LYS A O   1 
ATOM   1009 C  CB  . LYS A 1 136 ? 10.855  -10.191 -12.111 1.00 59.57 ? 142  LYS A CB  1 
ATOM   1010 C  CG  . LYS A 1 136 ? 11.139  -10.699 -13.516 1.00 64.08 ? 142  LYS A CG  1 
ATOM   1011 C  CD  . LYS A 1 136 ? 12.567  -11.153 -13.707 1.00 65.32 ? 142  LYS A CD  1 
ATOM   1012 C  CE  . LYS A 1 136 ? 12.688  -12.197 -14.796 1.00 65.98 ? 142  LYS A CE  1 
ATOM   1013 N  NZ  . LYS A 1 136 ? 14.056  -12.239 -15.357 1.00 65.86 ? 142  LYS A NZ  1 
ATOM   1014 N  N   . THR A 1 137 ? 8.201   -8.445  -10.195 1.00 49.71 ? 143  THR A N   1 
ATOM   1015 C  CA  . THR A 1 137 ? 7.855   -7.873  -8.901  1.00 45.93 ? 143  THR A CA  1 
ATOM   1016 C  C   . THR A 1 137 ? 6.916   -8.828  -8.154  1.00 41.63 ? 143  THR A C   1 
ATOM   1017 O  O   . THR A 1 137 ? 5.910   -9.284  -8.701  1.00 39.98 ? 143  THR A O   1 
ATOM   1018 C  CB  . THR A 1 137 ? 7.153   -6.517  -9.067  1.00 46.68 ? 143  THR A CB  1 
ATOM   1019 O  OG1 . THR A 1 137 ? 7.779   -5.791  -10.128 1.00 46.26 ? 143  THR A OG1 1 
ATOM   1020 C  CG2 . THR A 1 137 ? 7.154   -5.693  -7.795  1.00 45.82 ? 143  THR A CG2 1 
ATOM   1021 N  N   . HIS A 1 138 ? 7.230   -9.105  -6.890  1.00 37.68 ? 144  HIS A N   1 
ATOM   1022 C  CA  . HIS A 1 138 ? 6.341   -9.884  -6.076  1.00 36.84 ? 144  HIS A CA  1 
ATOM   1023 C  C   . HIS A 1 138 ? 5.101   -9.037  -5.793  1.00 36.18 ? 144  HIS A C   1 
ATOM   1024 O  O   . HIS A 1 138 ? 5.221   -7.887  -5.374  1.00 38.34 ? 144  HIS A O   1 
ATOM   1025 C  CB  . HIS A 1 138 ? 7.033   -10.359 -4.795  1.00 38.44 ? 144  HIS A CB  1 
ATOM   1026 C  CG  . HIS A 1 138 ? 6.517   -11.671 -4.316  1.00 40.25 ? 144  HIS A CG  1 
ATOM   1027 N  ND1 . HIS A 1 138 ? 6.993   -12.863 -4.811  1.00 40.44 ? 144  HIS A ND1 1 
ATOM   1028 C  CD2 . HIS A 1 138 ? 5.556   -11.985 -3.417  1.00 42.86 ? 144  HIS A CD2 1 
ATOM   1029 C  CE1 . HIS A 1 138 ? 6.350   -13.859 -4.230  1.00 42.77 ? 144  HIS A CE1 1 
ATOM   1030 N  NE2 . HIS A 1 138 ? 5.459   -13.349 -3.377  1.00 41.87 ? 144  HIS A NE2 1 
ATOM   1031 N  N   . ILE A 1 139 ? 3.923   -9.612  -6.061  1.00 34.44 ? 145  ILE A N   1 
ATOM   1032 C  CA  . ILE A 1 139 ? 2.637   -8.953  -5.831  1.00 31.28 ? 145  ILE A CA  1 
ATOM   1033 C  C   . ILE A 1 139 ? 1.979   -9.560  -4.588  1.00 29.31 ? 145  ILE A C   1 
ATOM   1034 O  O   . ILE A 1 139 ? 1.880   -10.763 -4.459  1.00 28.35 ? 145  ILE A O   1 
ATOM   1035 C  CB  . ILE A 1 139 ? 1.738   -9.073  -7.074  1.00 30.12 ? 145  ILE A CB  1 
ATOM   1036 C  CG1 . ILE A 1 139 ? 2.282   -8.242  -8.236  1.00 29.39 ? 145  ILE A CG1 1 
ATOM   1037 C  CG2 . ILE A 1 139 ? 0.316   -8.683  -6.728  1.00 31.21 ? 145  ILE A CG2 1 
ATOM   1038 C  CD1 . ILE A 1 139 ? 1.524   -8.424  -9.518  1.00 29.15 ? 145  ILE A CD1 1 
ATOM   1039 N  N   . HIS A 1 140 ? 1.512   -8.695  -3.689  1.00 28.91 ? 146  HIS A N   1 
ATOM   1040 C  CA  . HIS A 1 140 ? 0.856   -9.104  -2.451  1.00 28.47 ? 146  HIS A CA  1 
ATOM   1041 C  C   . HIS A 1 140 ? -0.385  -8.233  -2.255  1.00 27.36 ? 146  HIS A C   1 
ATOM   1042 O  O   . HIS A 1 140 ? -0.249  -7.019  -2.067  1.00 27.75 ? 146  HIS A O   1 
ATOM   1043 C  CB  . HIS A 1 140 ? 1.837   -8.982  -1.271  1.00 28.37 ? 146  HIS A CB  1 
ATOM   1044 C  CG  . HIS A 1 140 ? 1.418   -9.706  -0.035  1.00 27.59 ? 146  HIS A CG  1 
ATOM   1045 N  ND1 . HIS A 1 140 ? 2.328   -10.203 0.866   1.00 26.75 ? 146  HIS A ND1 1 
ATOM   1046 C  CD2 . HIS A 1 140 ? 0.196   -10.029 0.443   1.00 27.30 ? 146  HIS A CD2 1 
ATOM   1047 C  CE1 . HIS A 1 140 ? 1.679   -10.789 1.854   1.00 26.81 ? 146  HIS A CE1 1 
ATOM   1048 N  NE2 . HIS A 1 140 ? 0.377   -10.697 1.619   1.00 26.20 ? 146  HIS A NE2 1 
ATOM   1049 N  N   . ILE A 1 141 ? -1.572  -8.850  -2.302  1.00 25.83 ? 147  ILE A N   1 
ATOM   1050 C  CA  . ILE A 1 141 ? -2.830  -8.110  -2.172  1.00 25.94 ? 147  ILE A CA  1 
ATOM   1051 C  C   . ILE A 1 141 ? -3.462  -8.397  -0.804  1.00 26.23 ? 147  ILE A C   1 
ATOM   1052 O  O   . ILE A 1 141 ? -3.564  -9.549  -0.400  1.00 26.28 ? 147  ILE A O   1 
ATOM   1053 C  CB  . ILE A 1 141 ? -3.820  -8.443  -3.302  1.00 25.39 ? 147  ILE A CB  1 
ATOM   1054 C  CG1 . ILE A 1 141 ? -3.153  -8.524  -4.677  1.00 25.09 ? 147  ILE A CG1 1 
ATOM   1055 C  CG2 . ILE A 1 141 ? -4.964  -7.446  -3.291  1.00 25.57 ? 147  ILE A CG2 1 
ATOM   1056 C  CD1 . ILE A 1 141 ? -2.555  -7.227  -5.141  1.00 25.53 ? 147  ILE A CD1 1 
ATOM   1057 N  N   . PHE A 1 142 ? -3.899  -7.326  -0.123  1.00 26.58 ? 148  PHE A N   1 
ATOM   1058 C  CA  . PHE A 1 142 ? -4.715  -7.399  1.100   1.00 26.25 ? 148  PHE A CA  1 
ATOM   1059 C  C   . PHE A 1 142 ? -6.107  -6.847  0.786   1.00 26.17 ? 148  PHE A C   1 
ATOM   1060 O  O   . PHE A 1 142 ? -6.232  -5.815  0.158   1.00 25.46 ? 148  PHE A O   1 
ATOM   1061 C  CB  . PHE A 1 142 ? -4.102  -6.603  2.260   1.00 25.23 ? 148  PHE A CB  1 
ATOM   1062 C  CG  . PHE A 1 142 ? -2.716  -7.030  2.675   1.00 24.81 ? 148  PHE A CG  1 
ATOM   1063 C  CD1 . PHE A 1 142 ? -1.592  -6.501  2.058   1.00 24.95 ? 148  PHE A CD1 1 
ATOM   1064 C  CD2 . PHE A 1 142 ? -2.529  -7.962  3.681   1.00 24.42 ? 148  PHE A CD2 1 
ATOM   1065 C  CE1 . PHE A 1 142 ? -0.318  -6.896  2.439   1.00 24.79 ? 148  PHE A CE1 1 
ATOM   1066 C  CE2 . PHE A 1 142 ? -1.253  -8.348  4.066   1.00 24.36 ? 148  PHE A CE2 1 
ATOM   1067 C  CZ  . PHE A 1 142 ? -0.151  -7.819  3.444   1.00 24.29 ? 148  PHE A CZ  1 
ATOM   1068 N  N   . SER A 1 143 ? -7.141  -7.568  1.215   1.00 27.71 ? 149  SER A N   1 
ATOM   1069 C  CA  . SER A 1 143 ? -8.487  -7.052  1.260   1.00 29.24 ? 149  SER A CA  1 
ATOM   1070 C  C   . SER A 1 143 ? -8.769  -6.518  2.666   1.00 30.50 ? 149  SER A C   1 
ATOM   1071 O  O   . SER A 1 143 ? -7.898  -6.571  3.560   1.00 32.07 ? 149  SER A O   1 
ATOM   1072 C  CB  . SER A 1 143 ? -9.465  -8.115  0.916   1.00 30.13 ? 149  SER A CB  1 
ATOM   1073 O  OG  . SER A 1 143 ? -9.641  -8.974  2.040   1.00 31.55 ? 149  SER A OG  1 
ATOM   1074 N  N   . PHE A 1 144 ? -10.005 -6.045  2.862   1.00 30.15 ? 150  PHE A N   1 
ATOM   1075 C  CA  . PHE A 1 144 ? -10.464 -5.568  4.149   1.00 29.20 ? 150  PHE A CA  1 
ATOM   1076 C  C   . PHE A 1 144 ? -11.260 -6.677  4.838   1.00 28.49 ? 150  PHE A C   1 
ATOM   1077 O  O   . PHE A 1 144 ? -11.788 -6.439  5.893   1.00 30.28 ? 150  PHE A O   1 
ATOM   1078 C  CB  . PHE A 1 144 ? -11.302 -4.287  4.010   1.00 29.36 ? 150  PHE A CB  1 
ATOM   1079 C  CG  . PHE A 1 144 ? -10.600 -3.068  3.450   1.00 28.97 ? 150  PHE A CG  1 
ATOM   1080 C  CD1 . PHE A 1 144 ? -10.263 -2.988  2.106   1.00 29.53 ? 150  PHE A CD1 1 
ATOM   1081 C  CD2 . PHE A 1 144 ? -10.311 -1.976  4.256   1.00 28.60 ? 150  PHE A CD2 1 
ATOM   1082 C  CE1 . PHE A 1 144 ? -9.627  -1.867  1.591   1.00 29.58 ? 150  PHE A CE1 1 
ATOM   1083 C  CE2 . PHE A 1 144 ? -9.676  -0.853  3.739   1.00 29.02 ? 150  PHE A CE2 1 
ATOM   1084 C  CZ  . PHE A 1 144 ? -9.330  -0.801  2.410   1.00 29.28 ? 150  PHE A CZ  1 
ATOM   1085 N  N   . THR A 1 145 ? -11.356 -7.867  4.231   1.00 29.72 ? 151  THR A N   1 
ATOM   1086 C  CA  . THR A 1 145 ? -12.019 -9.029  4.872   1.00 31.58 ? 151  THR A CA  1 
ATOM   1087 C  C   . THR A 1 145 ? -10.964 -9.936  5.516   1.00 34.06 ? 151  THR A C   1 
ATOM   1088 O  O   . THR A 1 145 ? -11.269 -11.051 5.948   1.00 36.00 ? 151  THR A O   1 
ATOM   1089 C  CB  . THR A 1 145 ? -12.877 -9.853  3.895   1.00 31.17 ? 151  THR A CB  1 
ATOM   1090 O  OG1 . THR A 1 145 ? -12.212 -9.945  2.632   1.00 29.81 ? 151  THR A OG1 1 
ATOM   1091 C  CG2 . THR A 1 145 ? -14.279 -9.303  3.726   1.00 30.64 ? 151  THR A CG2 1 
ATOM   1092 N  N   . GLY A 1 146 ? -9.721  -9.450  5.590   1.00 36.86 ? 152  GLY A N   1 
ATOM   1093 C  CA  . GLY A 1 146 ? -8.602  -10.248 6.054   1.00 37.04 ? 152  GLY A CA  1 
ATOM   1094 C  C   . GLY A 1 146 ? -8.288  -11.374 5.091   1.00 36.49 ? 152  GLY A C   1 
ATOM   1095 O  O   . GLY A 1 146 ? -8.076  -12.509 5.512   1.00 34.68 ? 152  GLY A O   1 
ATOM   1096 N  N   . GLU A 1 147 ? -8.277  -11.049 3.794   1.00 38.47 ? 153  GLU A N   1 
ATOM   1097 C  CA  . GLU A 1 147 ? -7.913  -11.997 2.747   1.00 41.21 ? 153  GLU A CA  1 
ATOM   1098 C  C   . GLU A 1 147 ? -6.717  -11.464 1.964   1.00 39.22 ? 153  GLU A C   1 
ATOM   1099 O  O   . GLU A 1 147 ? -6.638  -10.274 1.666   1.00 41.73 ? 153  GLU A O   1 
ATOM   1100 C  CB  . GLU A 1 147 ? -9.060  -12.215 1.772   1.00 44.60 ? 153  GLU A CB  1 
ATOM   1101 C  CG  . GLU A 1 147 ? -10.201 -13.001 2.361   1.00 47.92 ? 153  GLU A CG  1 
ATOM   1102 C  CD  . GLU A 1 147 ? -11.270 -13.240 1.323   1.00 52.99 ? 153  GLU A CD  1 
ATOM   1103 O  OE1 . GLU A 1 147 ? -11.627 -12.256 0.633   1.00 56.34 ? 153  GLU A OE1 1 
ATOM   1104 O  OE2 . GLU A 1 147 ? -11.701 -14.407 1.176   1.00 59.41 ? 153  GLU A OE2 1 
ATOM   1105 N  N   . GLU A 1 148 ? -5.799  -12.364 1.629   1.00 35.98 ? 154  GLU A N   1 
ATOM   1106 C  CA  . GLU A 1 148 ? -4.630  -11.978 0.924   1.00 35.02 ? 154  GLU A CA  1 
ATOM   1107 C  C   . GLU A 1 148 ? -4.446  -12.912 -0.268  1.00 35.87 ? 154  GLU A C   1 
ATOM   1108 O  O   . GLU A 1 148 ? -5.125  -13.940 -0.396  1.00 34.80 ? 154  GLU A O   1 
ATOM   1109 C  CB  . GLU A 1 148 ? -3.404  -11.932 1.843   1.00 34.51 ? 154  GLU A CB  1 
ATOM   1110 C  CG  . GLU A 1 148 ? -3.282  -13.067 2.851   1.00 34.18 ? 154  GLU A CG  1 
ATOM   1111 C  CD  . GLU A 1 148 ? -2.028  -13.010 3.724   1.00 34.71 ? 154  GLU A CD  1 
ATOM   1112 O  OE1 . GLU A 1 148 ? -1.137  -12.171 3.458   1.00 34.57 ? 154  GLU A OE1 1 
ATOM   1113 O  OE2 . GLU A 1 148 ? -1.928  -13.807 4.676   1.00 34.75 ? 154  GLU A OE2 1 
ATOM   1114 N  N   . MET A 1 149 ? -3.557  -12.477 -1.162  1.00 36.85 ? 155  MET A N   1 
ATOM   1115 C  CA  . MET A 1 149 ? -3.075  -13.275 -2.250  1.00 37.60 ? 155  MET A CA  1 
ATOM   1116 C  C   . MET A 1 149 ? -1.758  -12.684 -2.768  1.00 38.82 ? 155  MET A C   1 
ATOM   1117 O  O   . MET A 1 149 ? -1.616  -11.464 -2.910  1.00 38.48 ? 155  MET A O   1 
ATOM   1118 C  CB  . MET A 1 149 ? -4.101  -13.322 -3.377  1.00 36.21 ? 155  MET A CB  1 
ATOM   1119 C  CG  . MET A 1 149 ? -3.814  -14.415 -4.356  1.00 36.51 ? 155  MET A CG  1 
ATOM   1120 S  SD  . MET A 1 149 ? -4.403  -13.949 -5.981  1.00 37.06 ? 155  MET A SD  1 
ATOM   1121 C  CE  . MET A 1 149 ? -5.864  -14.982 -6.087  1.00 37.61 ? 155  MET A CE  1 
ATOM   1122 N  N   . ALA A 1 150 ? -0.798  -13.572 -3.036  1.00 39.07 ? 156  ALA A N   1 
ATOM   1123 C  CA  . ALA A 1 150 ? 0.526   -13.186 -3.428  1.00 40.15 ? 156  ALA A CA  1 
ATOM   1124 C  C   . ALA A 1 150 ? 1.067   -14.189 -4.449  1.00 42.19 ? 156  ALA A C   1 
ATOM   1125 O  O   . ALA A 1 150 ? 0.795   -15.379 -4.332  1.00 42.45 ? 156  ALA A O   1 
ATOM   1126 C  CB  . ALA A 1 150 ? 1.396   -13.125 -2.200  1.00 41.44 ? 156  ALA A CB  1 
ATOM   1127 N  N   . THR A 1 151 ? 1.843   -13.692 -5.425  1.00 45.23 ? 157  THR A N   1 
ATOM   1128 C  CA  . THR A 1 151 ? 2.488   -14.526 -6.459  1.00 46.18 ? 157  THR A CA  1 
ATOM   1129 C  C   . THR A 1 151 ? 3.065   -15.795 -5.802  1.00 52.09 ? 157  THR A C   1 
ATOM   1130 O  O   . THR A 1 151 ? 3.629   -15.738 -4.683  1.00 50.38 ? 157  THR A O   1 
ATOM   1131 C  CB  . THR A 1 151 ? 3.545   -13.741 -7.254  1.00 42.06 ? 157  THR A CB  1 
ATOM   1132 O  OG1 . THR A 1 151 ? 4.464   -13.129 -6.349  1.00 38.14 ? 157  THR A OG1 1 
ATOM   1133 C  CG2 . THR A 1 151 ? 2.964   -12.667 -8.147  1.00 40.81 ? 157  THR A CG2 1 
ATOM   1134 N  N   . LYS A 1 152 ? 2.872   -16.936 -6.489  1.00 55.98 ? 158  LYS A N   1 
ATOM   1135 C  CA  . LYS A 1 152 ? 3.308   -18.287 -6.070  1.00 55.80 ? 158  LYS A CA  1 
ATOM   1136 C  C   . LYS A 1 152 ? 2.950   -18.538 -4.599  1.00 53.52 ? 158  LYS A C   1 
ATOM   1137 O  O   . LYS A 1 152 ? 3.677   -19.234 -3.902  1.00 55.11 ? 158  LYS A O   1 
ATOM   1138 C  CB  . LYS A 1 152 ? 4.799   -18.463 -6.386  1.00 58.39 ? 158  LYS A CB  1 
ATOM   1139 C  CG  . LYS A 1 152 ? 5.060   -18.697 -7.867  1.00 65.42 ? 158  LYS A CG  1 
ATOM   1140 C  CD  . LYS A 1 152 ? 6.497   -18.594 -8.346  1.00 69.02 ? 158  LYS A CD  1 
ATOM   1141 C  CE  . LYS A 1 152 ? 6.641   -19.105 -9.771  1.00 69.52 ? 158  LYS A CE  1 
ATOM   1142 N  NZ  . LYS A 1 152 ? 7.921   -18.699 -10.400 1.00 70.91 ? 158  LYS A NZ  1 
ATOM   1143 N  N   . ALA A 1 153 ? 1.795   -18.002 -4.170  1.00 50.93 ? 159  ALA A N   1 
ATOM   1144 C  CA  . ALA A 1 153 ? 1.308   -17.982 -2.769  1.00 48.92 ? 159  ALA A CA  1 
ATOM   1145 C  C   . ALA A 1 153 ? 2.480   -17.873 -1.783  1.00 46.64 ? 159  ALA A C   1 
ATOM   1146 O  O   . ALA A 1 153 ? 2.528   -18.578 -0.783  1.00 44.33 ? 159  ALA A O   1 
ATOM   1147 C  CB  . ALA A 1 153 ? 0.445   -19.192 -2.492  1.00 48.15 ? 159  ALA A CB  1 
ATOM   1148 N  N   . ASP A 1 154 ? 3.415   -16.964 -2.077  1.00 46.39 ? 160  ASP A N   1 
ATOM   1149 C  CA  . ASP A 1 154 ? 4.544   -16.689 -1.213  1.00 47.22 ? 160  ASP A CA  1 
ATOM   1150 C  C   . ASP A 1 154 ? 4.289   -15.340 -0.534  1.00 47.37 ? 160  ASP A C   1 
ATOM   1151 O  O   . ASP A 1 154 ? 4.555   -14.275 -1.090  1.00 49.75 ? 160  ASP A O   1 
ATOM   1152 C  CB  . ASP A 1 154 ? 5.864   -16.717 -1.987  1.00 47.61 ? 160  ASP A CB  1 
ATOM   1153 C  CG  . ASP A 1 154 ? 7.051   -16.235 -1.169  1.00 48.86 ? 160  ASP A CG  1 
ATOM   1154 O  OD1 . ASP A 1 154 ? 7.012   -16.390 0.073   1.00 48.51 ? 160  ASP A OD1 1 
ATOM   1155 O  OD2 . ASP A 1 154 ? 8.001   -15.697 -1.777  1.00 47.27 ? 160  ASP A OD2 1 
ATOM   1156 N  N   . TYR A 1 155 ? 3.782   -15.408 0.693   1.00 46.48 ? 161  TYR A N   1 
ATOM   1157 C  CA  . TYR A 1 155 ? 3.197   -14.259 1.354   1.00 47.48 ? 161  TYR A CA  1 
ATOM   1158 C  C   . TYR A 1 155 ? 4.280   -13.404 2.048   1.00 48.18 ? 161  TYR A C   1 
ATOM   1159 O  O   . TYR A 1 155 ? 3.944   -12.500 2.816   1.00 51.40 ? 161  TYR A O   1 
ATOM   1160 C  CB  . TYR A 1 155 ? 2.090   -14.753 2.294   1.00 47.92 ? 161  TYR A CB  1 
ATOM   1161 C  CG  . TYR A 1 155 ? 0.942   -15.472 1.617   1.00 49.16 ? 161  TYR A CG  1 
ATOM   1162 C  CD1 . TYR A 1 155 ? -0.044  -14.765 0.940   1.00 49.70 ? 161  TYR A CD1 1 
ATOM   1163 C  CD2 . TYR A 1 155 ? 0.814   -16.853 1.674   1.00 47.20 ? 161  TYR A CD2 1 
ATOM   1164 C  CE1 . TYR A 1 155 ? -1.117  -15.403 0.339   1.00 47.75 ? 161  TYR A CE1 1 
ATOM   1165 C  CE2 . TYR A 1 155 ? -0.250  -17.508 1.075   1.00 46.89 ? 161  TYR A CE2 1 
ATOM   1166 C  CZ  . TYR A 1 155 ? -1.217  -16.779 0.406   1.00 48.67 ? 161  TYR A CZ  1 
ATOM   1167 O  OH  . TYR A 1 155 ? -2.265  -17.403 -0.200  1.00 52.90 ? 161  TYR A OH  1 
ATOM   1168 N  N   . THR A 1 156 ? 5.568   -13.714 1.817   1.00 44.20 ? 162  THR A N   1 
ATOM   1169 C  CA  . THR A 1 156 ? 6.742   -12.846 2.125   1.00 41.09 ? 162  THR A CA  1 
ATOM   1170 C  C   . THR A 1 156 ? 6.969   -12.643 3.644   1.00 39.16 ? 162  THR A C   1 
ATOM   1171 O  O   . THR A 1 156 ? 8.102   -12.389 4.028   1.00 38.52 ? 162  THR A O   1 
ATOM   1172 C  CB  . THR A 1 156 ? 6.673   -11.513 1.351   1.00 40.53 ? 162  THR A CB  1 
ATOM   1173 O  OG1 . THR A 1 156 ? 5.842   -11.630 0.191   1.00 41.61 ? 162  THR A OG1 1 
ATOM   1174 C  CG2 . THR A 1 156 ? 8.028   -11.014 0.893   1.00 38.32 ? 162  THR A CG2 1 
ATOM   1175 N  N   . LEU A 1 157 ? 5.943   -12.777 4.508   1.00 40.73 ? 163  LEU A N   1 
ATOM   1176 C  CA  . LEU A 1 157 ? 5.988   -12.319 5.957   1.00 41.99 ? 163  LEU A CA  1 
ATOM   1177 C  C   . LEU A 1 157 ? 5.472   -13.397 6.927   1.00 42.59 ? 163  LEU A C   1 
ATOM   1178 O  O   . LEU A 1 157 ? 4.541   -14.148 6.608   1.00 43.08 ? 163  LEU A O   1 
ATOM   1179 C  CB  . LEU A 1 157 ? 5.121   -11.064 6.120   1.00 40.89 ? 163  LEU A CB  1 
ATOM   1180 C  CG  . LEU A 1 157 ? 5.724   -9.746  5.638   1.00 40.08 ? 163  LEU A CG  1 
ATOM   1181 C  CD1 . LEU A 1 157 ? 4.647   -8.678  5.547   1.00 39.38 ? 163  LEU A CD1 1 
ATOM   1182 C  CD2 . LEU A 1 157 ? 6.855   -9.288  6.549   1.00 39.31 ? 163  LEU A CD2 1 
ATOM   1183 N  N   . ASP A 1 158 ? 6.031   -13.418 8.146   1.00 41.60 ? 164  ASP A N   1 
ATOM   1184 C  CA  . ASP A 1 158 ? 5.591   -14.357 9.181   1.00 42.19 ? 164  ASP A CA  1 
ATOM   1185 C  C   . ASP A 1 158 ? 4.154   -13.985 9.560   1.00 43.64 ? 164  ASP A C   1 
ATOM   1186 O  O   . ASP A 1 158 ? 3.799   -12.828 9.516   1.00 45.90 ? 164  ASP A O   1 
ATOM   1187 C  CB  . ASP A 1 158 ? 6.544   -14.376 10.382  1.00 42.24 ? 164  ASP A CB  1 
ATOM   1188 C  CG  . ASP A 1 158 ? 6.558   -13.086 11.184  1.00 42.37 ? 164  ASP A CG  1 
ATOM   1189 O  OD1 . ASP A 1 158 ? 6.573   -12.017 10.553  1.00 43.21 ? 164  ASP A OD1 1 
ATOM   1190 O  OD2 . ASP A 1 158 ? 6.538   -13.165 12.430  1.00 41.57 ? 164  ASP A OD2 1 
ATOM   1191 N  N   . GLU A 1 159 ? 3.349   -14.984 9.929   1.00 46.94 ? 165  GLU A N   1 
ATOM   1192 C  CA  . GLU A 1 159 ? 1.886   -14.847 10.053  1.00 50.92 ? 165  GLU A CA  1 
ATOM   1193 C  C   . GLU A 1 159 ? 1.493   -13.696 11.004  1.00 49.59 ? 165  GLU A C   1 
ATOM   1194 O  O   . GLU A 1 159 ? 0.481   -13.024 10.790  1.00 47.29 ? 165  GLU A O   1 
ATOM   1195 C  CB  . GLU A 1 159 ? 1.267   -16.171 10.524  1.00 55.63 ? 165  GLU A CB  1 
ATOM   1196 C  CG  . GLU A 1 159 ? 0.343   -16.843 9.510   1.00 58.04 ? 165  GLU A CG  1 
ATOM   1197 C  CD  . GLU A 1 159 ? -0.844  -16.038 8.981   1.00 63.52 ? 165  GLU A CD  1 
ATOM   1198 O  OE1 . GLU A 1 159 ? -1.134  -14.931 9.503   1.00 65.97 ? 165  GLU A OE1 1 
ATOM   1199 O  OE2 . GLU A 1 159 ? -1.490  -16.524 8.030   1.00 68.01 ? 165  GLU A OE2 1 
ATOM   1200 N  N   . GLU A 1 160 ? 2.281   -13.486 12.063  1.00 49.63 ? 166  GLU A N   1 
ATOM   1201 C  CA  . GLU A 1 160 ? 1.990   -12.501 13.115  1.00 47.11 ? 166  GLU A CA  1 
ATOM   1202 C  C   . GLU A 1 160 ? 1.985   -11.085 12.529  1.00 41.72 ? 166  GLU A C   1 
ATOM   1203 O  O   . GLU A 1 160 ? 1.222   -10.241 12.954  1.00 41.49 ? 166  GLU A O   1 
ATOM   1204 C  CB  . GLU A 1 160 ? 3.028   -12.626 14.229  1.00 50.33 ? 166  GLU A CB  1 
ATOM   1205 C  CG  . GLU A 1 160 ? 2.787   -11.719 15.422  1.00 54.09 ? 166  GLU A CG  1 
ATOM   1206 C  CD  . GLU A 1 160 ? 3.986   -11.641 16.354  1.00 58.27 ? 166  GLU A CD  1 
ATOM   1207 O  OE1 . GLU A 1 160 ? 4.278   -10.535 16.853  1.00 58.35 ? 166  GLU A OE1 1 
ATOM   1208 O  OE2 . GLU A 1 160 ? 4.642   -12.687 16.564  1.00 60.74 ? 166  GLU A OE2 1 
ATOM   1209 N  N   . SER A 1 161 ? 2.862   -10.849 11.557  1.00 38.77 ? 167  SER A N   1 
ATOM   1210 C  CA  . SER A 1 161 ? 2.978   -9.574  10.867  1.00 38.83 ? 167  SER A CA  1 
ATOM   1211 C  C   . SER A 1 161 ? 1.797   -9.366  9.907   1.00 38.53 ? 167  SER A C   1 
ATOM   1212 O  O   . SER A 1 161 ? 1.181   -8.303  9.863   1.00 39.43 ? 167  SER A O   1 
ATOM   1213 C  CB  . SER A 1 161 ? 4.290   -9.520  10.141  1.00 37.92 ? 167  SER A CB  1 
ATOM   1214 O  OG  . SER A 1 161 ? 5.324   -10.017 10.974  1.00 37.23 ? 167  SER A OG  1 
ATOM   1215 N  N   . ARG A 1 162 ? 1.490   -10.402 9.131   1.00 38.43 ? 168  ARG A N   1 
ATOM   1216 C  CA  . ARG A 1 162 ? 0.368   -10.391 8.218   1.00 38.56 ? 168  ARG A CA  1 
ATOM   1217 C  C   . ARG A 1 162 ? -0.946  -10.225 8.998   1.00 36.83 ? 168  ARG A C   1 
ATOM   1218 O  O   . ARG A 1 162 ? -1.892  -9.646  8.492   1.00 35.05 ? 168  ARG A O   1 
ATOM   1219 C  CB  . ARG A 1 162 ? 0.378   -11.671 7.379   1.00 40.51 ? 168  ARG A CB  1 
ATOM   1220 C  CG  . ARG A 1 162 ? 1.520   -11.732 6.376   1.00 43.52 ? 168  ARG A CG  1 
ATOM   1221 C  CD  . ARG A 1 162 ? 1.390   -12.898 5.410   1.00 47.03 ? 168  ARG A CD  1 
ATOM   1222 N  NE  . ARG A 1 162 ? 1.560   -14.200 6.049   1.00 48.42 ? 168  ARG A NE  1 
ATOM   1223 C  CZ  . ARG A 1 162 ? 0.864   -15.290 5.742   1.00 47.58 ? 168  ARG A CZ  1 
ATOM   1224 N  NH1 . ARG A 1 162 ? -0.133  -15.219 4.880   1.00 42.50 ? 168  ARG A NH1 1 
ATOM   1225 N  NH2 . ARG A 1 162 ? 1.165   -16.448 6.306   1.00 52.14 ? 168  ARG A NH2 1 
ATOM   1226 N  N   . ALA A 1 163 ? -0.994  -10.738 10.229  1.00 37.13 ? 169  ALA A N   1 
ATOM   1227 C  CA  . ALA A 1 163 ? -2.195  -10.672 11.069  1.00 37.06 ? 169  ALA A CA  1 
ATOM   1228 C  C   . ALA A 1 163 ? -2.473  -9.229  11.516  1.00 37.37 ? 169  ALA A C   1 
ATOM   1229 O  O   . ALA A 1 163 ? -3.620  -8.809  11.600  1.00 36.84 ? 169  ALA A O   1 
ATOM   1230 C  CB  . ALA A 1 163 ? -2.037  -11.588 12.257  1.00 36.68 ? 169  ALA A CB  1 
ATOM   1231 N  N   . ARG A 1 164 ? -1.416  -8.471  11.811  1.00 38.29 ? 170  ARG A N   1 
ATOM   1232 C  CA  . ARG A 1 164 ? -1.567  -7.096  12.266  1.00 40.04 ? 170  ARG A CA  1 
ATOM   1233 C  C   . ARG A 1 164 ? -2.148  -6.219  11.142  1.00 35.74 ? 170  ARG A C   1 
ATOM   1234 O  O   . ARG A 1 164 ? -3.029  -5.388  11.374  1.00 33.37 ? 170  ARG A O   1 
ATOM   1235 C  CB  . ARG A 1 164 ? -0.225  -6.559  12.773  1.00 45.16 ? 170  ARG A CB  1 
ATOM   1236 C  CG  . ARG A 1 164 ? 0.118   -6.997  14.189  1.00 49.23 ? 170  ARG A CG  1 
ATOM   1237 C  CD  . ARG A 1 164 ? 1.381   -6.322  14.678  1.00 55.59 ? 170  ARG A CD  1 
ATOM   1238 N  NE  . ARG A 1 164 ? 2.120   -7.136  15.642  1.00 62.53 ? 170  ARG A NE  1 
ATOM   1239 C  CZ  . ARG A 1 164 ? 3.453   -7.210  15.725  1.00 64.36 ? 170  ARG A CZ  1 
ATOM   1240 N  NH1 . ARG A 1 164 ? 4.223   -6.598  14.840  1.00 64.78 ? 170  ARG A NH1 1 
ATOM   1241 N  NH2 . ARG A 1 164 ? 4.014   -7.916  16.693  1.00 64.46 ? 170  ARG A NH2 1 
ATOM   1242 N  N   . ILE A 1 165 ? -1.641  -6.396  9.924   1.00 32.38 ? 171  ILE A N   1 
ATOM   1243 C  CA  . ILE A 1 165 ? -2.142  -5.651  8.781   1.00 31.50 ? 171  ILE A CA  1 
ATOM   1244 C  C   . ILE A 1 165 ? -3.646  -5.928  8.625   1.00 29.36 ? 171  ILE A C   1 
ATOM   1245 O  O   . ILE A 1 165 ? -4.453  -5.018  8.622   1.00 28.22 ? 171  ILE A O   1 
ATOM   1246 C  CB  . ILE A 1 165 ? -1.323  -5.979  7.514   1.00 31.63 ? 171  ILE A CB  1 
ATOM   1247 C  CG1 . ILE A 1 165 ? 0.044   -5.293  7.549   1.00 31.10 ? 171  ILE A CG1 1 
ATOM   1248 C  CG2 . ILE A 1 165 ? -2.083  -5.627  6.244   1.00 31.94 ? 171  ILE A CG2 1 
ATOM   1249 C  CD1 . ILE A 1 165 ? 1.003   -5.806  6.516   1.00 31.54 ? 171  ILE A CD1 1 
ATOM   1250 N  N   . LYS A 1 166 ? -4.012  -7.202  8.544   1.00 29.45 ? 172  LYS A N   1 
ATOM   1251 C  CA  . LYS A 1 166 ? -5.382  -7.602  8.280   1.00 30.56 ? 172  LYS A CA  1 
ATOM   1252 C  C   . LYS A 1 166 ? -6.330  -7.013  9.329   1.00 30.17 ? 172  LYS A C   1 
ATOM   1253 O  O   . LYS A 1 166 ? -7.430  -6.585  8.985   1.00 32.40 ? 172  LYS A O   1 
ATOM   1254 C  CB  . LYS A 1 166 ? -5.511  -9.126  8.280   1.00 31.80 ? 172  LYS A CB  1 
ATOM   1255 C  CG  . LYS A 1 166 ? -4.805  -9.857  7.142   1.00 32.24 ? 172  LYS A CG  1 
ATOM   1256 C  CD  . LYS A 1 166 ? -4.785  -11.341 7.399   1.00 32.49 ? 172  LYS A CD  1 
ATOM   1257 C  CE  . LYS A 1 166 ? -4.083  -12.155 6.343   1.00 32.34 ? 172  LYS A CE  1 
ATOM   1258 N  NZ  . LYS A 1 166 ? -3.689  -13.468 6.906   1.00 33.00 ? 172  LYS A NZ  1 
ATOM   1259 N  N   . THR A 1 167 ? -5.916  -7.027  10.600  1.00 29.06 ? 173  THR A N   1 
ATOM   1260 C  CA  . THR A 1 167 ? -6.708  -6.450  11.693  1.00 27.84 ? 173  THR A CA  1 
ATOM   1261 C  C   . THR A 1 167 ? -6.867  -4.942  11.492  1.00 28.65 ? 173  THR A C   1 
ATOM   1262 O  O   . THR A 1 167 ? -7.921  -4.380  11.780  1.00 30.33 ? 173  THR A O   1 
ATOM   1263 C  CB  . THR A 1 167 ? -6.046  -6.659  13.056  1.00 25.79 ? 173  THR A CB  1 
ATOM   1264 O  OG1 . THR A 1 167 ? -5.651  -8.026  13.104  1.00 24.66 ? 173  THR A OG1 1 
ATOM   1265 C  CG2 . THR A 1 167 ? -6.966  -6.313  14.206  1.00 25.53 ? 173  THR A CG2 1 
ATOM   1266 N  N   . ARG A 1 168 ? -5.791  -4.295  11.035  1.00 28.36 ? 174  ARG A N   1 
ATOM   1267 C  CA  . ARG A 1 168 ? -5.773  -2.853  10.858  1.00 27.48 ? 174  ARG A CA  1 
ATOM   1268 C  C   . ARG A 1 168 ? -6.760  -2.488  9.743   1.00 26.58 ? 174  ARG A C   1 
ATOM   1269 O  O   . ARG A 1 168 ? -7.687  -1.693  9.961   1.00 26.81 ? 174  ARG A O   1 
ATOM   1270 C  CB  . ARG A 1 168 ? -4.343  -2.369  10.577  1.00 26.64 ? 174  ARG A CB  1 
ATOM   1271 C  CG  . ARG A 1 168 ? -4.220  -0.873  10.334  1.00 25.85 ? 174  ARG A CG  1 
ATOM   1272 C  CD  . ARG A 1 168 ? -4.845  -0.016  11.416  1.00 25.94 ? 174  ARG A CD  1 
ATOM   1273 N  NE  . ARG A 1 168 ? -4.841  1.380   11.012  1.00 27.05 ? 174  ARG A NE  1 
ATOM   1274 C  CZ  . ARG A 1 168 ? -5.568  2.335   11.579  1.00 27.25 ? 174  ARG A CZ  1 
ATOM   1275 N  NH1 . ARG A 1 168 ? -6.143  2.121   12.750  1.00 28.22 ? 174  ARG A NH1 1 
ATOM   1276 N  NH2 . ARG A 1 168 ? -5.733  3.490   10.961  1.00 26.09 ? 174  ARG A NH2 1 
ATOM   1277 N  N   . LEU A 1 169 ? -6.559  -3.100  8.570   1.00 24.66 ? 175  LEU A N   1 
ATOM   1278 C  CA  . LEU A 1 169 ? -7.431  -2.929  7.435   1.00 24.21 ? 175  LEU A CA  1 
ATOM   1279 C  C   . LEU A 1 169 ? -8.878  -3.250  7.825   1.00 23.84 ? 175  LEU A C   1 
ATOM   1280 O  O   . LEU A 1 169 ? -9.772  -2.482  7.489   1.00 24.77 ? 175  LEU A O   1 
ATOM   1281 C  CB  . LEU A 1 169 ? -6.975  -3.842  6.298   1.00 24.88 ? 175  LEU A CB  1 
ATOM   1282 C  CG  . LEU A 1 169 ? -5.754  -3.374  5.519   1.00 25.29 ? 175  LEU A CG  1 
ATOM   1283 C  CD1 . LEU A 1 169 ? -5.317  -4.449  4.541   1.00 26.00 ? 175  LEU A CD1 1 
ATOM   1284 C  CD2 . LEU A 1 169 ? -6.042  -2.076  4.784   1.00 25.83 ? 175  LEU A CD2 1 
ATOM   1285 N  N   . PHE A 1 170 ? -9.111  -4.378  8.508   1.00 23.09 ? 176  PHE A N   1 
ATOM   1286 C  CA  . PHE A 1 170 ? -10.466 -4.700  8.983   1.00 23.25 ? 176  PHE A CA  1 
ATOM   1287 C  C   . PHE A 1 170 ? -10.972 -3.541  9.860   1.00 23.66 ? 176  PHE A C   1 
ATOM   1288 O  O   . PHE A 1 170 ? -12.073 -3.022  9.632   1.00 24.68 ? 176  PHE A O   1 
ATOM   1289 C  CB  . PHE A 1 170 ? -10.520 -6.049  9.710   1.00 23.49 ? 176  PHE A CB  1 
ATOM   1290 C  CG  . PHE A 1 170 ? -11.917 -6.545  10.004  1.00 23.70 ? 176  PHE A CG  1 
ATOM   1291 C  CD1 . PHE A 1 170 ? -12.629 -7.280  9.069   1.00 23.18 ? 176  PHE A CD1 1 
ATOM   1292 C  CD2 . PHE A 1 170 ? -12.529 -6.265  11.217  1.00 24.58 ? 176  PHE A CD2 1 
ATOM   1293 C  CE1 . PHE A 1 170 ? -13.917 -7.719  9.338   1.00 23.23 ? 176  PHE A CE1 1 
ATOM   1294 C  CE2 . PHE A 1 170 ? -13.816 -6.708  11.483  1.00 24.51 ? 176  PHE A CE2 1 
ATOM   1295 C  CZ  . PHE A 1 170 ? -14.506 -7.437  10.545  1.00 23.49 ? 176  PHE A CZ  1 
ATOM   1296 N  N   . THR A 1 171 ? -10.150 -3.099  10.825  1.00 22.60 ? 177  THR A N   1 
ATOM   1297 C  CA  . THR A 1 171 ? -10.552 -2.042  11.725  1.00 21.14 ? 177  THR A CA  1 
ATOM   1298 C  C   . THR A 1 171 ? -10.945 -0.812  10.914  1.00 21.11 ? 177  THR A C   1 
ATOM   1299 O  O   . THR A 1 171 ? -11.987 -0.242  11.167  1.00 21.92 ? 177  THR A O   1 
ATOM   1300 C  CB  . THR A 1 171 ? -9.469  -1.649  12.728  1.00 20.79 ? 177  THR A CB  1 
ATOM   1301 O  OG1 . THR A 1 171 ? -9.144  -2.767  13.549  1.00 20.11 ? 177  THR A OG1 1 
ATOM   1302 C  CG2 . THR A 1 171 ? -9.925  -0.511  13.612  1.00 21.29 ? 177  THR A CG2 1 
ATOM   1303 N  N   . ILE A 1 172 ? -10.109 -0.426  9.945   1.00 20.96 ? 178  ILE A N   1 
ATOM   1304 C  CA  . ILE A 1 172 ? -10.404 0.732   9.104   1.00 21.26 ? 178  ILE A CA  1 
ATOM   1305 C  C   . ILE A 1 172 ? -11.732 0.504   8.371   1.00 22.33 ? 178  ILE A C   1 
ATOM   1306 O  O   . ILE A 1 172 ? -12.503 1.442   8.208   1.00 23.25 ? 178  ILE A O   1 
ATOM   1307 C  CB  . ILE A 1 172 ? -9.242  1.074   8.147   1.00 20.03 ? 178  ILE A CB  1 
ATOM   1308 C  CG1 . ILE A 1 172 ? -8.042  1.624   8.924   1.00 19.36 ? 178  ILE A CG1 1 
ATOM   1309 C  CG2 . ILE A 1 172 ? -9.701  2.031   7.051   1.00 19.44 ? 178  ILE A CG2 1 
ATOM   1310 C  CD1 . ILE A 1 172 ? -6.822  1.860   8.079   1.00 19.39 ? 178  ILE A CD1 1 
ATOM   1311 N  N   . ARG A 1 173 ? -12.018 -0.733  7.958   1.00 23.51 ? 179  ARG A N   1 
ATOM   1312 C  CA  . ARG A 1 173 ? -13.312 -1.018  7.350   1.00 25.98 ? 179  ARG A CA  1 
ATOM   1313 C  C   . ARG A 1 173 ? -14.416 -0.663  8.347   1.00 27.35 ? 179  ARG A C   1 
ATOM   1314 O  O   . ARG A 1 173 ? -15.375 0.043   8.029   1.00 27.79 ? 179  ARG A O   1 
ATOM   1315 C  CB  . ARG A 1 173 ? -13.422 -2.488  6.936   1.00 27.30 ? 179  ARG A CB  1 
ATOM   1316 C  CG  . ARG A 1 173 ? -14.823 -2.943  6.543   1.00 28.96 ? 179  ARG A CG  1 
ATOM   1317 C  CD  . ARG A 1 173 ? -14.774 -4.287  5.829   1.00 30.35 ? 179  ARG A CD  1 
ATOM   1318 N  NE  . ARG A 1 173 ? -16.033 -5.024  5.839   1.00 30.70 ? 179  ARG A NE  1 
ATOM   1319 C  CZ  . ARG A 1 173 ? -16.126 -6.348  5.817   1.00 30.84 ? 179  ARG A CZ  1 
ATOM   1320 N  NH1 . ARG A 1 173 ? -15.037 -7.103  5.808   1.00 30.78 ? 179  ARG A NH1 1 
ATOM   1321 N  NH2 . ARG A 1 173 ? -17.317 -6.914  5.826   1.00 31.87 ? 179  ARG A NH2 1 
ATOM   1322 N  N   . GLN A 1 174 ? -14.228 -1.144  9.572   1.00 28.74 ? 180  GLN A N   1 
ATOM   1323 C  CA  . GLN A 1 174 ? -15.269 -1.214  10.572  1.00 29.51 ? 180  GLN A CA  1 
ATOM   1324 C  C   . GLN A 1 174 ? -15.494 0.175   11.199  1.00 29.97 ? 180  GLN A C   1 
ATOM   1325 O  O   . GLN A 1 174 ? -16.595 0.478   11.664  1.00 28.80 ? 180  GLN A O   1 
ATOM   1326 C  CB  . GLN A 1 174 ? -14.868 -2.299  11.576  1.00 30.09 ? 180  GLN A CB  1 
ATOM   1327 C  CG  . GLN A 1 174 ? -16.022 -3.162  12.042  1.00 30.53 ? 180  GLN A CG  1 
ATOM   1328 C  CD  . GLN A 1 174 ? -16.842 -3.692  10.895  1.00 31.03 ? 180  GLN A CD  1 
ATOM   1329 O  OE1 . GLN A 1 174 ? -16.323 -4.335  9.984   1.00 31.22 ? 180  GLN A OE1 1 
ATOM   1330 N  NE2 . GLN A 1 174 ? -18.139 -3.425  10.950  1.00 31.63 ? 180  GLN A NE2 1 
ATOM   1331 N  N   . GLU A 1 175 ? -14.455 1.022   11.207  1.00 31.03 ? 181  GLU A N   1 
ATOM   1332 C  CA  . GLU A 1 175 ? -14.588 2.414   11.657  1.00 32.57 ? 181  GLU A CA  1 
ATOM   1333 C  C   . GLU A 1 175 ? -15.428 3.192   10.646  1.00 31.31 ? 181  GLU A C   1 
ATOM   1334 O  O   . GLU A 1 175 ? -16.317 3.950   11.027  1.00 31.84 ? 181  GLU A O   1 
ATOM   1335 C  CB  . GLU A 1 175 ? -13.230 3.094   11.842  1.00 35.74 ? 181  GLU A CB  1 
ATOM   1336 C  CG  . GLU A 1 175 ? -12.661 2.916   13.239  1.00 39.85 ? 181  GLU A CG  1 
ATOM   1337 C  CD  . GLU A 1 175 ? -13.605 3.310   14.375  1.00 44.06 ? 181  GLU A CD  1 
ATOM   1338 O  OE1 . GLU A 1 175 ? -14.338 4.344   14.226  1.00 42.24 ? 181  GLU A OE1 1 
ATOM   1339 O  OE2 . GLU A 1 175 ? -13.623 2.573   15.407  1.00 46.55 ? 181  GLU A OE2 1 
ATOM   1340 N  N   . MET A 1 176 ? -15.126 2.985   9.360   1.00 29.16 ? 182  MET A N   1 
ATOM   1341 C  CA  . MET A 1 176 ? -15.877 3.578   8.281   1.00 27.11 ? 182  MET A CA  1 
ATOM   1342 C  C   . MET A 1 176 ? -17.360 3.227   8.458   1.00 27.62 ? 182  MET A C   1 
ATOM   1343 O  O   . MET A 1 176 ? -18.214 4.091   8.344   1.00 27.07 ? 182  MET A O   1 
ATOM   1344 C  CB  . MET A 1 176 ? -15.361 3.093   6.923   1.00 25.30 ? 182  MET A CB  1 
ATOM   1345 C  CG  . MET A 1 176 ? -14.091 3.801   6.485   1.00 24.24 ? 182  MET A CG  1 
ATOM   1346 S  SD  . MET A 1 176 ? -13.586 3.385   4.792   1.00 22.37 ? 182  MET A SD  1 
ATOM   1347 C  CE  . MET A 1 176 ? -12.003 4.216   4.693   1.00 21.95 ? 182  MET A CE  1 
ATOM   1348 N  N   . ALA A 1 177 ? -17.635 1.963   8.794   1.00 28.58 ? 183  ALA A N   1 
ATOM   1349 C  CA  . ALA A 1 177 ? -18.988 1.442   8.924   1.00 29.46 ? 183  ALA A CA  1 
ATOM   1350 C  C   . ALA A 1 177 ? -19.707 2.035   10.149  1.00 31.60 ? 183  ALA A C   1 
ATOM   1351 O  O   . ALA A 1 177 ? -20.939 2.130   10.144  1.00 31.13 ? 183  ALA A O   1 
ATOM   1352 C  CB  . ALA A 1 177 ? -18.936 -0.063  8.986   1.00 29.26 ? 183  ALA A CB  1 
ATOM   1353 N  N   . SER A 1 178 ? -18.953 2.420   11.193  1.00 34.63 ? 184  SER A N   1 
ATOM   1354 C  CA  . SER A 1 178 ? -19.522 3.139   12.357  1.00 36.20 ? 184  SER A CA  1 
ATOM   1355 C  C   . SER A 1 178 ? -20.176 4.438   11.896  1.00 37.50 ? 184  SER A C   1 
ATOM   1356 O  O   . SER A 1 178 ? -21.228 4.819   12.400  1.00 37.37 ? 184  SER A O   1 
ATOM   1357 C  CB  . SER A 1 178 ? -18.490 3.441   13.395  1.00 35.60 ? 184  SER A CB  1 
ATOM   1358 O  OG  . SER A 1 178 ? -18.050 2.245   14.003  1.00 38.38 ? 184  SER A OG  1 
ATOM   1359 N  N   . ARG A 1 179 ? -19.526 5.075   10.916  1.00 40.08 ? 185  ARG A N   1 
ATOM   1360 C  CA  . ARG A 1 179 ? -19.836 6.406   10.429  1.00 41.09 ? 185  ARG A CA  1 
ATOM   1361 C  C   . ARG A 1 179 ? -20.606 6.328   9.097   1.00 40.34 ? 185  ARG A C   1 
ATOM   1362 O  O   . ARG A 1 179 ? -20.672 7.294   8.370   1.00 39.20 ? 185  ARG A O   1 
ATOM   1363 C  CB  . ARG A 1 179 ? -18.514 7.171   10.317  1.00 41.89 ? 185  ARG A CB  1 
ATOM   1364 C  CG  . ARG A 1 179 ? -17.612 7.005   11.533  1.00 45.03 ? 185  ARG A CG  1 
ATOM   1365 C  CD  . ARG A 1 179 ? -16.330 7.807   11.444  1.00 49.79 ? 185  ARG A CD  1 
ATOM   1366 N  NE  . ARG A 1 179 ? -15.438 7.541   12.570  1.00 55.34 ? 185  ARG A NE  1 
ATOM   1367 C  CZ  . ARG A 1 179 ? -14.577 8.426   13.085  1.00 60.36 ? 185  ARG A CZ  1 
ATOM   1368 N  NH1 . ARG A 1 179 ? -14.540 9.670   12.633  1.00 63.29 ? 185  ARG A NH1 1 
ATOM   1369 N  NH2 . ARG A 1 179 ? -13.749 8.064   14.050  1.00 60.66 ? 185  ARG A NH2 1 
ATOM   1370 N  N   . SER A 1 180 ? -21.182 5.162   8.788   1.00 41.64 ? 186  SER A N   1 
ATOM   1371 C  CA  . SER A 1 180 ? -21.990 4.938   7.581   1.00 41.99 ? 186  SER A CA  1 
ATOM   1372 C  C   . SER A 1 180 ? -21.221 5.294   6.307   1.00 41.10 ? 186  SER A C   1 
ATOM   1373 O  O   . SER A 1 180 ? -21.836 5.722   5.341   1.00 40.56 ? 186  SER A O   1 
ATOM   1374 C  CB  . SER A 1 180 ? -23.254 5.720   7.669   1.00 43.05 ? 186  SER A CB  1 
ATOM   1375 O  OG  . SER A 1 180 ? -23.692 5.759   9.017   1.00 47.34 ? 186  SER A OG  1 
ATOM   1376 N  N   . LEU A 1 181 ? -19.898 5.068   6.314   1.00 42.56 ? 187  LEU A N   1 
ATOM   1377 C  CA  . LEU A 1 181 ? -18.983 5.418   5.205   1.00 41.14 ? 187  LEU A CA  1 
ATOM   1378 C  C   . LEU A 1 181 ? -18.636 4.207   4.333   1.00 39.84 ? 187  LEU A C   1 
ATOM   1379 O  O   . LEU A 1 181 ? -18.335 4.392   3.154   1.00 39.49 ? 187  LEU A O   1 
ATOM   1380 C  CB  . LEU A 1 181 ? -17.691 6.004   5.774   1.00 40.24 ? 187  LEU A CB  1 
ATOM   1381 C  CG  . LEU A 1 181 ? -17.827 7.381   6.410   1.00 39.63 ? 187  LEU A CG  1 
ATOM   1382 C  CD1 . LEU A 1 181 ? -16.459 7.925   6.783   1.00 39.76 ? 187  LEU A CD1 1 
ATOM   1383 C  CD2 . LEU A 1 181 ? -18.546 8.337   5.476   1.00 39.23 ? 187  LEU A CD2 1 
ATOM   1384 N  N   . TRP A 1 182 ? -18.654 2.995   4.909   1.00 37.95 ? 188  TRP A N   1 
ATOM   1385 C  CA  . TRP A 1 182 ? -18.153 1.814   4.212   1.00 37.20 ? 188  TRP A CA  1 
ATOM   1386 C  C   . TRP A 1 182 ? -18.746 1.734   2.798   1.00 40.06 ? 188  TRP A C   1 
ATOM   1387 O  O   . TRP A 1 182 ? -18.028 1.437   1.850   1.00 42.10 ? 188  TRP A O   1 
ATOM   1388 C  CB  . TRP A 1 182 ? -18.414 0.527   4.999   1.00 33.71 ? 188  TRP A CB  1 
ATOM   1389 C  CG  . TRP A 1 182 ? -17.878 -0.698  4.318   1.00 32.13 ? 188  TRP A CG  1 
ATOM   1390 C  CD1 . TRP A 1 182 ? -18.588 -1.796  3.928   1.00 31.92 ? 188  TRP A CD1 1 
ATOM   1391 C  CD2 . TRP A 1 182 ? -16.519 -0.950  3.912   1.00 30.75 ? 188  TRP A CD2 1 
ATOM   1392 N  NE1 . TRP A 1 182 ? -17.771 -2.711  3.319   1.00 30.92 ? 188  TRP A NE1 1 
ATOM   1393 C  CE2 . TRP A 1 182 ? -16.496 -2.225  3.303   1.00 29.95 ? 188  TRP A CE2 1 
ATOM   1394 C  CE3 . TRP A 1 182 ? -15.322 -0.233  4.006   1.00 30.50 ? 188  TRP A CE3 1 
ATOM   1395 C  CZ2 . TRP A 1 182 ? -15.332 -2.794  2.797   1.00 29.89 ? 188  TRP A CZ2 1 
ATOM   1396 C  CZ3 . TRP A 1 182 ? -14.167 -0.803  3.517   1.00 30.94 ? 188  TRP A CZ3 1 
ATOM   1397 C  CH2 . TRP A 1 182 ? -14.173 -2.066  2.919   1.00 30.33 ? 188  TRP A CH2 1 
ATOM   1398 N  N   . ASP A 1 183 ? -20.044 2.022   2.660   1.00 42.81 ? 189  ASP A N   1 
ATOM   1399 C  CA  . ASP A 1 183 ? -20.745 1.869   1.373   1.00 44.59 ? 189  ASP A CA  1 
ATOM   1400 C  C   . ASP A 1 183 ? -20.136 2.798   0.313   1.00 41.95 ? 189  ASP A C   1 
ATOM   1401 O  O   . ASP A 1 183 ? -19.828 2.362   -0.797  1.00 40.86 ? 189  ASP A O   1 
ATOM   1402 C  CB  . ASP A 1 183 ? -22.255 2.103   1.515   1.00 47.16 ? 189  ASP A CB  1 
ATOM   1403 C  CG  . ASP A 1 183 ? -23.085 0.848   1.306   1.00 46.38 ? 189  ASP A CG  1 
ATOM   1404 O  OD1 . ASP A 1 183 ? -22.657 -0.006  0.500   1.00 49.31 ? 189  ASP A OD1 1 
ATOM   1405 O  OD2 . ASP A 1 183 ? -24.148 0.735   1.944   1.00 45.93 ? 189  ASP A OD2 1 
ATOM   1406 N  N   . SER A 1 184 ? -19.994 4.080   0.655   1.00 38.99 ? 190  SER A N   1 
ATOM   1407 C  CA  . SER A 1 184 ? -19.329 5.028   -0.215  1.00 38.49 ? 190  SER A CA  1 
ATOM   1408 C  C   . SER A 1 184 ? -18.026 4.412   -0.750  1.00 38.55 ? 190  SER A C   1 
ATOM   1409 O  O   . SER A 1 184 ? -17.809 4.340   -1.977  1.00 38.12 ? 190  SER A O   1 
ATOM   1410 C  CB  . SER A 1 184 ? -19.069 6.311   0.524   1.00 38.89 ? 190  SER A CB  1 
ATOM   1411 O  OG  . SER A 1 184 ? -18.740 7.359   -0.369  1.00 38.23 ? 190  SER A OG  1 
ATOM   1412 N  N   . PHE A 1 185 ? -17.203 3.927   0.193   1.00 36.58 ? 191  PHE A N   1 
ATOM   1413 C  CA  . PHE A 1 185 ? -15.812 3.545   -0.016  1.00 35.74 ? 191  PHE A CA  1 
ATOM   1414 C  C   . PHE A 1 185 ? -15.710 2.204   -0.749  1.00 36.65 ? 191  PHE A C   1 
ATOM   1415 O  O   . PHE A 1 185 ? -15.006 2.086   -1.751  1.00 39.27 ? 191  PHE A O   1 
ATOM   1416 C  CB  . PHE A 1 185 ? -15.091 3.456   1.329   1.00 35.16 ? 191  PHE A CB  1 
ATOM   1417 C  CG  . PHE A 1 185 ? -13.594 3.282   1.249   1.00 34.19 ? 191  PHE A CG  1 
ATOM   1418 C  CD1 . PHE A 1 185 ? -12.796 4.243   0.651   1.00 33.66 ? 191  PHE A CD1 1 
ATOM   1419 C  CD2 . PHE A 1 185 ? -12.977 2.175   1.808   1.00 33.40 ? 191  PHE A CD2 1 
ATOM   1420 C  CE1 . PHE A 1 185 ? -11.419 4.083   0.599   1.00 33.83 ? 191  PHE A CE1 1 
ATOM   1421 C  CE2 . PHE A 1 185 ? -11.600 2.018   1.752   1.00 32.71 ? 191  PHE A CE2 1 
ATOM   1422 C  CZ  . PHE A 1 185 ? -10.823 2.972   1.146   1.00 32.86 ? 191  PHE A CZ  1 
ATOM   1423 N  N   . ARG A 1 186 ? -16.389 1.185   -0.223  1.00 37.49 ? 192  ARG A N   1 
ATOM   1424 C  CA  . ARG A 1 186 ? -16.412 -0.138  -0.846  1.00 38.35 ? 192  ARG A CA  1 
ATOM   1425 C  C   . ARG A 1 186 ? -16.595 0.048   -2.356  1.00 38.00 ? 192  ARG A C   1 
ATOM   1426 O  O   . ARG A 1 186 ? -15.853 -0.520  -3.148  1.00 39.72 ? 192  ARG A O   1 
ATOM   1427 C  CB  . ARG A 1 186 ? -17.531 -1.004  -0.247  1.00 38.75 ? 192  ARG A CB  1 
ATOM   1428 C  CG  . ARG A 1 186 ? -17.608 -2.421  -0.801  1.00 39.13 ? 192  ARG A CG  1 
ATOM   1429 C  CD  . ARG A 1 186 ? -18.942 -2.745  -1.459  1.00 40.75 ? 192  ARG A CD  1 
ATOM   1430 N  NE  . ARG A 1 186 ? -20.128 -2.397  -0.668  1.00 42.35 ? 192  ARG A NE  1 
ATOM   1431 C  CZ  . ARG A 1 186 ? -21.389 -2.601  -1.065  1.00 40.97 ? 192  ARG A CZ  1 
ATOM   1432 N  NH1 . ARG A 1 186 ? -22.402 -2.298  -0.270  1.00 37.04 ? 192  ARG A NH1 1 
ATOM   1433 N  NH2 . ARG A 1 186 ? -21.632 -3.130  -2.252  1.00 41.01 ? 192  ARG A NH2 1 
ATOM   1434 N  N   . GLN A 1 187 ? -17.554 0.902   -2.729  1.00 37.34 ? 193  GLN A N   1 
ATOM   1435 C  CA  . GLN A 1 187 ? -18.085 0.945   -4.075  1.00 37.71 ? 193  GLN A CA  1 
ATOM   1436 C  C   . GLN A 1 187 ? -17.250 1.833   -5.000  1.00 38.85 ? 193  GLN A C   1 
ATOM   1437 O  O   . GLN A 1 187 ? -17.449 1.767   -6.205  1.00 40.15 ? 193  GLN A O   1 
ATOM   1438 C  CB  . GLN A 1 187 ? -19.531 1.434   -4.067  1.00 36.72 ? 193  GLN A CB  1 
ATOM   1439 C  CG  . GLN A 1 187 ? -20.521 0.298   -3.909  1.00 35.35 ? 193  GLN A CG  1 
ATOM   1440 C  CD  . GLN A 1 187 ? -21.889 0.824   -3.580  1.00 34.30 ? 193  GLN A CD  1 
ATOM   1441 O  OE1 . GLN A 1 187 ? -22.103 1.410   -2.525  1.00 33.72 ? 193  GLN A OE1 1 
ATOM   1442 N  NE2 . GLN A 1 187 ? -22.821 0.607   -4.487  1.00 34.76 ? 193  GLN A NE2 1 
ATOM   1443 N  N   . SER A 1 188 ? -16.334 2.641   -4.458  1.00 40.08 ? 194  SER A N   1 
ATOM   1444 C  CA  . SER A 1 188 ? -15.583 3.581   -5.286  1.00 43.27 ? 194  SER A CA  1 
ATOM   1445 C  C   . SER A 1 188 ? -14.154 3.074   -5.536  1.00 45.61 ? 194  SER A C   1 
ATOM   1446 O  O   . SER A 1 188 ? -13.191 3.763   -5.201  1.00 52.79 ? 194  SER A O   1 
ATOM   1447 C  CB  . SER A 1 188 ? -15.613 4.979   -4.693  1.00 44.55 ? 194  SER A CB  1 
ATOM   1448 O  OG  . SER A 1 188 ? -14.568 5.184   -3.759  1.00 45.00 ? 194  SER A OG  1 
ATOM   1449 N  N   . GLU A 1 189 ? -14.043 1.891   -6.166  1.00 46.45 ? 195  GLU A N   1 
ATOM   1450 C  CA  . GLU A 1 189 ? -12.763 1.223   -6.533  1.00 45.86 ? 195  GLU A CA  1 
ATOM   1451 C  C   . GLU A 1 189 ? -12.840 0.806   -8.008  1.00 44.33 ? 195  GLU A C   1 
ATOM   1452 O  O   . GLU A 1 189 ? -12.014 1.196   -8.836  1.00 44.80 ? 195  GLU A O   1 
ATOM   1453 C  CB  . GLU A 1 189 ? -12.513 -0.022  -5.662  1.00 47.69 ? 195  GLU A CB  1 
ATOM   1454 C  CG  . GLU A 1 189 ? -11.201 -0.019  -4.865  1.00 48.14 ? 195  GLU A CG  1 
ATOM   1455 C  CD  . GLU A 1 189 ? -10.167 -1.115  -5.132  1.00 48.35 ? 195  GLU A CD  1 
ATOM   1456 O  OE1 . GLU A 1 189 ? -10.517 -2.298  -4.998  1.00 47.86 ? 195  GLU A OE1 1 
ATOM   1457 O  OE2 . GLU A 1 189 ? -8.994  -0.788  -5.431  1.00 47.45 ? 195  GLU A OE2 1 
HETATM 1458 MN MN  . MN  B 2 .   ? 0.587   -0.364  -4.137  1.00 23.24 ? 901  MN  A MN  1 
HETATM 1459 MN MN  . MN  C 2 .   ? 3.449   2.103   -5.180  1.00 41.90 ? 902  MN  A MN  1 
HETATM 1460 O  OAB . HNY D 3 .   ? 2.523   3.560   -6.122  1.00 43.18 ? 903  HNY A OAB 1 
HETATM 1461 C  CAM . HNY D 3 .   ? 1.447   4.164   -6.303  1.00 41.84 ? 903  HNY A CAM 1 
HETATM 1462 O  OAD . HNY D 3 .   ? 1.451   5.384   -6.636  1.00 40.36 ? 903  HNY A OAD 1 
HETATM 1463 C  CAR . HNY D 3 .   ? 0.249   3.469   -6.171  1.00 42.11 ? 903  HNY A CAR 1 
HETATM 1464 N  NAL . HNY D 3 .   ? -0.893  4.139   -6.581  1.00 43.34 ? 903  HNY A NAL 1 
HETATM 1465 C  CAP . HNY D 3 .   ? 0.143   2.158   -5.670  1.00 41.97 ? 903  HNY A CAP 1 
HETATM 1466 O  OAE . HNY D 3 .   ? 1.265   1.482   -5.261  1.00 39.40 ? 903  HNY A OAE 1 
HETATM 1467 C  CAS . HNY D 3 .   ? -1.096  1.517   -5.577  1.00 42.62 ? 903  HNY A CAS 1 
HETATM 1468 O  OAC . HNY D 3 .   ? -1.240  0.370   -5.130  1.00 40.32 ? 903  HNY A OAC 1 
HETATM 1469 C  CAJ . HNY D 3 .   ? -2.215  2.222   -6.001  1.00 44.00 ? 903  HNY A CAJ 1 
HETATM 1470 C  CAO . HNY D 3 .   ? -2.115  3.528   -6.482  1.00 44.40 ? 903  HNY A CAO 1 
HETATM 1471 C  CAQ . HNY D 3 .   ? -3.239  4.230   -6.895  1.00 47.61 ? 903  HNY A CAQ 1 
HETATM 1472 C  CAI . HNY D 3 .   ? -3.258  4.688   -8.220  1.00 49.86 ? 903  HNY A CAI 1 
HETATM 1473 C  CAG . HNY D 3 .   ? -4.367  5.384   -8.707  1.00 50.56 ? 903  HNY A CAG 1 
HETATM 1474 C  CAF . HNY D 3 .   ? -5.457  5.630   -7.864  1.00 49.17 ? 903  HNY A CAF 1 
HETATM 1475 C  CAH . HNY D 3 .   ? -5.436  5.181   -6.540  1.00 48.47 ? 903  HNY A CAH 1 
HETATM 1476 C  CAN . HNY D 3 .   ? -4.328  4.492   -6.028  1.00 47.54 ? 903  HNY A CAN 1 
HETATM 1477 C  CAK . HNY D 3 .   ? -4.405  4.066   -4.708  1.00 47.24 ? 903  HNY A CAK 1 
HETATM 1478 C  CAA . HNY D 3 .   ? -3.150  4.501   -3.916  1.00 48.53 ? 903  HNY A CAA 1 
HETATM 1479 O  O   . HOH E 4 .   ? 3.703   7.822   -5.623  1.00 9.47  ? 1001 HOH A O   1 
# 
